data_5NXT
# 
_entry.id   5NXT 
# 
_audit_conform.dict_name       mmcif_pdbx.dic 
_audit_conform.dict_version    5.383 
_audit_conform.dict_location   http://mmcif.pdb.org/dictionaries/ascii/mmcif_pdbx.dic 
# 
loop_
_database_2.database_id 
_database_2.database_code 
_database_2.pdbx_database_accession 
_database_2.pdbx_DOI 
PDB   5NXT         pdb_00005nxt 10.2210/pdb5nxt/pdb 
WWPDB D_1200004876 ?            ?                   
# 
loop_
_pdbx_audit_revision_history.ordinal 
_pdbx_audit_revision_history.data_content_type 
_pdbx_audit_revision_history.major_revision 
_pdbx_audit_revision_history.minor_revision 
_pdbx_audit_revision_history.revision_date 
1 'Structure model' 1 0 2017-11-29 
2 'Structure model' 1 1 2017-12-06 
3 'Structure model' 1 2 2018-01-24 
4 'Structure model' 2 0 2024-01-17 
# 
_pdbx_audit_revision_details.ordinal             1 
_pdbx_audit_revision_details.revision_ordinal    1 
_pdbx_audit_revision_details.data_content_type   'Structure model' 
_pdbx_audit_revision_details.provider            repository 
_pdbx_audit_revision_details.type                'Initial release' 
_pdbx_audit_revision_details.description         ? 
_pdbx_audit_revision_details.details             ? 
# 
loop_
_pdbx_audit_revision_group.ordinal 
_pdbx_audit_revision_group.revision_ordinal 
_pdbx_audit_revision_group.data_content_type 
_pdbx_audit_revision_group.group 
1 2 'Structure model' 'Database references'    
2 2 'Structure model' 'Derived calculations'   
3 3 'Structure model' 'Database references'    
4 4 'Structure model' 'Atomic model'           
5 4 'Structure model' 'Data collection'        
6 4 'Structure model' 'Database references'    
7 4 'Structure model' 'Derived calculations'   
8 4 'Structure model' 'Refinement description' 
# 
loop_
_pdbx_audit_revision_category.ordinal 
_pdbx_audit_revision_category.revision_ordinal 
_pdbx_audit_revision_category.data_content_type 
_pdbx_audit_revision_category.category 
1  2 'Structure model' citation                      
2  2 'Structure model' pdbx_struct_assembly          
3  2 'Structure model' pdbx_struct_assembly_gen      
4  2 'Structure model' pdbx_struct_assembly_prop     
5  2 'Structure model' pdbx_struct_oper_list         
6  3 'Structure model' citation                      
7  4 'Structure model' atom_site                     
8  4 'Structure model' chem_comp_atom                
9  4 'Structure model' chem_comp_bond                
10 4 'Structure model' database_2                    
11 4 'Structure model' pdbx_initial_refinement_model 
12 4 'Structure model' pdbx_struct_special_symmetry  
# 
loop_
_pdbx_audit_revision_item.ordinal 
_pdbx_audit_revision_item.revision_ordinal 
_pdbx_audit_revision_item.data_content_type 
_pdbx_audit_revision_item.item 
1  2 'Structure model' '_citation.title'                          
2  2 'Structure model' '_pdbx_struct_assembly.details'            
3  2 'Structure model' '_pdbx_struct_assembly.method_details'     
4  2 'Structure model' '_pdbx_struct_assembly.oligomeric_count'   
5  2 'Structure model' '_pdbx_struct_assembly.oligomeric_details' 
6  3 'Structure model' '_citation.journal_volume'                 
7  3 'Structure model' '_citation.page_first'                     
8  3 'Structure model' '_citation.page_last'                      
9  3 'Structure model' '_citation.title'                          
10 3 'Structure model' '_citation.year'                           
11 4 'Structure model' '_atom_site.occupancy'                     
12 4 'Structure model' '_database_2.pdbx_DOI'                     
13 4 'Structure model' '_database_2.pdbx_database_accession'      
# 
_pdbx_database_status.status_code                     REL 
_pdbx_database_status.status_code_sf                  REL 
_pdbx_database_status.status_code_mr                  ? 
_pdbx_database_status.entry_id                        5NXT 
_pdbx_database_status.recvd_initial_deposition_date   2017-05-10 
_pdbx_database_status.SG_entry                        N 
_pdbx_database_status.deposit_site                    PDBE 
_pdbx_database_status.process_site                    PDBE 
_pdbx_database_status.status_code_cs                  ? 
_pdbx_database_status.methods_development_category    ? 
_pdbx_database_status.pdb_format_compatible           Y 
_pdbx_database_status.status_code_nmr_data            ? 
# 
loop_
_audit_author.name 
_audit_author.pdbx_ordinal 
_audit_author.identifier_ORCID 
'Garg, A.'      1 0000-0003-2397-1670 
'Heinemann, U.' 2 0000-0002-8191-3850 
# 
_citation.abstract                  ? 
_citation.abstract_id_CAS           ? 
_citation.book_id_ISBN              ? 
_citation.book_publisher            ? 
_citation.book_publisher_city       ? 
_citation.book_title                ? 
_citation.coordinate_linkage        ? 
_citation.country                   UK 
_citation.database_id_Medline       ? 
_citation.details                   ? 
_citation.id                        primary 
_citation.journal_abbrev            RNA 
_citation.journal_id_ASTM           RNARFU 
_citation.journal_id_CSD            2122 
_citation.journal_id_ISSN           1469-9001 
_citation.journal_full              ? 
_citation.journal_issue             ? 
_citation.journal_volume            24 
_citation.language                  ? 
_citation.page_first                209 
_citation.page_last                 218 
_citation.title                     'A novel form of RNA double helix based on G&#183;U and C&#183;A+ wobble base pairing.' 
_citation.year                      2018 
_citation.database_id_CSD           ? 
_citation.pdbx_database_id_DOI      10.1261/rna.064048.117 
_citation.pdbx_database_id_PubMed   29122970 
_citation.unpublished_flag          ? 
# 
loop_
_citation_author.citation_id 
_citation_author.name 
_citation_author.ordinal 
_citation_author.identifier_ORCID 
primary 'Garg, A.'      1 ? 
primary 'Heinemann, U.' 2 ? 
# 
loop_
_entity.id 
_entity.type 
_entity.src_method 
_entity.pdbx_description 
_entity.formula_weight 
_entity.pdbx_number_of_molecules 
_entity.pdbx_ec 
_entity.pdbx_mutation 
_entity.pdbx_fragment 
_entity.details 
1 polymer man 
;RNA (5'-R(*UP*GP*UP*UP*CP*UP*CP*UP*AP*CP*GP*AP*AP*GP*AP*AP*CP*A)-3')
;
5717.452 1   ? ? ? ? 
2 water   nat water                                                                  18.015   110 ? ? ? ? 
# 
_entity_poly.entity_id                      1 
_entity_poly.type                           polyribonucleotide 
_entity_poly.nstd_linkage                   no 
_entity_poly.nstd_monomer                   no 
_entity_poly.pdbx_seq_one_letter_code       UGUUCUCUACGAAGAACA 
_entity_poly.pdbx_seq_one_letter_code_can   UGUUCUCUACGAAGAACA 
_entity_poly.pdbx_strand_id                 U 
_entity_poly.pdbx_target_identifier         ? 
# 
_pdbx_entity_nonpoly.entity_id   2 
_pdbx_entity_nonpoly.name        water 
_pdbx_entity_nonpoly.comp_id     HOH 
# 
loop_
_entity_poly_seq.entity_id 
_entity_poly_seq.num 
_entity_poly_seq.mon_id 
_entity_poly_seq.hetero 
1 1  U n 
1 2  G n 
1 3  U n 
1 4  U n 
1 5  C n 
1 6  U n 
1 7  C n 
1 8  U n 
1 9  A n 
1 10 C n 
1 11 G n 
1 12 A n 
1 13 A n 
1 14 G n 
1 15 A n 
1 16 A n 
1 17 C n 
1 18 A n 
# 
_entity_src_gen.entity_id                          1 
_entity_src_gen.pdbx_src_id                        1 
_entity_src_gen.pdbx_alt_source_flag               sample 
_entity_src_gen.pdbx_seq_type                      'Biological sequence' 
_entity_src_gen.pdbx_beg_seq_num                   1 
_entity_src_gen.pdbx_end_seq_num                   18 
_entity_src_gen.gene_src_common_name               ? 
_entity_src_gen.gene_src_genus                     ? 
_entity_src_gen.pdbx_gene_src_gene                 ? 
_entity_src_gen.gene_src_species                   ? 
_entity_src_gen.gene_src_strain                    ? 
_entity_src_gen.gene_src_tissue                    ? 
_entity_src_gen.gene_src_tissue_fraction           ? 
_entity_src_gen.gene_src_details                   ? 
_entity_src_gen.pdbx_gene_src_fragment             ? 
_entity_src_gen.pdbx_gene_src_scientific_name      'synthetic construct' 
_entity_src_gen.pdbx_gene_src_ncbi_taxonomy_id     32630 
_entity_src_gen.pdbx_gene_src_variant              ? 
_entity_src_gen.pdbx_gene_src_cell_line            ? 
_entity_src_gen.pdbx_gene_src_atcc                 ? 
_entity_src_gen.pdbx_gene_src_organ                ? 
_entity_src_gen.pdbx_gene_src_organelle            ? 
_entity_src_gen.pdbx_gene_src_cell                 ? 
_entity_src_gen.pdbx_gene_src_cellular_location    ? 
_entity_src_gen.host_org_common_name               ? 
_entity_src_gen.pdbx_host_org_scientific_name      'synthetic construct' 
_entity_src_gen.pdbx_host_org_ncbi_taxonomy_id     32630 
_entity_src_gen.host_org_genus                     ? 
_entity_src_gen.pdbx_host_org_gene                 ? 
_entity_src_gen.pdbx_host_org_organ                ? 
_entity_src_gen.host_org_species                   ? 
_entity_src_gen.pdbx_host_org_tissue               ? 
_entity_src_gen.pdbx_host_org_tissue_fraction      ? 
_entity_src_gen.pdbx_host_org_strain               ? 
_entity_src_gen.pdbx_host_org_variant              ? 
_entity_src_gen.pdbx_host_org_cell_line            ? 
_entity_src_gen.pdbx_host_org_atcc                 ? 
_entity_src_gen.pdbx_host_org_culture_collection   ? 
_entity_src_gen.pdbx_host_org_cell                 ? 
_entity_src_gen.pdbx_host_org_organelle            ? 
_entity_src_gen.pdbx_host_org_cellular_location    ? 
_entity_src_gen.pdbx_host_org_vector_type          ? 
_entity_src_gen.pdbx_host_org_vector               ? 
_entity_src_gen.host_org_details                   ? 
_entity_src_gen.expression_system_id               ? 
_entity_src_gen.plasmid_name                       ? 
_entity_src_gen.plasmid_details                    ? 
_entity_src_gen.pdbx_description                   ? 
# 
loop_
_chem_comp.id 
_chem_comp.type 
_chem_comp.mon_nstd_flag 
_chem_comp.name 
_chem_comp.pdbx_synonyms 
_chem_comp.formula 
_chem_comp.formula_weight 
A   'RNA linking' y "ADENOSINE-5'-MONOPHOSPHATE" ? 'C10 H14 N5 O7 P' 347.221 
C   'RNA linking' y "CYTIDINE-5'-MONOPHOSPHATE"  ? 'C9 H14 N3 O8 P'  323.197 
G   'RNA linking' y "GUANOSINE-5'-MONOPHOSPHATE" ? 'C10 H14 N5 O8 P' 363.221 
HOH non-polymer   . WATER                        ? 'H2 O'            18.015  
U   'RNA linking' y "URIDINE-5'-MONOPHOSPHATE"   ? 'C9 H13 N2 O9 P'  324.181 
# 
loop_
_pdbx_poly_seq_scheme.asym_id 
_pdbx_poly_seq_scheme.entity_id 
_pdbx_poly_seq_scheme.seq_id 
_pdbx_poly_seq_scheme.mon_id 
_pdbx_poly_seq_scheme.ndb_seq_num 
_pdbx_poly_seq_scheme.pdb_seq_num 
_pdbx_poly_seq_scheme.auth_seq_num 
_pdbx_poly_seq_scheme.pdb_mon_id 
_pdbx_poly_seq_scheme.auth_mon_id 
_pdbx_poly_seq_scheme.pdb_strand_id 
_pdbx_poly_seq_scheme.pdb_ins_code 
_pdbx_poly_seq_scheme.hetero 
A 1 1  U 1  30 30 U U U . n 
A 1 2  G 2  31 31 G G U . n 
A 1 3  U 3  32 32 U U U . n 
A 1 4  U 4  33 33 U U U . n 
A 1 5  C 5  34 34 C C U . n 
A 1 6  U 6  35 35 U U U . n 
A 1 7  C 7  36 36 C C U . n 
A 1 8  U 8  37 37 U U U . n 
A 1 9  A 9  38 38 A A U . n 
A 1 10 C 10 39 39 C C U . n 
A 1 11 G 11 40 40 G G U . n 
A 1 12 A 12 41 41 A A U . n 
A 1 13 A 13 42 42 A A U . n 
A 1 14 G 14 43 43 G G U . n 
A 1 15 A 15 44 44 A A U . n 
A 1 16 A 16 45 45 A A U . n 
A 1 17 C 17 46 46 C C U . n 
A 1 18 A 18 47 47 A A U . n 
# 
loop_
_pdbx_nonpoly_scheme.asym_id 
_pdbx_nonpoly_scheme.entity_id 
_pdbx_nonpoly_scheme.mon_id 
_pdbx_nonpoly_scheme.ndb_seq_num 
_pdbx_nonpoly_scheme.pdb_seq_num 
_pdbx_nonpoly_scheme.auth_seq_num 
_pdbx_nonpoly_scheme.pdb_mon_id 
_pdbx_nonpoly_scheme.auth_mon_id 
_pdbx_nonpoly_scheme.pdb_strand_id 
_pdbx_nonpoly_scheme.pdb_ins_code 
B 2 HOH 1   101 20  HOH HOH U . 
B 2 HOH 2   102 156 HOH HOH U . 
B 2 HOH 3   103 111 HOH HOH U . 
B 2 HOH 4   104 81  HOH HOH U . 
B 2 HOH 5   105 68  HOH HOH U . 
B 2 HOH 6   106 70  HOH HOH U . 
B 2 HOH 7   107 74  HOH HOH U . 
B 2 HOH 8   108 104 HOH HOH U . 
B 2 HOH 9   109 49  HOH HOH U . 
B 2 HOH 10  110 88  HOH HOH U . 
B 2 HOH 11  111 73  HOH HOH U . 
B 2 HOH 12  112 45  HOH HOH U . 
B 2 HOH 13  113 79  HOH HOH U . 
B 2 HOH 14  114 39  HOH HOH U . 
B 2 HOH 15  115 55  HOH HOH U . 
B 2 HOH 16  116 129 HOH HOH U . 
B 2 HOH 17  117 93  HOH HOH U . 
B 2 HOH 18  118 150 HOH HOH U . 
B 2 HOH 19  119 51  HOH HOH U . 
B 2 HOH 20  120 13  HOH HOH U . 
B 2 HOH 21  121 61  HOH HOH U . 
B 2 HOH 22  122 2   HOH HOH U . 
B 2 HOH 23  123 100 HOH HOH U . 
B 2 HOH 24  124 62  HOH HOH U . 
B 2 HOH 25  125 47  HOH HOH U . 
B 2 HOH 26  126 22  HOH HOH U . 
B 2 HOH 27  127 52  HOH HOH U . 
B 2 HOH 28  128 108 HOH HOH U . 
B 2 HOH 29  129 158 HOH HOH U . 
B 2 HOH 30  130 119 HOH HOH U . 
B 2 HOH 31  131 118 HOH HOH U . 
B 2 HOH 32  132 90  HOH HOH U . 
B 2 HOH 33  133 152 HOH HOH U . 
B 2 HOH 34  134 26  HOH HOH U . 
B 2 HOH 35  135 27  HOH HOH U . 
B 2 HOH 36  136 34  HOH HOH U . 
B 2 HOH 37  137 98  HOH HOH U . 
B 2 HOH 38  138 30  HOH HOH U . 
B 2 HOH 39  139 24  HOH HOH U . 
B 2 HOH 40  140 7   HOH HOH U . 
B 2 HOH 41  141 18  HOH HOH U . 
B 2 HOH 42  142 136 HOH HOH U . 
B 2 HOH 43  143 17  HOH HOH U . 
B 2 HOH 44  144 144 HOH HOH U . 
B 2 HOH 45  145 38  HOH HOH U . 
B 2 HOH 46  146 59  HOH HOH U . 
B 2 HOH 47  147 107 HOH HOH U . 
B 2 HOH 48  148 40  HOH HOH U . 
B 2 HOH 49  149 48  HOH HOH U . 
B 2 HOH 50  150 135 HOH HOH U . 
B 2 HOH 51  151 125 HOH HOH U . 
B 2 HOH 52  152 53  HOH HOH U . 
B 2 HOH 53  153 15  HOH HOH U . 
B 2 HOH 54  154 154 HOH HOH U . 
B 2 HOH 55  155 77  HOH HOH U . 
B 2 HOH 56  156 12  HOH HOH U . 
B 2 HOH 57  157 58  HOH HOH U . 
B 2 HOH 58  158 25  HOH HOH U . 
B 2 HOH 59  159 6   HOH HOH U . 
B 2 HOH 60  160 167 HOH HOH U . 
B 2 HOH 61  161 23  HOH HOH U . 
B 2 HOH 62  162 46  HOH HOH U . 
B 2 HOH 63  163 29  HOH HOH U . 
B 2 HOH 64  164 44  HOH HOH U . 
B 2 HOH 65  165 36  HOH HOH U . 
B 2 HOH 66  166 41  HOH HOH U . 
B 2 HOH 67  167 76  HOH HOH U . 
B 2 HOH 68  168 3   HOH HOH U . 
B 2 HOH 69  169 117 HOH HOH U . 
B 2 HOH 70  170 80  HOH HOH U . 
B 2 HOH 71  171 87  HOH HOH U . 
B 2 HOH 72  172 94  HOH HOH U . 
B 2 HOH 73  173 9   HOH HOH U . 
B 2 HOH 74  174 43  HOH HOH U . 
B 2 HOH 75  175 71  HOH HOH U . 
B 2 HOH 76  176 69  HOH HOH U . 
B 2 HOH 77  177 91  HOH HOH U . 
B 2 HOH 78  178 128 HOH HOH U . 
B 2 HOH 79  179 5   HOH HOH U . 
B 2 HOH 80  180 141 HOH HOH U . 
B 2 HOH 81  181 131 HOH HOH U . 
B 2 HOH 82  182 72  HOH HOH U . 
B 2 HOH 83  183 60  HOH HOH U . 
B 2 HOH 84  184 113 HOH HOH U . 
B 2 HOH 85  185 132 HOH HOH U . 
B 2 HOH 86  186 97  HOH HOH U . 
B 2 HOH 87  187 116 HOH HOH U . 
B 2 HOH 88  188 19  HOH HOH U . 
B 2 HOH 89  189 33  HOH HOH U . 
B 2 HOH 90  190 42  HOH HOH U . 
B 2 HOH 91  191 133 HOH HOH U . 
B 2 HOH 92  192 92  HOH HOH U . 
B 2 HOH 93  193 78  HOH HOH U . 
B 2 HOH 94  194 95  HOH HOH U . 
B 2 HOH 95  195 57  HOH HOH U . 
B 2 HOH 96  196 160 HOH HOH U . 
B 2 HOH 97  197 32  HOH HOH U . 
B 2 HOH 98  198 109 HOH HOH U . 
B 2 HOH 99  199 134 HOH HOH U . 
B 2 HOH 100 200 115 HOH HOH U . 
B 2 HOH 101 201 155 HOH HOH U . 
B 2 HOH 102 202 114 HOH HOH U . 
B 2 HOH 103 203 11  HOH HOH U . 
B 2 HOH 104 204 168 HOH HOH U . 
B 2 HOH 105 205 139 HOH HOH U . 
B 2 HOH 106 206 151 HOH HOH U . 
B 2 HOH 107 207 143 HOH HOH U . 
B 2 HOH 108 208 120 HOH HOH U . 
B 2 HOH 109 209 123 HOH HOH U . 
B 2 HOH 110 210 122 HOH HOH U . 
# 
loop_
_software.citation_id 
_software.classification 
_software.compiler_name 
_software.compiler_version 
_software.contact_author 
_software.contact_author_email 
_software.date 
_software.description 
_software.dependencies 
_software.hardware 
_software.language 
_software.location 
_software.mods 
_software.name 
_software.os 
_software.os_version 
_software.type 
_software.version 
_software.pdbx_ordinal 
? refinement       ? ? ? ? ? ? ? ? ? ? ? PHENIX ? ? ? . 1 
? phasing          ? ? ? ? ? ? ? ? ? ? ? PHASER ? ? ? . 2 
? 'data reduction' ? ? ? ? ? ? ? ? ? ? ? XDS    ? ? ? . 3 
# 
_cell.angle_alpha                  90.000 
_cell.angle_alpha_esd              ? 
_cell.angle_beta                   90.000 
_cell.angle_beta_esd               ? 
_cell.angle_gamma                  120.000 
_cell.angle_gamma_esd              ? 
_cell.entry_id                     5NXT 
_cell.details                      ? 
_cell.formula_units_Z              ? 
_cell.length_a                     44.997 
_cell.length_a_esd                 ? 
_cell.length_b                     44.997 
_cell.length_b_esd                 ? 
_cell.length_c                     94.205 
_cell.length_c_esd                 ? 
_cell.volume                       ? 
_cell.volume_esd                   ? 
_cell.Z_PDB                        12 
_cell.reciprocal_angle_alpha       ? 
_cell.reciprocal_angle_beta        ? 
_cell.reciprocal_angle_gamma       ? 
_cell.reciprocal_angle_alpha_esd   ? 
_cell.reciprocal_angle_beta_esd    ? 
_cell.reciprocal_angle_gamma_esd   ? 
_cell.reciprocal_length_a          ? 
_cell.reciprocal_length_b          ? 
_cell.reciprocal_length_c          ? 
_cell.reciprocal_length_a_esd      ? 
_cell.reciprocal_length_b_esd      ? 
_cell.reciprocal_length_c_esd      ? 
_cell.pdbx_unique_axis             ? 
# 
_symmetry.entry_id                         5NXT 
_symmetry.cell_setting                     ? 
_symmetry.Int_Tables_number                182 
_symmetry.space_group_name_Hall            ? 
_symmetry.space_group_name_H-M             'P 63 2 2' 
_symmetry.pdbx_full_space_group_name_H-M   ? 
# 
_exptl.absorpt_coefficient_mu     ? 
_exptl.absorpt_correction_T_max   ? 
_exptl.absorpt_correction_T_min   ? 
_exptl.absorpt_correction_type    ? 
_exptl.absorpt_process_details    ? 
_exptl.entry_id                   5NXT 
_exptl.crystals_number            1 
_exptl.details                    ? 
_exptl.method                     'X-RAY DIFFRACTION' 
_exptl.method_details             ? 
# 
_exptl_crystal.colour                      ? 
_exptl_crystal.density_diffrn              ? 
_exptl_crystal.density_Matthews            2.41 
_exptl_crystal.density_method              ? 
_exptl_crystal.density_percent_sol         48.91 
_exptl_crystal.description                 ? 
_exptl_crystal.F_000                       ? 
_exptl_crystal.id                          1 
_exptl_crystal.preparation                 ? 
_exptl_crystal.size_max                    ? 
_exptl_crystal.size_mid                    ? 
_exptl_crystal.size_min                    ? 
_exptl_crystal.size_rad                    ? 
_exptl_crystal.colour_lustre               ? 
_exptl_crystal.colour_modifier             ? 
_exptl_crystal.colour_primary              ? 
_exptl_crystal.density_meas                ? 
_exptl_crystal.density_meas_esd            ? 
_exptl_crystal.density_meas_gt             ? 
_exptl_crystal.density_meas_lt             ? 
_exptl_crystal.density_meas_temp           ? 
_exptl_crystal.density_meas_temp_esd       ? 
_exptl_crystal.density_meas_temp_gt        ? 
_exptl_crystal.density_meas_temp_lt        ? 
_exptl_crystal.pdbx_crystal_image_url      ? 
_exptl_crystal.pdbx_crystal_image_format   ? 
_exptl_crystal.pdbx_mosaicity              ? 
_exptl_crystal.pdbx_mosaicity_esd          ? 
# 
_exptl_crystal_grow.apparatus       ? 
_exptl_crystal_grow.atmosphere      ? 
_exptl_crystal_grow.crystal_id      1 
_exptl_crystal_grow.details         ? 
_exptl_crystal_grow.method          'VAPOR DIFFUSION, SITTING DROP' 
_exptl_crystal_grow.method_ref      ? 
_exptl_crystal_grow.pH              4.0 
_exptl_crystal_grow.pressure        ? 
_exptl_crystal_grow.pressure_esd    ? 
_exptl_crystal_grow.seeding         ? 
_exptl_crystal_grow.seeding_ref     ? 
_exptl_crystal_grow.temp            277 
_exptl_crystal_grow.temp_details    ? 
_exptl_crystal_grow.temp_esd        ? 
_exptl_crystal_grow.time            ? 
_exptl_crystal_grow.pdbx_details    'PEG 6000, Lithium chloride, Citric Acid' 
_exptl_crystal_grow.pdbx_pH_range   ? 
# 
_diffrn.ambient_environment    ? 
_diffrn.ambient_temp           80 
_diffrn.ambient_temp_details   ? 
_diffrn.ambient_temp_esd       ? 
_diffrn.crystal_id             1 
_diffrn.crystal_support        ? 
_diffrn.crystal_treatment      ? 
_diffrn.details                ? 
_diffrn.id                     1 
_diffrn.ambient_pressure       ? 
_diffrn.ambient_pressure_esd   ? 
_diffrn.ambient_pressure_gt    ? 
_diffrn.ambient_pressure_lt    ? 
_diffrn.ambient_temp_gt        ? 
_diffrn.ambient_temp_lt        ? 
# 
_diffrn_detector.details                      ? 
_diffrn_detector.detector                     PIXEL 
_diffrn_detector.diffrn_id                    1 
_diffrn_detector.type                         'DECTRIS PILATUS 6M' 
_diffrn_detector.area_resol_mean              ? 
_diffrn_detector.dtime                        ? 
_diffrn_detector.pdbx_frames_total            ? 
_diffrn_detector.pdbx_collection_time_total   ? 
_diffrn_detector.pdbx_collection_date         2016-01-12 
# 
_diffrn_radiation.collimation                      ? 
_diffrn_radiation.diffrn_id                        1 
_diffrn_radiation.filter_edge                      ? 
_diffrn_radiation.inhomogeneity                    ? 
_diffrn_radiation.monochromator                    ? 
_diffrn_radiation.polarisn_norm                    ? 
_diffrn_radiation.polarisn_ratio                   ? 
_diffrn_radiation.probe                            ? 
_diffrn_radiation.type                             ? 
_diffrn_radiation.xray_symbol                      ? 
_diffrn_radiation.wavelength_id                    1 
_diffrn_radiation.pdbx_monochromatic_or_laue_m_l   M 
_diffrn_radiation.pdbx_wavelength_list             ? 
_diffrn_radiation.pdbx_wavelength                  ? 
_diffrn_radiation.pdbx_diffrn_protocol             'SINGLE WAVELENGTH' 
_diffrn_radiation.pdbx_analyzer                    ? 
_diffrn_radiation.pdbx_scattering_type             x-ray 
# 
_diffrn_radiation_wavelength.id           1 
_diffrn_radiation_wavelength.wavelength   0.9184 
_diffrn_radiation_wavelength.wt           1.0 
# 
_diffrn_source.current                     ? 
_diffrn_source.details                     ? 
_diffrn_source.diffrn_id                   1 
_diffrn_source.power                       ? 
_diffrn_source.size                        ? 
_diffrn_source.source                      SYNCHROTRON 
_diffrn_source.target                      ? 
_diffrn_source.type                        'BESSY BEAMLINE 14.1' 
_diffrn_source.voltage                     ? 
_diffrn_source.take-off_angle              ? 
_diffrn_source.pdbx_wavelength_list        0.9184 
_diffrn_source.pdbx_wavelength             ? 
_diffrn_source.pdbx_synchrotron_beamline   14.1 
_diffrn_source.pdbx_synchrotron_site       BESSY 
# 
_reflns.B_iso_Wilson_estimate            ? 
_reflns.entry_id                         5NXT 
_reflns.data_reduction_details           ? 
_reflns.data_reduction_method            ? 
_reflns.d_resolution_high                1.379 
_reflns.d_resolution_low                 38.97 
_reflns.details                          ? 
_reflns.limit_h_max                      ? 
_reflns.limit_h_min                      ? 
_reflns.limit_k_max                      ? 
_reflns.limit_k_min                      ? 
_reflns.limit_l_max                      ? 
_reflns.limit_l_min                      ? 
_reflns.number_all                       ? 
_reflns.number_obs                       12286 
_reflns.observed_criterion               ? 
_reflns.observed_criterion_F_max         ? 
_reflns.observed_criterion_F_min         ? 
_reflns.observed_criterion_I_max         ? 
_reflns.observed_criterion_I_min         ? 
_reflns.observed_criterion_sigma_F       ? 
_reflns.observed_criterion_sigma_I       ? 
_reflns.percent_possible_obs             99.7 
_reflns.R_free_details                   ? 
_reflns.Rmerge_F_all                     ? 
_reflns.Rmerge_F_obs                     ? 
_reflns.Friedel_coverage                 ? 
_reflns.number_gt                        ? 
_reflns.threshold_expression             ? 
_reflns.pdbx_redundancy                  10.47 
_reflns.pdbx_Rmerge_I_obs                ? 
_reflns.pdbx_Rmerge_I_all                ? 
_reflns.pdbx_Rsym_value                  ? 
_reflns.pdbx_netI_over_av_sigmaI         ? 
_reflns.pdbx_netI_over_sigmaI            15.08 
_reflns.pdbx_res_netI_over_av_sigmaI_2   ? 
_reflns.pdbx_res_netI_over_sigmaI_2      ? 
_reflns.pdbx_chi_squared                 ? 
_reflns.pdbx_scaling_rejects             ? 
_reflns.pdbx_d_res_high_opt              ? 
_reflns.pdbx_d_res_low_opt               ? 
_reflns.pdbx_d_res_opt_method            ? 
_reflns.phase_calculation_details        ? 
_reflns.pdbx_Rrim_I_all                  ? 
_reflns.pdbx_Rpim_I_all                  ? 
_reflns.pdbx_d_opt                       ? 
_reflns.pdbx_number_measured_all         ? 
_reflns.pdbx_diffrn_id                   1 
_reflns.pdbx_ordinal                     1 
_reflns.pdbx_CC_half                     1.0 
_reflns.pdbx_R_split                     ? 
# 
_reflns_shell.d_res_high                  1.38 
_reflns_shell.d_res_low                   1.46 
_reflns_shell.meanI_over_sigI_all         ? 
_reflns_shell.meanI_over_sigI_obs         1.50 
_reflns_shell.number_measured_all         ? 
_reflns_shell.number_measured_obs         ? 
_reflns_shell.number_possible             ? 
_reflns_shell.number_unique_all           ? 
_reflns_shell.number_unique_obs           ? 
_reflns_shell.percent_possible_all        99.8 
_reflns_shell.percent_possible_obs        ? 
_reflns_shell.Rmerge_F_all                ? 
_reflns_shell.Rmerge_F_obs                ? 
_reflns_shell.Rmerge_I_all                ? 
_reflns_shell.Rmerge_I_obs                ? 
_reflns_shell.meanI_over_sigI_gt          ? 
_reflns_shell.meanI_over_uI_all           ? 
_reflns_shell.meanI_over_uI_gt            ? 
_reflns_shell.number_measured_gt          ? 
_reflns_shell.number_unique_gt            ? 
_reflns_shell.percent_possible_gt         ? 
_reflns_shell.Rmerge_F_gt                 ? 
_reflns_shell.Rmerge_I_gt                 ? 
_reflns_shell.pdbx_redundancy             ? 
_reflns_shell.pdbx_Rsym_value             ? 
_reflns_shell.pdbx_chi_squared            ? 
_reflns_shell.pdbx_netI_over_sigmaI_all   ? 
_reflns_shell.pdbx_netI_over_sigmaI_obs   ? 
_reflns_shell.pdbx_Rrim_I_all             ? 
_reflns_shell.pdbx_Rpim_I_all             ? 
_reflns_shell.pdbx_rejects                ? 
_reflns_shell.pdbx_ordinal                1 
_reflns_shell.pdbx_diffrn_id              1 
_reflns_shell.pdbx_CC_half                0.69 
_reflns_shell.pdbx_R_split                ? 
# 
_refine.aniso_B[1][1]                            ? 
_refine.aniso_B[1][2]                            ? 
_refine.aniso_B[1][3]                            ? 
_refine.aniso_B[2][2]                            ? 
_refine.aniso_B[2][3]                            ? 
_refine.aniso_B[3][3]                            ? 
_refine.B_iso_max                                53.910 
_refine.B_iso_mean                               20.5869 
_refine.B_iso_min                                11.250 
_refine.correlation_coeff_Fo_to_Fc               ? 
_refine.correlation_coeff_Fo_to_Fc_free          ? 
_refine.details                                  ? 
_refine.diff_density_max                         ? 
_refine.diff_density_max_esd                     ? 
_refine.diff_density_min                         ? 
_refine.diff_density_min_esd                     ? 
_refine.diff_density_rms                         ? 
_refine.diff_density_rms_esd                     ? 
_refine.entry_id                                 5NXT 
_refine.pdbx_refine_id                           'X-RAY DIFFRACTION' 
_refine.ls_abs_structure_details                 ? 
_refine.ls_abs_structure_Flack                   ? 
_refine.ls_abs_structure_Flack_esd               ? 
_refine.ls_abs_structure_Rogers                  ? 
_refine.ls_abs_structure_Rogers_esd              ? 
_refine.ls_d_res_high                            1.3790 
_refine.ls_d_res_low                             38.9690 
_refine.ls_extinction_coef                       ? 
_refine.ls_extinction_coef_esd                   ? 
_refine.ls_extinction_expression                 ? 
_refine.ls_extinction_method                     ? 
_refine.ls_goodness_of_fit_all                   ? 
_refine.ls_goodness_of_fit_all_esd               ? 
_refine.ls_goodness_of_fit_obs                   ? 
_refine.ls_goodness_of_fit_obs_esd               ? 
_refine.ls_hydrogen_treatment                    ? 
_refine.ls_matrix_type                           ? 
_refine.ls_number_constraints                    ? 
_refine.ls_number_parameters                     ? 
_refine.ls_number_reflns_all                     ? 
_refine.ls_number_reflns_obs                     12272 
_refine.ls_number_reflns_R_free                  615 
_refine.ls_number_reflns_R_work                  ? 
_refine.ls_number_restraints                     ? 
_refine.ls_percent_reflns_obs                    99.6400 
_refine.ls_percent_reflns_R_free                 5.0100 
_refine.ls_R_factor_all                          ? 
_refine.ls_R_factor_obs                          0.1308 
_refine.ls_R_factor_R_free                       0.1514 
_refine.ls_R_factor_R_free_error                 ? 
_refine.ls_R_factor_R_free_error_details         ? 
_refine.ls_R_factor_R_work                       0.1296 
_refine.ls_R_Fsqd_factor_obs                     ? 
_refine.ls_R_I_factor_obs                        ? 
_refine.ls_redundancy_reflns_all                 ? 
_refine.ls_redundancy_reflns_obs                 ? 
_refine.ls_restrained_S_all                      ? 
_refine.ls_restrained_S_obs                      ? 
_refine.ls_shift_over_esd_max                    ? 
_refine.ls_shift_over_esd_mean                   ? 
_refine.ls_structure_factor_coef                 ? 
_refine.ls_weighting_details                     ? 
_refine.ls_weighting_scheme                      ? 
_refine.ls_wR_factor_all                         ? 
_refine.ls_wR_factor_obs                         ? 
_refine.ls_wR_factor_R_free                      ? 
_refine.ls_wR_factor_R_work                      ? 
_refine.occupancy_max                            ? 
_refine.occupancy_min                            ? 
_refine.solvent_model_details                    ? 
_refine.solvent_model_param_bsol                 ? 
_refine.solvent_model_param_ksol                 ? 
_refine.ls_R_factor_gt                           ? 
_refine.ls_goodness_of_fit_gt                    ? 
_refine.ls_goodness_of_fit_ref                   ? 
_refine.ls_shift_over_su_max                     ? 
_refine.ls_shift_over_su_max_lt                  ? 
_refine.ls_shift_over_su_mean                    ? 
_refine.ls_shift_over_su_mean_lt                 ? 
_refine.pdbx_ls_sigma_I                          ? 
_refine.pdbx_ls_sigma_F                          1.360 
_refine.pdbx_ls_sigma_Fsqd                       ? 
_refine.pdbx_data_cutoff_high_absF               ? 
_refine.pdbx_data_cutoff_high_rms_absF           ? 
_refine.pdbx_data_cutoff_low_absF                ? 
_refine.pdbx_isotropic_thermal_model             ? 
_refine.pdbx_ls_cross_valid_method               'FREE R-VALUE' 
_refine.pdbx_method_to_determine_struct          'MOLECULAR REPLACEMENT' 
_refine.pdbx_starting_model                      3TS0 
_refine.pdbx_stereochemistry_target_values       ? 
_refine.pdbx_R_Free_selection_details            ? 
_refine.pdbx_stereochem_target_val_spec_case     ? 
_refine.pdbx_overall_ESU_R                       ? 
_refine.pdbx_overall_ESU_R_Free                  ? 
_refine.pdbx_solvent_vdw_probe_radii             1.1100 
_refine.pdbx_solvent_ion_probe_radii             ? 
_refine.pdbx_solvent_shrinkage_radii             0.9000 
_refine.pdbx_real_space_R                        ? 
_refine.pdbx_density_correlation                 ? 
_refine.pdbx_pd_number_of_powder_patterns        ? 
_refine.pdbx_pd_number_of_points                 ? 
_refine.pdbx_pd_meas_number_of_points            ? 
_refine.pdbx_pd_proc_ls_prof_R_factor            ? 
_refine.pdbx_pd_proc_ls_prof_wR_factor           ? 
_refine.pdbx_pd_Marquardt_correlation_coeff      ? 
_refine.pdbx_pd_Fsqrd_R_factor                   ? 
_refine.pdbx_pd_ls_matrix_band_width             ? 
_refine.pdbx_overall_phase_error                 20.0900 
_refine.pdbx_overall_SU_R_free_Cruickshank_DPI   ? 
_refine.pdbx_overall_SU_R_free_Blow_DPI          ? 
_refine.pdbx_overall_SU_R_Blow_DPI               ? 
_refine.pdbx_TLS_residual_ADP_flag               ? 
_refine.pdbx_diffrn_id                           1 
_refine.overall_SU_B                             ? 
_refine.overall_SU_ML                            0.1300 
_refine.overall_SU_R_Cruickshank_DPI             ? 
_refine.overall_SU_R_free                        ? 
_refine.overall_FOM_free_R_set                   ? 
_refine.overall_FOM_work_R_set                   ? 
_refine.pdbx_average_fsc_overall                 ? 
_refine.pdbx_average_fsc_work                    ? 
_refine.pdbx_average_fsc_free                    ? 
# 
_refine_hist.cycle_id                         final 
_refine_hist.pdbx_refine_id                   'X-RAY DIFFRACTION' 
_refine_hist.d_res_high                       1.3790 
_refine_hist.d_res_low                        38.9690 
_refine_hist.pdbx_number_atoms_ligand         0 
_refine_hist.number_atoms_solvent             110 
_refine_hist.number_atoms_total               488 
_refine_hist.pdbx_number_residues_total       18 
_refine_hist.pdbx_B_iso_mean_solvent          34.39 
_refine_hist.pdbx_number_atoms_protein        0 
_refine_hist.pdbx_number_atoms_nucleic_acid   378 
# 
loop_
_refine_ls_restr.pdbx_refine_id 
_refine_ls_restr.criterion 
_refine_ls_restr.dev_ideal 
_refine_ls_restr.dev_ideal_target 
_refine_ls_restr.number 
_refine_ls_restr.rejects 
_refine_ls_restr.type 
_refine_ls_restr.weight 
_refine_ls_restr.pdbx_restraint_function 
'X-RAY DIFFRACTION' ? 0.010 ? 422 ? f_bond_d           ? ? 
'X-RAY DIFFRACTION' ? 1.490 ? 655 ? f_angle_d          ? ? 
'X-RAY DIFFRACTION' ? 0.062 ? 89  ? f_chiral_restr     ? ? 
'X-RAY DIFFRACTION' ? 0.020 ? 18  ? f_plane_restr      ? ? 
'X-RAY DIFFRACTION' ? 7.922 ? 212 ? f_dihedral_angle_d ? ? 
# 
loop_
_refine_ls_shell.pdbx_refine_id 
_refine_ls_shell.d_res_high 
_refine_ls_shell.d_res_low 
_refine_ls_shell.number_reflns_all 
_refine_ls_shell.number_reflns_obs 
_refine_ls_shell.number_reflns_R_free 
_refine_ls_shell.number_reflns_R_work 
_refine_ls_shell.percent_reflns_obs 
_refine_ls_shell.percent_reflns_R_free 
_refine_ls_shell.R_factor_all 
_refine_ls_shell.R_factor_obs 
_refine_ls_shell.R_factor_R_free 
_refine_ls_shell.R_factor_R_free_error 
_refine_ls_shell.R_factor_R_work 
_refine_ls_shell.redundancy_reflns_all 
_refine_ls_shell.redundancy_reflns_obs 
_refine_ls_shell.wR_factor_all 
_refine_ls_shell.wR_factor_obs 
_refine_ls_shell.wR_factor_R_free 
_refine_ls_shell.wR_factor_R_work 
_refine_ls_shell.pdbx_total_number_of_bins_used 
_refine_ls_shell.pdbx_phase_error 
_refine_ls_shell.pdbx_fsc_work 
_refine_ls_shell.pdbx_fsc_free 
'X-RAY DIFFRACTION' 1.3794 1.5182  2977 . 149 2828 100.0000 . . . 0.2616 0.0000 0.2057 . . . . . . 4 . . . 
'X-RAY DIFFRACTION' 1.5182 1.7379  2990 . 150 2840 99.0000  . . . 0.1978 0.0000 0.1328 . . . . . . 4 . . . 
'X-RAY DIFFRACTION' 1.7379 2.1896  3044 . 152 2892 100.0000 . . . 0.1478 0.0000 0.1282 . . . . . . 4 . . . 
'X-RAY DIFFRACTION' 2.1896 38.9841 3261 . 164 3097 100.0000 . . . 0.1316 0.0000 0.1196 . . . . . . 4 . . . 
# 
_struct.entry_id                     5NXT 
_struct.title                        'Wobble base paired RNA double helix' 
_struct.pdbx_model_details           ? 
_struct.pdbx_formula_weight          ? 
_struct.pdbx_formula_weight_method   ? 
_struct.pdbx_model_type_details      ? 
_struct.pdbx_CASP_flag               N 
# 
_struct_keywords.entry_id        5NXT 
_struct_keywords.text            'Double helix, Wobble pairs, N1-adenine protonation, RNA' 
_struct_keywords.pdbx_keywords   RNA 
# 
loop_
_struct_asym.id 
_struct_asym.pdbx_blank_PDB_chainid_flag 
_struct_asym.pdbx_modified 
_struct_asym.entity_id 
_struct_asym.details 
A N N 1 ? 
B N N 2 ? 
# 
_struct_ref.id                         1 
_struct_ref.db_name                    PDB 
_struct_ref.db_code                    5NXT 
_struct_ref.pdbx_db_accession          5NXT 
_struct_ref.pdbx_db_isoform            ? 
_struct_ref.entity_id                  1 
_struct_ref.pdbx_seq_one_letter_code   ? 
_struct_ref.pdbx_align_begin           1 
# 
_struct_ref_seq.align_id                      1 
_struct_ref_seq.ref_id                        1 
_struct_ref_seq.pdbx_PDB_id_code              5NXT 
_struct_ref_seq.pdbx_strand_id                U 
_struct_ref_seq.seq_align_beg                 1 
_struct_ref_seq.pdbx_seq_align_beg_ins_code   ? 
_struct_ref_seq.seq_align_end                 18 
_struct_ref_seq.pdbx_seq_align_end_ins_code   ? 
_struct_ref_seq.pdbx_db_accession             5NXT 
_struct_ref_seq.db_align_beg                  30 
_struct_ref_seq.pdbx_db_align_beg_ins_code    ? 
_struct_ref_seq.db_align_end                  47 
_struct_ref_seq.pdbx_db_align_end_ins_code    ? 
_struct_ref_seq.pdbx_auth_seq_align_beg       30 
_struct_ref_seq.pdbx_auth_seq_align_end       47 
# 
_pdbx_struct_assembly.id                   1 
_pdbx_struct_assembly.details              author_defined_assembly 
_pdbx_struct_assembly.method_details       ? 
_pdbx_struct_assembly.oligomeric_details   dimeric 
_pdbx_struct_assembly.oligomeric_count     2 
# 
loop_
_pdbx_struct_assembly_gen.assembly_id 
_pdbx_struct_assembly_gen.oper_expression 
_pdbx_struct_assembly_gen.asym_id_list 
1 1 A,B 
1 2 A,B 
# 
_pdbx_struct_assembly_auth_evidence.id                     1 
_pdbx_struct_assembly_auth_evidence.assembly_id            1 
_pdbx_struct_assembly_auth_evidence.experimental_support   'mass spectrometry' 
_pdbx_struct_assembly_auth_evidence.details                ? 
# 
loop_
_pdbx_struct_oper_list.id 
_pdbx_struct_oper_list.type 
_pdbx_struct_oper_list.name 
_pdbx_struct_oper_list.symmetry_operation 
_pdbx_struct_oper_list.matrix[1][1] 
_pdbx_struct_oper_list.matrix[1][2] 
_pdbx_struct_oper_list.matrix[1][3] 
_pdbx_struct_oper_list.vector[1] 
_pdbx_struct_oper_list.matrix[2][1] 
_pdbx_struct_oper_list.matrix[2][2] 
_pdbx_struct_oper_list.matrix[2][3] 
_pdbx_struct_oper_list.vector[2] 
_pdbx_struct_oper_list.matrix[3][1] 
_pdbx_struct_oper_list.matrix[3][2] 
_pdbx_struct_oper_list.matrix[3][3] 
_pdbx_struct_oper_list.vector[3] 
1 'identity operation'         1_555 x,y,z    1.0000000000  0.0000000000  0.0000000000  0.0000000000  0.0000000000  1.0000000000  0.0000000000 0.0000000000  0.0000000000  0.0000000000 1.0000000000  0.0000000000  
2 'crystal symmetry operation' 7_556 y,x,-z+1 -0.4717024140 -0.5526861333 -0.6870479392 -4.6896292286 -0.5526861333 -0.4217994366 0.7187651031 -3.1415118628 -0.6870479392 0.7187651031 -0.1064981494 -1.0788908811 
# 
loop_
_struct_conn.id 
_struct_conn.conn_type_id 
_struct_conn.pdbx_leaving_atom_flag 
_struct_conn.pdbx_PDB_id 
_struct_conn.ptnr1_label_asym_id 
_struct_conn.ptnr1_label_comp_id 
_struct_conn.ptnr1_label_seq_id 
_struct_conn.ptnr1_label_atom_id 
_struct_conn.pdbx_ptnr1_label_alt_id 
_struct_conn.pdbx_ptnr1_PDB_ins_code 
_struct_conn.pdbx_ptnr1_standard_comp_id 
_struct_conn.ptnr1_symmetry 
_struct_conn.ptnr2_label_asym_id 
_struct_conn.ptnr2_label_comp_id 
_struct_conn.ptnr2_label_seq_id 
_struct_conn.ptnr2_label_atom_id 
_struct_conn.pdbx_ptnr2_label_alt_id 
_struct_conn.pdbx_ptnr2_PDB_ins_code 
_struct_conn.ptnr1_auth_asym_id 
_struct_conn.ptnr1_auth_comp_id 
_struct_conn.ptnr1_auth_seq_id 
_struct_conn.ptnr2_auth_asym_id 
_struct_conn.ptnr2_auth_comp_id 
_struct_conn.ptnr2_auth_seq_id 
_struct_conn.ptnr2_symmetry 
_struct_conn.pdbx_ptnr3_label_atom_id 
_struct_conn.pdbx_ptnr3_label_seq_id 
_struct_conn.pdbx_ptnr3_label_comp_id 
_struct_conn.pdbx_ptnr3_label_asym_id 
_struct_conn.pdbx_ptnr3_label_alt_id 
_struct_conn.pdbx_ptnr3_PDB_ins_code 
_struct_conn.details 
_struct_conn.pdbx_dist_value 
_struct_conn.pdbx_value_order 
_struct_conn.pdbx_role 
hydrog1  hydrog ? ? A U 1  N3 ? ? ? 1_555 A A 18 N1 ? ? U U 30 U A 47 7_556 ? ? ? ? ? ? WATSON-CRICK  ? ? ? 
hydrog2  hydrog ? ? A U 1  O4 ? ? ? 1_555 A A 18 N6 ? ? U U 30 U A 47 7_556 ? ? ? ? ? ? WATSON-CRICK  ? ? ? 
hydrog3  hydrog ? ? A G 2  N1 ? ? ? 1_555 A C 17 N3 ? ? U G 31 U C 46 7_556 ? ? ? ? ? ? WATSON-CRICK  ? ? ? 
hydrog4  hydrog ? ? A G 2  N2 ? ? ? 1_555 A C 17 O2 ? ? U G 31 U C 46 7_556 ? ? ? ? ? ? WATSON-CRICK  ? ? ? 
hydrog5  hydrog ? ? A G 2  O6 ? ? ? 1_555 A C 17 N4 ? ? U G 31 U C 46 7_556 ? ? ? ? ? ? WATSON-CRICK  ? ? ? 
hydrog6  hydrog ? ? A U 3  N3 ? ? ? 1_555 A A 16 N1 ? ? U U 32 U A 45 7_556 ? ? ? ? ? ? WATSON-CRICK  ? ? ? 
hydrog7  hydrog ? ? A U 3  O4 ? ? ? 1_555 A A 16 N6 ? ? U U 32 U A 45 7_556 ? ? ? ? ? ? WATSON-CRICK  ? ? ? 
hydrog8  hydrog ? ? A U 4  N3 ? ? ? 1_555 A A 15 N1 ? ? U U 33 U A 44 7_556 ? ? ? ? ? ? WATSON-CRICK  ? ? ? 
hydrog9  hydrog ? ? A U 4  O4 ? ? ? 1_555 A A 15 N6 ? ? U U 33 U A 44 7_556 ? ? ? ? ? ? WATSON-CRICK  ? ? ? 
hydrog10 hydrog ? ? A C 5  N3 ? ? ? 1_555 A G 14 N1 ? ? U C 34 U G 43 7_556 ? ? ? ? ? ? WATSON-CRICK  ? ? ? 
hydrog11 hydrog ? ? A C 5  N4 ? ? ? 1_555 A G 14 O6 ? ? U C 34 U G 43 7_556 ? ? ? ? ? ? WATSON-CRICK  ? ? ? 
hydrog12 hydrog ? ? A C 5  O2 ? ? ? 1_555 A G 14 N2 ? ? U C 34 U G 43 7_556 ? ? ? ? ? ? WATSON-CRICK  ? ? ? 
hydrog13 hydrog ? ? A U 6  N3 ? ? ? 1_555 A A 13 N1 ? ? U U 35 U A 42 7_556 ? ? ? ? ? ? WATSON-CRICK  ? ? ? 
hydrog14 hydrog ? ? A U 6  O4 ? ? ? 1_555 A A 13 N6 ? ? U U 35 U A 42 7_556 ? ? ? ? ? ? WATSON-CRICK  ? ? ? 
hydrog15 hydrog ? ? A C 7  N3 ? ? ? 1_555 A A 12 N6 ? ? U C 36 U A 41 7_556 ? ? ? ? ? ? 'C-A MISPAIR' ? ? ? 
hydrog16 hydrog ? ? A U 8  N3 ? ? ? 1_555 A G 11 O6 ? ? U U 37 U G 40 7_556 ? ? ? ? ? ? TYPE_28_PAIR  ? ? ? 
hydrog17 hydrog ? ? A U 8  O2 ? ? ? 1_555 A G 11 N1 ? ? U U 37 U G 40 7_556 ? ? ? ? ? ? TYPE_28_PAIR  ? ? ? 
hydrog18 hydrog ? ? A A 9  N6 ? ? ? 1_555 A C 10 N3 ? ? U A 38 U C 39 7_556 ? ? ? ? ? ? 'A-C MISPAIR' ? ? ? 
hydrog19 hydrog ? ? A C 10 N3 ? ? ? 1_555 A A 9  N6 ? ? U C 39 U A 38 7_556 ? ? ? ? ? ? 'C-A MISPAIR' ? ? ? 
hydrog20 hydrog ? ? A G 11 N1 ? ? ? 1_555 A U 8  O2 ? ? U G 40 U U 37 7_556 ? ? ? ? ? ? TYPE_28_PAIR  ? ? ? 
hydrog21 hydrog ? ? A G 11 O6 ? ? ? 1_555 A U 8  N3 ? ? U G 40 U U 37 7_556 ? ? ? ? ? ? TYPE_28_PAIR  ? ? ? 
hydrog22 hydrog ? ? A A 12 N6 ? ? ? 1_555 A C 7  N3 ? ? U A 41 U C 36 7_556 ? ? ? ? ? ? 'A-C MISPAIR' ? ? ? 
hydrog23 hydrog ? ? A A 13 N1 ? ? ? 1_555 A U 6  N3 ? ? U A 42 U U 35 7_556 ? ? ? ? ? ? WATSON-CRICK  ? ? ? 
hydrog24 hydrog ? ? A A 13 N6 ? ? ? 1_555 A U 6  O4 ? ? U A 42 U U 35 7_556 ? ? ? ? ? ? WATSON-CRICK  ? ? ? 
hydrog25 hydrog ? ? A G 14 N1 ? ? ? 1_555 A C 5  N3 ? ? U G 43 U C 34 7_556 ? ? ? ? ? ? WATSON-CRICK  ? ? ? 
hydrog26 hydrog ? ? A G 14 N2 ? ? ? 1_555 A C 5  O2 ? ? U G 43 U C 34 7_556 ? ? ? ? ? ? WATSON-CRICK  ? ? ? 
hydrog27 hydrog ? ? A G 14 O6 ? ? ? 1_555 A C 5  N4 ? ? U G 43 U C 34 7_556 ? ? ? ? ? ? WATSON-CRICK  ? ? ? 
hydrog28 hydrog ? ? A A 15 N1 ? ? ? 1_555 A U 4  N3 ? ? U A 44 U U 33 7_556 ? ? ? ? ? ? WATSON-CRICK  ? ? ? 
hydrog29 hydrog ? ? A A 15 N6 ? ? ? 1_555 A U 4  O4 ? ? U A 44 U U 33 7_556 ? ? ? ? ? ? WATSON-CRICK  ? ? ? 
hydrog30 hydrog ? ? A A 16 N1 ? ? ? 1_555 A U 3  N3 ? ? U A 45 U U 32 7_556 ? ? ? ? ? ? WATSON-CRICK  ? ? ? 
hydrog31 hydrog ? ? A A 16 N6 ? ? ? 1_555 A U 3  O4 ? ? U A 45 U U 32 7_556 ? ? ? ? ? ? WATSON-CRICK  ? ? ? 
hydrog32 hydrog ? ? A C 17 N3 ? ? ? 1_555 A G 2  N1 ? ? U C 46 U G 31 7_556 ? ? ? ? ? ? WATSON-CRICK  ? ? ? 
hydrog33 hydrog ? ? A C 17 N4 ? ? ? 1_555 A G 2  O6 ? ? U C 46 U G 31 7_556 ? ? ? ? ? ? WATSON-CRICK  ? ? ? 
hydrog34 hydrog ? ? A C 17 O2 ? ? ? 1_555 A G 2  N2 ? ? U C 46 U G 31 7_556 ? ? ? ? ? ? WATSON-CRICK  ? ? ? 
hydrog35 hydrog ? ? A A 18 N1 ? ? ? 1_555 A U 1  N3 ? ? U A 47 U U 30 7_556 ? ? ? ? ? ? WATSON-CRICK  ? ? ? 
hydrog36 hydrog ? ? A A 18 N6 ? ? ? 1_555 A U 1  O4 ? ? U A 47 U U 30 7_556 ? ? ? ? ? ? WATSON-CRICK  ? ? ? 
# 
_struct_conn_type.id          hydrog 
_struct_conn_type.criteria    ? 
_struct_conn_type.reference   ? 
# 
loop_
_pdbx_validate_close_contact.id 
_pdbx_validate_close_contact.PDB_model_num 
_pdbx_validate_close_contact.auth_atom_id_1 
_pdbx_validate_close_contact.auth_asym_id_1 
_pdbx_validate_close_contact.auth_comp_id_1 
_pdbx_validate_close_contact.auth_seq_id_1 
_pdbx_validate_close_contact.PDB_ins_code_1 
_pdbx_validate_close_contact.label_alt_id_1 
_pdbx_validate_close_contact.auth_atom_id_2 
_pdbx_validate_close_contact.auth_asym_id_2 
_pdbx_validate_close_contact.auth_comp_id_2 
_pdbx_validate_close_contact.auth_seq_id_2 
_pdbx_validate_close_contact.PDB_ins_code_2 
_pdbx_validate_close_contact.label_alt_id_2 
_pdbx_validate_close_contact.dist 
1 1 O U HOH 120 ? ? O U HOH 200 ? ? 1.88 
2 1 O U HOH 139 ? ? O U HOH 200 ? ? 2.07 
3 1 O U HOH 101 ? ? O U HOH 187 ? ? 2.15 
# 
loop_
_pdbx_validate_symm_contact.id 
_pdbx_validate_symm_contact.PDB_model_num 
_pdbx_validate_symm_contact.auth_atom_id_1 
_pdbx_validate_symm_contact.auth_asym_id_1 
_pdbx_validate_symm_contact.auth_comp_id_1 
_pdbx_validate_symm_contact.auth_seq_id_1 
_pdbx_validate_symm_contact.PDB_ins_code_1 
_pdbx_validate_symm_contact.label_alt_id_1 
_pdbx_validate_symm_contact.site_symmetry_1 
_pdbx_validate_symm_contact.auth_atom_id_2 
_pdbx_validate_symm_contact.auth_asym_id_2 
_pdbx_validate_symm_contact.auth_comp_id_2 
_pdbx_validate_symm_contact.auth_seq_id_2 
_pdbx_validate_symm_contact.PDB_ins_code_2 
_pdbx_validate_symm_contact.label_alt_id_2 
_pdbx_validate_symm_contact.site_symmetry_2 
_pdbx_validate_symm_contact.dist 
1 1 "HO2'" U C   46  ? ? 1_555 "HO2'" U C   46  ? ? 11_655 1.34 
2 1 O      U HOH 119 ? ? 1_555 O      U HOH 119 ? ? 10_666 2.18 
# 
_pdbx_validate_rmsd_angle.id                         1 
_pdbx_validate_rmsd_angle.PDB_model_num              1 
_pdbx_validate_rmsd_angle.auth_atom_id_1             "O5'" 
_pdbx_validate_rmsd_angle.auth_asym_id_1             U 
_pdbx_validate_rmsd_angle.auth_comp_id_1             A 
_pdbx_validate_rmsd_angle.auth_seq_id_1              38 
_pdbx_validate_rmsd_angle.PDB_ins_code_1             ? 
_pdbx_validate_rmsd_angle.label_alt_id_1             ? 
_pdbx_validate_rmsd_angle.auth_atom_id_2             P 
_pdbx_validate_rmsd_angle.auth_asym_id_2             U 
_pdbx_validate_rmsd_angle.auth_comp_id_2             A 
_pdbx_validate_rmsd_angle.auth_seq_id_2              38 
_pdbx_validate_rmsd_angle.PDB_ins_code_2             ? 
_pdbx_validate_rmsd_angle.label_alt_id_2             ? 
_pdbx_validate_rmsd_angle.auth_atom_id_3             OP2 
_pdbx_validate_rmsd_angle.auth_asym_id_3             U 
_pdbx_validate_rmsd_angle.auth_comp_id_3             A 
_pdbx_validate_rmsd_angle.auth_seq_id_3              38 
_pdbx_validate_rmsd_angle.PDB_ins_code_3             ? 
_pdbx_validate_rmsd_angle.label_alt_id_3             ? 
_pdbx_validate_rmsd_angle.angle_value                97.50 
_pdbx_validate_rmsd_angle.angle_target_value         105.70 
_pdbx_validate_rmsd_angle.angle_deviation            -8.20 
_pdbx_validate_rmsd_angle.angle_standard_deviation   0.90 
_pdbx_validate_rmsd_angle.linker_flag                N 
# 
loop_
_pdbx_struct_special_symmetry.id 
_pdbx_struct_special_symmetry.PDB_model_num 
_pdbx_struct_special_symmetry.auth_asym_id 
_pdbx_struct_special_symmetry.auth_comp_id 
_pdbx_struct_special_symmetry.auth_seq_id 
_pdbx_struct_special_symmetry.PDB_ins_code 
_pdbx_struct_special_symmetry.label_asym_id 
_pdbx_struct_special_symmetry.label_comp_id 
_pdbx_struct_special_symmetry.label_seq_id 
1 1 U HOH 103 ? B HOH . 
2 1 U HOH 159 ? B HOH . 
3 1 U HOH 168 ? B HOH . 
4 1 U HOH 179 ? B HOH . 
5 1 U HOH 195 ? B HOH . 
# 
loop_
_pdbx_distant_solvent_atoms.id 
_pdbx_distant_solvent_atoms.PDB_model_num 
_pdbx_distant_solvent_atoms.auth_atom_id 
_pdbx_distant_solvent_atoms.label_alt_id 
_pdbx_distant_solvent_atoms.auth_asym_id 
_pdbx_distant_solvent_atoms.auth_comp_id 
_pdbx_distant_solvent_atoms.auth_seq_id 
_pdbx_distant_solvent_atoms.PDB_ins_code 
_pdbx_distant_solvent_atoms.neighbor_macromolecule_distance 
_pdbx_distant_solvent_atoms.neighbor_ligand_distance 
1 1 O ? U HOH 208 ? 6.94 . 
2 1 O ? U HOH 209 ? 7.02 . 
3 1 O ? U HOH 210 ? 8.64 . 
# 
loop_
_chem_comp_atom.comp_id 
_chem_comp_atom.atom_id 
_chem_comp_atom.type_symbol 
_chem_comp_atom.pdbx_aromatic_flag 
_chem_comp_atom.pdbx_stereo_config 
_chem_comp_atom.pdbx_ordinal 
A   OP3    O N N 1   
A   P      P N N 2   
A   OP1    O N N 3   
A   OP2    O N N 4   
A   "O5'"  O N N 5   
A   "C5'"  C N N 6   
A   "C4'"  C N R 7   
A   "O4'"  O N N 8   
A   "C3'"  C N S 9   
A   "O3'"  O N N 10  
A   "C2'"  C N R 11  
A   "O2'"  O N N 12  
A   "C1'"  C N R 13  
A   N9     N Y N 14  
A   C8     C Y N 15  
A   N7     N Y N 16  
A   C5     C Y N 17  
A   C6     C Y N 18  
A   N6     N N N 19  
A   N1     N Y N 20  
A   C2     C Y N 21  
A   N3     N Y N 22  
A   C4     C Y N 23  
A   HOP3   H N N 24  
A   HOP2   H N N 25  
A   "H5'"  H N N 26  
A   "H5''" H N N 27  
A   "H4'"  H N N 28  
A   "H3'"  H N N 29  
A   "HO3'" H N N 30  
A   "H2'"  H N N 31  
A   "HO2'" H N N 32  
A   "H1'"  H N N 33  
A   H8     H N N 34  
A   H61    H N N 35  
A   H62    H N N 36  
A   H2     H N N 37  
C   OP3    O N N 38  
C   P      P N N 39  
C   OP1    O N N 40  
C   OP2    O N N 41  
C   "O5'"  O N N 42  
C   "C5'"  C N N 43  
C   "C4'"  C N R 44  
C   "O4'"  O N N 45  
C   "C3'"  C N S 46  
C   "O3'"  O N N 47  
C   "C2'"  C N R 48  
C   "O2'"  O N N 49  
C   "C1'"  C N R 50  
C   N1     N N N 51  
C   C2     C N N 52  
C   O2     O N N 53  
C   N3     N N N 54  
C   C4     C N N 55  
C   N4     N N N 56  
C   C5     C N N 57  
C   C6     C N N 58  
C   HOP3   H N N 59  
C   HOP2   H N N 60  
C   "H5'"  H N N 61  
C   "H5''" H N N 62  
C   "H4'"  H N N 63  
C   "H3'"  H N N 64  
C   "HO3'" H N N 65  
C   "H2'"  H N N 66  
C   "HO2'" H N N 67  
C   "H1'"  H N N 68  
C   H41    H N N 69  
C   H42    H N N 70  
C   H5     H N N 71  
C   H6     H N N 72  
G   OP3    O N N 73  
G   P      P N N 74  
G   OP1    O N N 75  
G   OP2    O N N 76  
G   "O5'"  O N N 77  
G   "C5'"  C N N 78  
G   "C4'"  C N R 79  
G   "O4'"  O N N 80  
G   "C3'"  C N S 81  
G   "O3'"  O N N 82  
G   "C2'"  C N R 83  
G   "O2'"  O N N 84  
G   "C1'"  C N R 85  
G   N9     N Y N 86  
G   C8     C Y N 87  
G   N7     N Y N 88  
G   C5     C Y N 89  
G   C6     C N N 90  
G   O6     O N N 91  
G   N1     N N N 92  
G   C2     C N N 93  
G   N2     N N N 94  
G   N3     N N N 95  
G   C4     C Y N 96  
G   HOP3   H N N 97  
G   HOP2   H N N 98  
G   "H5'"  H N N 99  
G   "H5''" H N N 100 
G   "H4'"  H N N 101 
G   "H3'"  H N N 102 
G   "HO3'" H N N 103 
G   "H2'"  H N N 104 
G   "HO2'" H N N 105 
G   "H1'"  H N N 106 
G   H8     H N N 107 
G   H1     H N N 108 
G   H21    H N N 109 
G   H22    H N N 110 
HOH O      O N N 111 
HOH H1     H N N 112 
HOH H2     H N N 113 
U   OP3    O N N 114 
U   P      P N N 115 
U   OP1    O N N 116 
U   OP2    O N N 117 
U   "O5'"  O N N 118 
U   "C5'"  C N N 119 
U   "C4'"  C N R 120 
U   "O4'"  O N N 121 
U   "C3'"  C N S 122 
U   "O3'"  O N N 123 
U   "C2'"  C N R 124 
U   "O2'"  O N N 125 
U   "C1'"  C N R 126 
U   N1     N N N 127 
U   C2     C N N 128 
U   O2     O N N 129 
U   N3     N N N 130 
U   C4     C N N 131 
U   O4     O N N 132 
U   C5     C N N 133 
U   C6     C N N 134 
U   HOP3   H N N 135 
U   HOP2   H N N 136 
U   "H5'"  H N N 137 
U   "H5''" H N N 138 
U   "H4'"  H N N 139 
U   "H3'"  H N N 140 
U   "HO3'" H N N 141 
U   "H2'"  H N N 142 
U   "HO2'" H N N 143 
U   "H1'"  H N N 144 
U   H3     H N N 145 
U   H5     H N N 146 
U   H6     H N N 147 
# 
loop_
_chem_comp_bond.comp_id 
_chem_comp_bond.atom_id_1 
_chem_comp_bond.atom_id_2 
_chem_comp_bond.value_order 
_chem_comp_bond.pdbx_aromatic_flag 
_chem_comp_bond.pdbx_stereo_config 
_chem_comp_bond.pdbx_ordinal 
A   OP3   P      sing N N 1   
A   OP3   HOP3   sing N N 2   
A   P     OP1    doub N N 3   
A   P     OP2    sing N N 4   
A   P     "O5'"  sing N N 5   
A   OP2   HOP2   sing N N 6   
A   "O5'" "C5'"  sing N N 7   
A   "C5'" "C4'"  sing N N 8   
A   "C5'" "H5'"  sing N N 9   
A   "C5'" "H5''" sing N N 10  
A   "C4'" "O4'"  sing N N 11  
A   "C4'" "C3'"  sing N N 12  
A   "C4'" "H4'"  sing N N 13  
A   "O4'" "C1'"  sing N N 14  
A   "C3'" "O3'"  sing N N 15  
A   "C3'" "C2'"  sing N N 16  
A   "C3'" "H3'"  sing N N 17  
A   "O3'" "HO3'" sing N N 18  
A   "C2'" "O2'"  sing N N 19  
A   "C2'" "C1'"  sing N N 20  
A   "C2'" "H2'"  sing N N 21  
A   "O2'" "HO2'" sing N N 22  
A   "C1'" N9     sing N N 23  
A   "C1'" "H1'"  sing N N 24  
A   N9    C8     sing Y N 25  
A   N9    C4     sing Y N 26  
A   C8    N7     doub Y N 27  
A   C8    H8     sing N N 28  
A   N7    C5     sing Y N 29  
A   C5    C6     sing Y N 30  
A   C5    C4     doub Y N 31  
A   C6    N6     sing N N 32  
A   C6    N1     doub Y N 33  
A   N6    H61    sing N N 34  
A   N6    H62    sing N N 35  
A   N1    C2     sing Y N 36  
A   C2    N3     doub Y N 37  
A   C2    H2     sing N N 38  
A   N3    C4     sing Y N 39  
C   OP3   P      sing N N 40  
C   OP3   HOP3   sing N N 41  
C   P     OP1    doub N N 42  
C   P     OP2    sing N N 43  
C   P     "O5'"  sing N N 44  
C   OP2   HOP2   sing N N 45  
C   "O5'" "C5'"  sing N N 46  
C   "C5'" "C4'"  sing N N 47  
C   "C5'" "H5'"  sing N N 48  
C   "C5'" "H5''" sing N N 49  
C   "C4'" "O4'"  sing N N 50  
C   "C4'" "C3'"  sing N N 51  
C   "C4'" "H4'"  sing N N 52  
C   "O4'" "C1'"  sing N N 53  
C   "C3'" "O3'"  sing N N 54  
C   "C3'" "C2'"  sing N N 55  
C   "C3'" "H3'"  sing N N 56  
C   "O3'" "HO3'" sing N N 57  
C   "C2'" "O2'"  sing N N 58  
C   "C2'" "C1'"  sing N N 59  
C   "C2'" "H2'"  sing N N 60  
C   "O2'" "HO2'" sing N N 61  
C   "C1'" N1     sing N N 62  
C   "C1'" "H1'"  sing N N 63  
C   N1    C2     sing N N 64  
C   N1    C6     sing N N 65  
C   C2    O2     doub N N 66  
C   C2    N3     sing N N 67  
C   N3    C4     doub N N 68  
C   C4    N4     sing N N 69  
C   C4    C5     sing N N 70  
C   N4    H41    sing N N 71  
C   N4    H42    sing N N 72  
C   C5    C6     doub N N 73  
C   C5    H5     sing N N 74  
C   C6    H6     sing N N 75  
G   OP3   P      sing N N 76  
G   OP3   HOP3   sing N N 77  
G   P     OP1    doub N N 78  
G   P     OP2    sing N N 79  
G   P     "O5'"  sing N N 80  
G   OP2   HOP2   sing N N 81  
G   "O5'" "C5'"  sing N N 82  
G   "C5'" "C4'"  sing N N 83  
G   "C5'" "H5'"  sing N N 84  
G   "C5'" "H5''" sing N N 85  
G   "C4'" "O4'"  sing N N 86  
G   "C4'" "C3'"  sing N N 87  
G   "C4'" "H4'"  sing N N 88  
G   "O4'" "C1'"  sing N N 89  
G   "C3'" "O3'"  sing N N 90  
G   "C3'" "C2'"  sing N N 91  
G   "C3'" "H3'"  sing N N 92  
G   "O3'" "HO3'" sing N N 93  
G   "C2'" "O2'"  sing N N 94  
G   "C2'" "C1'"  sing N N 95  
G   "C2'" "H2'"  sing N N 96  
G   "O2'" "HO2'" sing N N 97  
G   "C1'" N9     sing N N 98  
G   "C1'" "H1'"  sing N N 99  
G   N9    C8     sing Y N 100 
G   N9    C4     sing Y N 101 
G   C8    N7     doub Y N 102 
G   C8    H8     sing N N 103 
G   N7    C5     sing Y N 104 
G   C5    C6     sing N N 105 
G   C5    C4     doub Y N 106 
G   C6    O6     doub N N 107 
G   C6    N1     sing N N 108 
G   N1    C2     sing N N 109 
G   N1    H1     sing N N 110 
G   C2    N2     sing N N 111 
G   C2    N3     doub N N 112 
G   N2    H21    sing N N 113 
G   N2    H22    sing N N 114 
G   N3    C4     sing N N 115 
HOH O     H1     sing N N 116 
HOH O     H2     sing N N 117 
U   OP3   P      sing N N 118 
U   OP3   HOP3   sing N N 119 
U   P     OP1    doub N N 120 
U   P     OP2    sing N N 121 
U   P     "O5'"  sing N N 122 
U   OP2   HOP2   sing N N 123 
U   "O5'" "C5'"  sing N N 124 
U   "C5'" "C4'"  sing N N 125 
U   "C5'" "H5'"  sing N N 126 
U   "C5'" "H5''" sing N N 127 
U   "C4'" "O4'"  sing N N 128 
U   "C4'" "C3'"  sing N N 129 
U   "C4'" "H4'"  sing N N 130 
U   "O4'" "C1'"  sing N N 131 
U   "C3'" "O3'"  sing N N 132 
U   "C3'" "C2'"  sing N N 133 
U   "C3'" "H3'"  sing N N 134 
U   "O3'" "HO3'" sing N N 135 
U   "C2'" "O2'"  sing N N 136 
U   "C2'" "C1'"  sing N N 137 
U   "C2'" "H2'"  sing N N 138 
U   "O2'" "HO2'" sing N N 139 
U   "C1'" N1     sing N N 140 
U   "C1'" "H1'"  sing N N 141 
U   N1    C2     sing N N 142 
U   N1    C6     sing N N 143 
U   C2    O2     doub N N 144 
U   C2    N3     sing N N 145 
U   N3    C4     sing N N 146 
U   N3    H3     sing N N 147 
U   C4    O4     doub N N 148 
U   C4    C5     sing N N 149 
U   C5    C6     doub N N 150 
U   C5    H5     sing N N 151 
U   C6    H6     sing N N 152 
# 
loop_
_ndb_struct_conf_na.entry_id 
_ndb_struct_conf_na.feature 
5NXT 'double helix'         
5NXT 'a-form double helix'  
5NXT 'mismatched base pair' 
# 
loop_
_ndb_struct_na_base_pair.model_number 
_ndb_struct_na_base_pair.i_label_asym_id 
_ndb_struct_na_base_pair.i_label_comp_id 
_ndb_struct_na_base_pair.i_label_seq_id 
_ndb_struct_na_base_pair.i_symmetry 
_ndb_struct_na_base_pair.j_label_asym_id 
_ndb_struct_na_base_pair.j_label_comp_id 
_ndb_struct_na_base_pair.j_label_seq_id 
_ndb_struct_na_base_pair.j_symmetry 
_ndb_struct_na_base_pair.shear 
_ndb_struct_na_base_pair.stretch 
_ndb_struct_na_base_pair.stagger 
_ndb_struct_na_base_pair.buckle 
_ndb_struct_na_base_pair.propeller 
_ndb_struct_na_base_pair.opening 
_ndb_struct_na_base_pair.pair_number 
_ndb_struct_na_base_pair.pair_name 
_ndb_struct_na_base_pair.i_auth_asym_id 
_ndb_struct_na_base_pair.i_auth_seq_id 
_ndb_struct_na_base_pair.i_PDB_ins_code 
_ndb_struct_na_base_pair.j_auth_asym_id 
_ndb_struct_na_base_pair.j_auth_seq_id 
_ndb_struct_na_base_pair.j_PDB_ins_code 
_ndb_struct_na_base_pair.hbond_type_28 
_ndb_struct_na_base_pair.hbond_type_12 
1 A U 1  1_555 A A 18 7_556 -0.118 -0.083 -0.105 5.169  -11.055 -1.118 1  U_U30:A47_U U 30 ? U 47 ? 20 1 
1 A G 2  1_555 A C 17 7_556 -0.194 -0.128 0.051  -1.141 -14.297 -0.087 2  U_G31:C46_U U 31 ? U 46 ? 19 1 
1 A U 3  1_555 A A 16 7_556 -0.086 -0.115 0.077  -4.323 -12.581 -1.876 3  U_U32:A45_U U 32 ? U 45 ? 20 1 
1 A U 4  1_555 A A 15 7_556 0.006  -0.120 0.016  4.123  -8.434  1.385  4  U_U33:A44_U U 33 ? U 44 ? 20 1 
1 A C 5  1_555 A G 14 7_556 0.167  -0.120 -0.130 7.383  -13.012 2.391  5  U_C34:G43_U U 34 ? U 43 ? 19 1 
1 A U 6  1_555 A A 13 7_556 -0.031 -0.105 -0.167 -2.977 -10.678 -0.302 6  U_U35:A42_U U 35 ? U 42 ? 20 1 
1 A C 7  1_555 A A 12 7_556 2.588  -0.567 0.071  -1.876 -4.514  2.702  7  U_C36:A41_U U 36 ? U 41 ? ?  1 
1 A U 8  1_555 A G 11 7_556 2.439  -0.629 -0.058 5.295  -9.336  -3.012 8  U_U37:G40_U U 37 ? U 40 ? 28 1 
1 A A 9  1_555 A C 10 7_556 -2.654 -0.439 -0.165 -3.153 -5.507  9.942  9  U_A38:C39_U U 38 ? U 39 ? ?  1 
1 A C 10 1_555 A A 9  7_556 2.654  -0.439 -0.165 3.153  -5.507  9.942  10 U_C39:A38_U U 39 ? U 38 ? ?  1 
1 A G 11 1_555 A U 8  7_556 -2.439 -0.629 -0.058 -5.295 -9.336  -3.012 11 U_G40:U37_U U 40 ? U 37 ? 28 1 
1 A A 12 1_555 A C 7  7_556 -2.588 -0.567 0.071  1.876  -4.514  2.702  12 U_A41:C36_U U 41 ? U 36 ? ?  1 
1 A A 13 1_555 A U 6  7_556 0.031  -0.105 -0.167 2.977  -10.678 -0.302 13 U_A42:U35_U U 42 ? U 35 ? 20 1 
1 A G 14 1_555 A C 5  7_556 -0.167 -0.120 -0.130 -7.383 -13.012 2.391  14 U_G43:C34_U U 43 ? U 34 ? 19 1 
1 A A 15 1_555 A U 4  7_556 -0.006 -0.120 0.016  -4.123 -8.434  1.385  15 U_A44:U33_U U 44 ? U 33 ? 20 1 
1 A A 16 1_555 A U 3  7_556 0.086  -0.115 0.077  4.323  -12.581 -1.876 16 U_A45:U32_U U 45 ? U 32 ? 20 1 
1 A C 17 1_555 A G 2  7_556 0.194  -0.128 0.051  1.141  -14.297 -0.087 17 U_C46:G31_U U 46 ? U 31 ? 19 1 
1 A A 18 1_555 A U 1  7_556 0.118  -0.083 -0.105 -5.169 -11.055 -1.118 18 U_A47:U30_U U 47 ? U 30 ? 20 1 
# 
loop_
_ndb_struct_na_base_pair_step.model_number 
_ndb_struct_na_base_pair_step.i_label_asym_id_1 
_ndb_struct_na_base_pair_step.i_label_comp_id_1 
_ndb_struct_na_base_pair_step.i_label_seq_id_1 
_ndb_struct_na_base_pair_step.i_symmetry_1 
_ndb_struct_na_base_pair_step.j_label_asym_id_1 
_ndb_struct_na_base_pair_step.j_label_comp_id_1 
_ndb_struct_na_base_pair_step.j_label_seq_id_1 
_ndb_struct_na_base_pair_step.j_symmetry_1 
_ndb_struct_na_base_pair_step.i_label_asym_id_2 
_ndb_struct_na_base_pair_step.i_label_comp_id_2 
_ndb_struct_na_base_pair_step.i_label_seq_id_2 
_ndb_struct_na_base_pair_step.i_symmetry_2 
_ndb_struct_na_base_pair_step.j_label_asym_id_2 
_ndb_struct_na_base_pair_step.j_label_comp_id_2 
_ndb_struct_na_base_pair_step.j_label_seq_id_2 
_ndb_struct_na_base_pair_step.j_symmetry_2 
_ndb_struct_na_base_pair_step.shift 
_ndb_struct_na_base_pair_step.slide 
_ndb_struct_na_base_pair_step.rise 
_ndb_struct_na_base_pair_step.tilt 
_ndb_struct_na_base_pair_step.roll 
_ndb_struct_na_base_pair_step.twist 
_ndb_struct_na_base_pair_step.x_displacement 
_ndb_struct_na_base_pair_step.y_displacement 
_ndb_struct_na_base_pair_step.helical_rise 
_ndb_struct_na_base_pair_step.inclination 
_ndb_struct_na_base_pair_step.tip 
_ndb_struct_na_base_pair_step.helical_twist 
_ndb_struct_na_base_pair_step.step_number 
_ndb_struct_na_base_pair_step.step_name 
_ndb_struct_na_base_pair_step.i_auth_asym_id_1 
_ndb_struct_na_base_pair_step.i_auth_seq_id_1 
_ndb_struct_na_base_pair_step.i_PDB_ins_code_1 
_ndb_struct_na_base_pair_step.j_auth_asym_id_1 
_ndb_struct_na_base_pair_step.j_auth_seq_id_1 
_ndb_struct_na_base_pair_step.j_PDB_ins_code_1 
_ndb_struct_na_base_pair_step.i_auth_asym_id_2 
_ndb_struct_na_base_pair_step.i_auth_seq_id_2 
_ndb_struct_na_base_pair_step.i_PDB_ins_code_2 
_ndb_struct_na_base_pair_step.j_auth_asym_id_2 
_ndb_struct_na_base_pair_step.j_auth_seq_id_2 
_ndb_struct_na_base_pair_step.j_PDB_ins_code_2 
1 A U 1  1_555 A A 18 7_556 A G 2  1_555 A C 17 7_556 -0.526 -1.616 3.346 -4.482 12.792 33.242 -4.368  0.246  2.615 21.292 7.460   
35.827 1  UU_U30G31:C46A47_UU U 30 ? U 47 ? U 31 ? U 46 ? 
1 A G 2  1_555 A C 17 7_556 A U 3  1_555 A A 16 7_556 -0.538 -1.173 3.363 -2.233 10.569 31.448 -3.786  0.575  2.861 18.817 3.975   
33.208 2  UU_G31U32:A45C46_UU U 31 ? U 46 ? U 32 ? U 45 ? 
1 A U 3  1_555 A A 16 7_556 A U 4  1_555 A A 15 7_556 0.420  -1.163 3.074 -0.797 4.586  33.088 -2.718  -0.852 2.880 8.003  1.392   
33.405 3  UU_U32U33:A44A45_UU U 32 ? U 45 ? U 33 ? U 44 ? 
1 A U 4  1_555 A A 15 7_556 A C 5  1_555 A G 14 7_556 0.659  -2.069 3.117 1.974  7.214  27.882 -5.570  -0.936 2.552 14.640 -4.006  
28.849 4  UU_U33C34:G43A44_UU U 33 ? U 44 ? U 34 ? U 43 ? 
1 A C 5  1_555 A G 14 7_556 A U 6  1_555 A A 13 7_556 -0.562 -1.939 3.449 -1.040 12.254 31.243 -5.278  0.812  2.547 21.727 1.845   
33.520 5  UU_C34U35:A42G43_UU U 34 ? U 43 ? U 35 ? U 42 ? 
1 A U 6  1_555 A A 13 7_556 A C 7  1_555 A A 12 7_556 -0.076 -1.111 3.347 -1.292 4.656  41.234 -2.065  -0.030 3.209 6.584  1.827   
41.504 6  UU_U35C36:A41A42_UU U 35 ? U 42 ? U 36 ? U 41 ? 
1 A C 7  1_555 A A 12 7_556 A U 8  1_555 A G 11 7_556 0.048  -1.745 3.013 5.957  7.120  30.615 -4.286  0.845  2.519 13.112 -10.969 
31.959 7  UU_C36U37:G40A41_UU U 36 ? U 41 ? U 37 ? U 40 ? 
1 A U 8  1_555 A G 11 7_556 A A 9  1_555 A C 10 7_556 1.440  -2.598 3.245 2.806  11.404 11.323 -14.876 -3.674 0.694 44.856 -11.038 
16.300 8  UU_U37A38:C39G40_UU U 37 ? U 40 ? U 38 ? U 39 ? 
1 A A 9  1_555 A C 10 7_556 A C 10 1_555 A A 9  7_556 0.000  -1.067 3.191 0.000  2.820  48.834 -1.495  0.000  3.129 3.408  0.000   
48.910 9  UU_A38C39:A38C39_UU U 38 ? U 39 ? U 39 ? U 38 ? 
1 A C 10 1_555 A A 9  7_556 A G 11 1_555 A U 8  7_556 -1.440 -2.598 3.245 -2.806 11.404 11.323 -14.876 3.674  0.694 44.856 11.038  
16.300 10 UU_C39G40:U37A38_UU U 39 ? U 38 ? U 40 ? U 37 ? 
1 A G 11 1_555 A U 8  7_556 A A 12 1_555 A C 7  7_556 -0.048 -1.745 3.013 -5.957 7.120  30.615 -4.286  -0.845 2.519 13.112 10.969  
31.959 11 UU_G40A41:C36U37_UU U 40 ? U 37 ? U 41 ? U 36 ? 
1 A A 12 1_555 A C 7  7_556 A A 13 1_555 A U 6  7_556 0.076  -1.111 3.347 1.292  4.656  41.234 -2.065  0.030  3.209 6.584  -1.827  
41.504 12 UU_A41A42:U35C36_UU U 41 ? U 36 ? U 42 ? U 35 ? 
1 A A 13 1_555 A U 6  7_556 A G 14 1_555 A C 5  7_556 0.562  -1.939 3.449 1.040  12.254 31.243 -5.278  -0.812 2.547 21.727 -1.845  
33.520 13 UU_A42G43:C34U35_UU U 42 ? U 35 ? U 43 ? U 34 ? 
1 A G 14 1_555 A C 5  7_556 A A 15 1_555 A U 4  7_556 -0.659 -2.069 3.117 -1.974 7.214  27.882 -5.570  0.936  2.552 14.640 4.006   
28.849 14 UU_G43A44:U33C34_UU U 43 ? U 34 ? U 44 ? U 33 ? 
1 A A 15 1_555 A U 4  7_556 A A 16 1_555 A U 3  7_556 -0.420 -1.163 3.074 0.797  4.586  33.088 -2.718  0.852  2.880 8.003  -1.392  
33.405 15 UU_A44A45:U32U33_UU U 44 ? U 33 ? U 45 ? U 32 ? 
1 A A 16 1_555 A U 3  7_556 A C 17 1_555 A G 2  7_556 0.538  -1.173 3.363 2.233  10.569 31.448 -3.786  -0.575 2.861 18.817 -3.975  
33.208 16 UU_A45C46:G31U32_UU U 45 ? U 32 ? U 46 ? U 31 ? 
1 A C 17 1_555 A G 2  7_556 A A 18 1_555 A U 1  7_556 0.526  -1.616 3.346 4.482  12.792 33.242 -4.368  -0.246 2.615 21.292 -7.460  
35.827 17 UU_C46A47:U30G31_UU U 46 ? U 31 ? U 47 ? U 30 ? 
# 
_pdbx_audit_support.funding_organization   ? 
_pdbx_audit_support.country                Germany 
_pdbx_audit_support.grant_number           ? 
_pdbx_audit_support.ordinal                1 
# 
_pdbx_initial_refinement_model.id               1 
_pdbx_initial_refinement_model.entity_id_list   ? 
_pdbx_initial_refinement_model.type             'experimental model' 
_pdbx_initial_refinement_model.source_name      PDB 
_pdbx_initial_refinement_model.accession_code   3TS0 
_pdbx_initial_refinement_model.details          ? 
# 
_atom_sites.entry_id                    5NXT 
_atom_sites.fract_transf_matrix[1][1]   -0.01138422 
_atom_sites.fract_transf_matrix[1][2]   0.00196598 
_atom_sites.fract_transf_matrix[1][3]   0.02291452 
_atom_sites.fract_transf_matrix[2][1]   -0.01145996 
_atom_sites.fract_transf_matrix[2][2]   0.02193275 
_atom_sites.fract_transf_matrix[2][3]   0.00679425 
_atom_sites.fract_transf_matrix[3][1]   -0.00910568 
_atom_sites.fract_transf_matrix[3][2]   -0.00344803 
_atom_sites.fract_transf_matrix[3][3]   -0.00422799 
_atom_sites.fract_transf_vector[1]      0.572248 
_atom_sites.fract_transf_vector[2]      0.594737 
_atom_sites.fract_transf_vector[3]      0.470945 
# 
loop_
_atom_type.symbol 
C 
H 
N 
O 
P 
# 
loop_
_atom_site.group_PDB 
_atom_site.id 
_atom_site.type_symbol 
_atom_site.label_atom_id 
_atom_site.label_alt_id 
_atom_site.label_comp_id 
_atom_site.label_asym_id 
_atom_site.label_entity_id 
_atom_site.label_seq_id 
_atom_site.pdbx_PDB_ins_code 
_atom_site.Cartn_x 
_atom_site.Cartn_y 
_atom_site.Cartn_z 
_atom_site.occupancy 
_atom_site.B_iso_or_equiv 
_atom_site.pdbx_formal_charge 
_atom_site.auth_seq_id 
_atom_site.auth_comp_id 
_atom_site.auth_asym_id 
_atom_site.auth_atom_id 
_atom_site.pdbx_PDB_model_num 
ATOM   1   O "O5'"  . U   A 1 1  ? -13.684 -9.542  -15.627 1.00 25.67 ? 30  U   U "O5'"  1 
ATOM   2   C "C5'"  . U   A 1 1  ? -13.241 -8.936  -16.842 1.00 21.44 ? 30  U   U "C5'"  1 
ATOM   3   C "C4'"  . U   A 1 1  ? -14.159 -7.820  -17.249 1.00 18.04 ? 30  U   U "C4'"  1 
ATOM   4   O "O4'"  . U   A 1 1  ? -15.536 -8.286  -17.362 1.00 17.61 ? 30  U   U "O4'"  1 
ATOM   5   C "C3'"  . U   A 1 1  ? -14.250 -6.668  -16.274 1.00 16.63 ? 30  U   U "C3'"  1 
ATOM   6   O "O3'"  . U   A 1 1  ? -13.143 -5.803  -16.417 1.00 16.65 ? 30  U   U "O3'"  1 
ATOM   7   C "C2'"  . U   A 1 1  ? -15.574 -6.038  -16.665 1.00 15.99 ? 30  U   U "C2'"  1 
ATOM   8   O "O2'"  . U   A 1 1  ? -15.430 -5.384  -17.909 1.00 15.82 ? 30  U   U "O2'"  1 
ATOM   9   C "C1'"  . U   A 1 1  ? -16.407 -7.278  -16.912 1.00 15.77 ? 30  U   U "C1'"  1 
ATOM   10  N N1     . U   A 1 1  ? -17.106 -7.768  -15.711 1.00 13.62 ? 30  U   U N1     1 
ATOM   11  C C2     . U   A 1 1  ? -18.249 -7.087  -15.370 1.00 14.81 ? 30  U   U C2     1 
ATOM   12  O O2     . U   A 1 1  ? -18.573 -6.076  -15.975 1.00 16.22 ? 30  U   U O2     1 
ATOM   13  N N3     . U   A 1 1  ? -18.951 -7.572  -14.296 1.00 14.00 ? 30  U   U N3     1 
ATOM   14  C C4     . U   A 1 1  ? -18.632 -8.695  -13.574 1.00 15.35 ? 30  U   U C4     1 
ATOM   15  O O4     . U   A 1 1  ? -19.350 -9.046  -12.638 1.00 17.81 ? 30  U   U O4     1 
ATOM   16  C C5     . U   A 1 1  ? -17.426 -9.353  -13.990 1.00 15.82 ? 30  U   U C5     1 
ATOM   17  C C6     . U   A 1 1  ? -16.714 -8.873  -15.013 1.00 13.73 ? 30  U   U C6     1 
ATOM   18  H "H5'"  . U   A 1 1  ? -13.222 -9.605  -17.544 1.00 25.72 ? 30  U   U "H5'"  1 
ATOM   19  H "H5''" . U   A 1 1  ? -12.346 -8.583  -16.714 1.00 25.72 ? 30  U   U "H5''" 1 
ATOM   20  H "H4'"  . U   A 1 1  ? -13.873 -7.479  -18.111 1.00 21.65 ? 30  U   U "H4'"  1 
ATOM   21  H "H3'"  . U   A 1 1  ? -14.297 -7.004  -15.366 1.00 19.96 ? 30  U   U "H3'"  1 
ATOM   22  H "H2'"  . U   A 1 1  ? -15.943 -5.469  -15.972 1.00 19.19 ? 30  U   U "H2'"  1 
ATOM   23  H "HO2'" . U   A 1 1  ? -14.970 -4.689  -17.801 1.00 18.98 ? 30  U   U "HO2'" 1 
ATOM   24  H "H1'"  . U   A 1 1  ? -17.059 -7.089  -17.604 1.00 18.92 ? 30  U   U "H1'"  1 
ATOM   25  H H3     . U   A 1 1  ? -19.664 -7.149  -14.069 1.00 16.79 ? 30  U   U H3     1 
ATOM   26  H H5     . U   A 1 1  ? -17.142 -10.121 -13.548 1.00 18.99 ? 30  U   U H5     1 
ATOM   27  H H6     . U   A 1 1  ? -15.964 -9.344  -15.300 1.00 16.48 ? 30  U   U H6     1 
ATOM   28  H "HO5'" . U   A 1 1  ? -13.186 -10.086 -15.223 1.00 30.81 ? 30  U   U "HO5'" 1 
ATOM   29  P P      . G   A 1 2  ? -12.638 -4.938  -15.166 1.00 16.27 ? 31  G   U P      1 
ATOM   30  O OP1    . G   A 1 2  ? -11.380 -4.351  -15.663 1.00 19.19 ? 31  G   U OP1    1 
ATOM   31  O OP2    . G   A 1 2  ? -12.711 -5.723  -13.924 1.00 16.08 ? 31  G   U OP2    1 
ATOM   32  O "O5'"  . G   A 1 2  ? -13.732 -3.800  -14.985 1.00 15.30 ? 31  G   U "O5'"  1 
ATOM   33  C "C5'"  . G   A 1 2  ? -13.930 -2.796  -15.961 1.00 15.63 ? 31  G   U "C5'"  1 
ATOM   34  C "C4'"  . G   A 1 2  ? -15.055 -1.891  -15.549 1.00 15.67 ? 31  G   U "C4'"  1 
ATOM   35  O "O4'"  . G   A 1 2  ? -16.293 -2.632  -15.515 1.00 15.85 ? 31  G   U "O4'"  1 
ATOM   36  C "C3'"  . G   A 1 2  ? -14.947 -1.332  -14.141 1.00 15.37 ? 31  G   U "C3'"  1 
ATOM   37  O "O3'"  . G   A 1 2  ? -14.044 -0.256  -14.084 1.00 17.34 ? 31  G   U "O3'"  1 
ATOM   38  C "C2'"  . G   A 1 2  ? -16.390 -0.967  -13.839 1.00 16.43 ? 31  G   U "C2'"  1 
ATOM   39  O "O2'"  . G   A 1 2  ? -16.765 0.199   -14.567 1.00 17.42 ? 31  G   U "O2'"  1 
ATOM   40  C "C1'"  . G   A 1 2  ? -17.112 -2.146  -14.460 1.00 15.38 ? 31  G   U "C1'"  1 
ATOM   41  N N9     . G   A 1 2  ? -17.348 -3.263  -13.527 1.00 13.48 ? 31  G   U N9     1 
ATOM   42  C C8     . G   A 1 2  ? -16.650 -4.446  -13.493 1.00 13.22 ? 31  G   U C8     1 
ATOM   43  N N7     . G   A 1 2  ? -17.083 -5.274  -12.585 1.00 12.97 ? 31  G   U N7     1 
ATOM   44  C C5     . G   A 1 2  ? -18.187 -4.595  -12.047 1.00 12.19 ? 31  G   U C5     1 
ATOM   45  C C6     . G   A 1 2  ? -19.109 -4.987  -11.043 1.00 11.25 ? 31  G   U C6     1 
ATOM   46  O O6     . G   A 1 2  ? -19.176 -6.081  -10.453 1.00 12.14 ? 31  G   U O6     1 
ATOM   47  N N1     . G   A 1 2  ? -20.023 -3.983  -10.757 1.00 12.63 ? 31  G   U N1     1 
ATOM   48  C C2     . G   A 1 2  ? -20.049 -2.763  -11.361 1.00 12.80 ? 31  G   U C2     1 
ATOM   49  N N2     . G   A 1 2  ? -21.026 -1.939  -10.944 1.00 12.95 ? 31  G   U N2     1 
ATOM   50  N N3     . G   A 1 2  ? -19.239 -2.387  -12.330 1.00 13.25 ? 31  G   U N3     1 
ATOM   51  C C4     . G   A 1 2  ? -18.346 -3.356  -12.608 1.00 12.64 ? 31  G   U C4     1 
ATOM   52  H "H5'"  . G   A 1 2  ? -14.147 -3.211  -16.811 1.00 18.75 ? 31  G   U "H5'"  1 
ATOM   53  H "H5''" . G   A 1 2  ? -13.117 -2.275  -16.057 1.00 18.75 ? 31  G   U "H5''" 1 
ATOM   54  H "H4'"  . G   A 1 2  ? -15.133 -1.160  -16.181 1.00 18.81 ? 31  G   U "H4'"  1 
ATOM   55  H "H3'"  . G   A 1 2  ? -14.657 -2.033  -13.536 1.00 18.45 ? 31  G   U "H3'"  1 
ATOM   56  H "H2'"  . G   A 1 2  ? -16.562 -0.888  -12.888 1.00 19.71 ? 31  G   U "H2'"  1 
ATOM   57  H "HO2'" . G   A 1 2  ? -16.554 0.879   -14.122 1.00 20.90 ? 31  G   U "HO2'" 1 
ATOM   58  H "H1'"  . G   A 1 2  ? -17.959 -1.846  -14.824 1.00 18.45 ? 31  G   U "H1'"  1 
ATOM   59  H H8     . G   A 1 2  ? -15.935 -4.633  -14.057 1.00 15.86 ? 31  G   U H8     1 
ATOM   60  H H1     . G   A 1 2  ? -20.608 -4.139  -10.145 1.00 15.15 ? 31  G   U H1     1 
ATOM   61  H H21    . G   A 1 2  ? -21.555 -2.185  -10.311 1.00 15.54 ? 31  G   U H21    1 
ATOM   62  H H22    . G   A 1 2  ? -21.122 -1.167  -11.309 1.00 15.54 ? 31  G   U H22    1 
ATOM   63  P P      . U   A 1 3  ? -13.196 0.005   -12.747 1.00 18.02 ? 32  U   U P      1 
ATOM   64  O OP1    . U   A 1 3  ? -12.178 1.061   -13.076 1.00 21.65 ? 32  U   U OP1    1 
ATOM   65  O OP2    . U   A 1 3  ? -12.783 -1.280  -12.111 1.00 20.07 ? 32  U   U OP2    1 
ATOM   66  O "O5'"  . U   A 1 3  ? -14.257 0.632   -11.754 1.00 18.64 ? 32  U   U "O5'"  1 
ATOM   67  C "C5'"  . U   A 1 3  ? -14.857 1.886   -12.012 1.00 18.76 ? 32  U   U "C5'"  1 
ATOM   68  C "C4'"  . U   A 1 3  ? -15.955 2.172   -11.018 1.00 19.39 ? 32  U   U "C4'"  1 
ATOM   69  O "O4'"  . U   A 1 3  ? -17.008 1.192   -11.158 1.00 18.38 ? 32  U   U "O4'"  1 
ATOM   70  C "C3'"  . U   A 1 3  ? -15.576 2.080   -9.552  1.00 20.32 ? 32  U   U "C3'"  1 
ATOM   71  O "O3'"  . U   A 1 3  ? -14.917 3.235   -9.092  1.00 24.64 ? 32  U   U "O3'"  1 
ATOM   72  C "C2'"  . U   A 1 3  ? -16.923 1.840   -8.900  1.00 19.89 ? 32  U   U "C2'"  1 
ATOM   73  O "O2'"  . U   A 1 3  ? -17.746 3.007   -8.947  1.00 21.05 ? 32  U   U "O2'"  1 
ATOM   74  C "C1'"  . U   A 1 3  ? -17.536 0.876   -9.883  1.00 17.40 ? 32  U   U "C1'"  1 
ATOM   75  N N1     . U   A 1 3  ? -17.268 -0.550  -9.576  1.00 16.17 ? 32  U   U N1     1 
ATOM   76  C C2     . U   A 1 3  ? -18.045 -1.131  -8.608  1.00 16.70 ? 32  U   U C2     1 
ATOM   77  O O2     . U   A 1 3  ? -18.862 -0.486  -7.972  1.00 17.70 ? 32  U   U O2     1 
ATOM   78  N N3     . U   A 1 3  ? -17.821 -2.469  -8.407  1.00 14.05 ? 32  U   U N3     1 
ATOM   79  C C4     . U   A 1 3  ? -16.929 -3.264  -9.083  1.00 14.87 ? 32  U   U C4     1 
ATOM   80  O O4     . U   A 1 3  ? -16.846 -4.446  -8.835  1.00 15.07 ? 32  U   U O4     1 
ATOM   81  C C5     . U   A 1 3  ? -16.136 -2.605  -10.051 1.00 15.90 ? 32  U   U C5     1 
ATOM   82  C C6     . U   A 1 3  ? -16.346 -1.303  -10.268 1.00 14.58 ? 32  U   U C6     1 
ATOM   83  H "H5'"  . U   A 1 3  ? -15.230 1.883   -12.908 1.00 22.51 ? 32  U   U "H5'"  1 
ATOM   84  H "H5''" . U   A 1 3  ? -14.182 2.581   -11.951 1.00 22.51 ? 32  U   U "H5''" 1 
ATOM   85  H "H4'"  . U   A 1 3  ? -16.318 3.054   -11.195 1.00 23.26 ? 32  U   U "H4'"  1 
ATOM   86  H "H3'"  . U   A 1 3  ? -15.008 1.306   -9.413  1.00 24.38 ? 32  U   U "H3'"  1 
ATOM   87  H "H2'"  . U   A 1 3  ? -16.849 1.464   -8.009  1.00 23.87 ? 32  U   U "H2'"  1 
ATOM   88  H "HO2'" . U   A 1 3  ? -17.442 3.578   -8.412  1.00 25.26 ? 32  U   U "HO2'" 1 
ATOM   89  H "H1'"  . U   A 1 3  ? -18.495 1.016   -9.899  1.00 20.88 ? 32  U   U "H1'"  1 
ATOM   90  H H3     . U   A 1 3  ? -18.301 -2.854  -7.805  1.00 16.87 ? 32  U   U H3     1 
ATOM   91  H H5     . U   A 1 3  ? -15.523 -3.079  -10.565 1.00 19.08 ? 32  U   U H5     1 
ATOM   92  H H6     . U   A 1 3  ? -15.854 -0.886  -10.938 1.00 17.50 ? 32  U   U H6     1 
ATOM   93  P P      . U   A 1 4  ? -13.763 3.066   -8.006  1.00 28.32 ? 33  U   U P      1 
ATOM   94  O OP1    . U   A 1 4  ? -13.180 4.428   -7.844  1.00 29.50 ? 33  U   U OP1    1 
ATOM   95  O OP2    . U   A 1 4  ? -12.905 1.870   -8.247  1.00 29.53 ? 33  U   U OP2    1 
ATOM   96  O "O5'"  . U   A 1 4  ? -14.563 2.739   -6.677  1.00 28.51 ? 33  U   U "O5'"  1 
ATOM   97  C "C5'"  . U   A 1 4  ? -15.565 3.624   -6.215  1.00 28.63 ? 33  U   U "C5'"  1 
ATOM   98  C "C4'"  . U   A 1 4  ? -16.379 3.007   -5.113  1.00 27.29 ? 33  U   U "C4'"  1 
ATOM   99  O "O4'"  . U   A 1 4  ? -17.149 1.900   -5.616  1.00 25.17 ? 33  U   U "O4'"  1 
ATOM   100 C "C3'"  . U   A 1 4  ? -15.584 2.413   -3.978  1.00 28.26 ? 33  U   U "C3'"  1 
ATOM   101 O "O3'"  . U   A 1 4  ? -15.136 3.412   -3.107  1.00 34.47 ? 33  U   U "O3'"  1 
ATOM   102 C "C2'"  . U   A 1 4  ? -16.569 1.430   -3.365  1.00 26.35 ? 33  U   U "C2'"  1 
ATOM   103 O "O2'"  . U   A 1 4  ? -17.559 2.079   -2.587  1.00 27.52 ? 33  U   U "O2'"  1 
ATOM   104 C "C1'"  . U   A 1 4  ? -17.241 0.899   -4.615  1.00 24.23 ? 33  U   U "C1'"  1 
ATOM   105 N N1     . U   A 1 4  ? -16.600 -0.330  -5.120  1.00 20.33 ? 33  U   U N1     1 
ATOM   106 C C2     . U   A 1 4  ? -17.015 -1.512  -4.563  1.00 20.57 ? 33  U   U C2     1 
ATOM   107 O O2     . U   A 1 4  ? -17.839 -1.541  -3.680  1.00 21.77 ? 33  U   U O2     1 
ATOM   108 N N3     . U   A 1 4  ? -16.434 -2.626  -5.070  1.00 17.85 ? 33  U   U N3     1 
ATOM   109 C C4     . U   A 1 4  ? -15.495 -2.675  -6.065  1.00 18.27 ? 33  U   U C4     1 
ATOM   110 O O4     . U   A 1 4  ? -15.066 -3.773  -6.430  1.00 17.76 ? 33  U   U O4     1 
ATOM   111 C C5     . U   A 1 4  ? -15.091 -1.396  -6.581  1.00 17.72 ? 33  U   U C5     1 
ATOM   112 C C6     . U   A 1 4  ? -15.645 -0.290  -6.091  1.00 19.72 ? 33  U   U C6     1 
ATOM   113 H "H5'"  . U   A 1 4  ? -16.152 3.851   -6.953  1.00 34.36 ? 33  U   U "H5'"  1 
ATOM   114 H "H5''" . U   A 1 4  ? -15.145 4.433   -5.884  1.00 34.36 ? 33  U   U "H5''" 1 
ATOM   115 H "H4'"  . U   A 1 4  ? -16.985 3.676   -4.755  1.00 32.75 ? 33  U   U "H4'"  1 
ATOM   116 H "H3'"  . U   A 1 4  ? -14.823 1.928   -4.335  1.00 33.91 ? 33  U   U "H3'"  1 
ATOM   117 H "H2'"  . U   A 1 4  ? -16.120 0.726   -2.872  1.00 31.62 ? 33  U   U "H2'"  1 
ATOM   118 H "HO2'" . U   A 1 4  ? -17.203 2.381   -1.888  1.00 33.03 ? 33  U   U "HO2'" 1 
ATOM   119 H "H1'"  . U   A 1 4  ? -18.176 0.719   -4.426  1.00 29.08 ? 33  U   U "H1'"  1 
ATOM   120 H H3     . U   A 1 4  ? -16.686 -3.378  -4.737  1.00 21.42 ? 33  U   U H3     1 
ATOM   121 H H5     . U   A 1 4  ? -14.463 -1.343  -7.264  1.00 21.27 ? 33  U   U H5     1 
ATOM   122 H H6     . U   A 1 4  ? -15.407 0.532   -6.455  1.00 23.67 ? 33  U   U H6     1 
ATOM   123 P P      . C   A 1 5  ? -13.890 3.143   -2.156  1.00 37.23 ? 34  C   U P      1 
ATOM   124 O OP1    . C   A 1 5  ? -13.596 4.375   -1.385  1.00 39.92 ? 34  C   U OP1    1 
ATOM   125 O OP2    . C   A 1 5  ? -12.792 2.339   -2.763  1.00 37.99 ? 34  C   U OP2    1 
ATOM   126 O "O5'"  . C   A 1 5  ? -14.595 2.200   -1.139  1.00 33.49 ? 34  C   U "O5'"  1 
ATOM   127 C "C5'"  . C   A 1 5  ? -13.902 1.151   -0.595  1.00 26.85 ? 34  C   U "C5'"  1 
ATOM   128 C "C4'"  . C   A 1 5  ? -14.857 0.274   0.111   1.00 25.46 ? 34  C   U "C4'"  1 
ATOM   129 O "O4'"  . C   A 1 5  ? -15.611 -0.488  -0.866  1.00 24.26 ? 34  C   U "O4'"  1 
ATOM   130 C "C3'"  . C   A 1 5  ? -14.133 -0.748  0.929   1.00 23.36 ? 34  C   U "C3'"  1 
ATOM   131 O "O3'"  . C   A 1 5  ? -13.872 -0.254  2.216   1.00 22.63 ? 34  C   U "O3'"  1 
ATOM   132 C "C2'"  . C   A 1 5  ? -15.054 -1.949  0.890   1.00 22.38 ? 34  C   U "C2'"  1 
ATOM   133 O "O2'"  . C   A 1 5  ? -16.086 -1.801  1.835   1.00 23.65 ? 34  C   U "O2'"  1 
ATOM   134 C "C1'"  . C   A 1 5  ? -15.638 -1.841  -0.514  1.00 22.23 ? 34  C   U "C1'"  1 
ATOM   135 N N1     . C   A 1 5  ? -14.853 -2.579  -1.532  1.00 20.08 ? 34  C   U N1     1 
ATOM   136 C C2     . C   A 1 5  ? -14.949 -3.975  -1.552  1.00 19.09 ? 34  C   U C2     1 
ATOM   137 O O2     . C   A 1 5  ? -15.652 -4.522  -0.694  1.00 19.11 ? 34  C   U O2     1 
ATOM   138 N N3     . C   A 1 5  ? -14.266 -4.696  -2.463  1.00 18.51 ? 34  C   U N3     1 
ATOM   139 C C4     . C   A 1 5  ? -13.529 -4.073  -3.362  1.00 19.39 ? 34  C   U C4     1 
ATOM   140 N N4     . C   A 1 5  ? -12.885 -4.810  -4.248  1.00 19.41 ? 34  C   U N4     1 
ATOM   141 C C5     . C   A 1 5  ? -13.378 -2.658  -3.369  1.00 20.98 ? 34  C   U C5     1 
ATOM   142 C C6     . C   A 1 5  ? -14.062 -1.954  -2.453  1.00 20.46 ? 34  C   U C6     1 
ATOM   143 H "H5'"  . C   A 1 5  ? -13.242 1.486   0.031   1.00 32.22 ? 34  C   U "H5'"  1 
ATOM   144 H "H5''" . C   A 1 5  ? -13.460 0.652   -1.300  1.00 32.22 ? 34  C   U "H5''" 1 
ATOM   145 H "H4'"  . C   A 1 5  ? -15.454 0.797   0.669   1.00 30.55 ? 34  C   U "H4'"  1 
ATOM   146 H "H3'"  . C   A 1 5  ? -13.295 -0.972  0.495   1.00 28.04 ? 34  C   U "H3'"  1 
ATOM   147 H "H2'"  . C   A 1 5  ? -14.567 -2.780  1.012   1.00 26.85 ? 34  C   U "H2'"  1 
ATOM   148 H "HO2'" . C   A 1 5  ? -16.813 -1.682  1.430   1.00 28.38 ? 34  C   U "HO2'" 1 
ATOM   149 H "H1'"  . C   A 1 5  ? -16.554 -2.159  -0.513  1.00 26.68 ? 34  C   U "H1'"  1 
ATOM   150 H H41    . C   A 1 5  ? -12.396 -4.433  -4.847  1.00 23.29 ? 34  C   U H41    1 
ATOM   151 H H42    . C   A 1 5  ? -12.956 -5.668  -4.228  1.00 23.29 ? 34  C   U H42    1 
ATOM   152 H H5     . C   A 1 5  ? -12.857 -2.234  -4.012  1.00 25.17 ? 34  C   U H5     1 
ATOM   153 H H6     . C   A 1 5  ? -14.004 -1.025  -2.453  1.00 24.55 ? 34  C   U H6     1 
ATOM   154 P P      . U   A 1 6  ? -12.516 -0.665  2.952   1.00 20.64 ? 35  U   U P      1 
ATOM   155 O OP1    . U   A 1 6  ? -12.491 0.127   4.225   1.00 23.20 ? 35  U   U OP1    1 
ATOM   156 O OP2    . U   A 1 6  ? -11.371 -0.605  2.016   1.00 21.91 ? 35  U   U OP2    1 
ATOM   157 O "O5'"  . U   A 1 6  ? -12.746 -2.197  3.292   1.00 18.29 ? 35  U   U "O5'"  1 
ATOM   158 C "C5'"  . U   A 1 6  ? -13.661 -2.600  4.292   1.00 17.75 ? 35  U   U "C5'"  1 
ATOM   159 C "C4'"  . U   A 1 6  ? -13.670 -4.099  4.398   1.00 17.02 ? 35  U   U "C4'"  1 
ATOM   160 O "O4'"  . U   A 1 6  ? -14.111 -4.705  3.142   1.00 17.67 ? 35  U   U "O4'"  1 
ATOM   161 C "C3'"  . U   A 1 6  ? -12.328 -4.759  4.642   1.00 16.89 ? 35  U   U "C3'"  1 
ATOM   162 O "O3'"  . U   A 1 6  ? -11.922 -4.676  5.977   1.00 16.88 ? 35  U   U "O3'"  1 
ATOM   163 C "C2'"  . U   A 1 6  ? -12.581 -6.182  4.187   1.00 16.46 ? 35  U   U "C2'"  1 
ATOM   164 O "O2'"  . U   A 1 6  ? -13.372 -6.866  5.147   1.00 16.34 ? 35  U   U "O2'"  1 
ATOM   165 C "C1'"  . U   A 1 6  ? -13.419 -5.932  2.950   1.00 16.50 ? 35  U   U "C1'"  1 
ATOM   166 N N1     . U   A 1 6  ? -12.639 -5.873  1.698   1.00 14.79 ? 35  U   U N1     1 
ATOM   167 C C2     . U   A 1 6  ? -12.293 -7.108  1.162   1.00 14.72 ? 35  U   U C2     1 
ATOM   168 O O2     . U   A 1 6  ? -12.474 -8.147  1.772   1.00 14.97 ? 35  U   U O2     1 
ATOM   169 N N3     . U   A 1 6  ? -11.669 -7.060  -0.048  1.00 13.47 ? 35  U   U N3     1 
ATOM   170 C C4     . U   A 1 6  ? -11.422 -5.912  -0.800  1.00 14.94 ? 35  U   U C4     1 
ATOM   171 O O4     . U   A 1 6  ? -10.909 -6.012  -1.919  1.00 14.53 ? 35  U   U O4     1 
ATOM   172 C C5     . U   A 1 6  ? -11.788 -4.661  -0.159  1.00 15.57 ? 35  U   U C5     1 
ATOM   173 C C6     . U   A 1 6  ? -12.402 -4.692  1.035   1.00 14.63 ? 35  U   U C6     1 
ATOM   174 H "H5'"  . U   A 1 6  ? -14.550 -2.287  4.058   1.00 21.30 ? 35  U   U "H5'"  1 
ATOM   175 H "H5''" . U   A 1 6  ? -13.398 -2.217  5.143   1.00 21.30 ? 35  U   U "H5''" 1 
ATOM   176 H "H4'"  . U   A 1 6  ? -14.282 -4.360  5.104   1.00 20.42 ? 35  U   U "H4'"  1 
ATOM   177 H "H3'"  . U   A 1 6  ? -11.657 -4.350  4.072   1.00 20.26 ? 35  U   U "H3'"  1 
ATOM   178 H "H2'"  . U   A 1 6  ? -11.758 -6.652  3.982   1.00 19.76 ? 35  U   U "H2'"  1 
ATOM   179 H "HO2'" . U   A 1 6  ? -14.141 -6.990  4.829   1.00 19.60 ? 35  U   U "HO2'" 1 
ATOM   180 H "H1'"  . U   A 1 6  ? -14.072 -6.645  2.873   1.00 19.80 ? 35  U   U "H1'"  1 
ATOM   181 H H3     . U   A 1 6  ? -11.445 -7.812  -0.401  1.00 16.16 ? 35  U   U H3     1 
ATOM   182 H H5     . U   A 1 6  ? -11.682 -3.855  -0.610  1.00 18.68 ? 35  U   U H5     1 
ATOM   183 H H6     . U   A 1 6  ? -12.703 -3.896  1.409   1.00 17.56 ? 35  U   U H6     1 
ATOM   184 P P      . C   A 1 7  ? -10.362 -4.507  6.324   1.00 17.77 ? 36  C   U P      1 
ATOM   185 O OP1    . C   A 1 7  ? -10.292 -4.323  7.795   1.00 18.29 ? 36  C   U OP1    1 
ATOM   186 O OP2    . C   A 1 7  ? -9.738  -3.532  5.400   1.00 19.88 ? 36  C   U OP2    1 
ATOM   187 O "O5'"  . C   A 1 7  ? -9.749  -5.920  5.942   1.00 16.03 ? 36  C   U "O5'"  1 
ATOM   188 C "C5'"  . C   A 1 7  ? -10.033 -7.076  6.703   1.00 14.35 ? 36  C   U "C5'"  1 
ATOM   189 C "C4'"  . C   A 1 7  ? -9.495  -8.300  6.017   1.00 13.82 ? 36  C   U "C4'"  1 
ATOM   190 O "O4'"  . C   A 1 7  ? -10.119 -8.463  4.714   1.00 13.90 ? 36  C   U "O4'"  1 
ATOM   191 C "C3'"  . C   A 1 7  ? -8.021  -8.311  5.707   1.00 13.93 ? 36  C   U "C3'"  1 
ATOM   192 O "O3'"  . C   A 1 7  ? -7.275  -8.613  6.854   1.00 14.11 ? 36  C   U "O3'"  1 
ATOM   193 C "C2'"  . C   A 1 7  ? -7.938  -9.372  4.638   1.00 13.92 ? 36  C   U "C2'"  1 
ATOM   194 O "O2'"  . C   A 1 7  ? -8.082  -10.662 5.212   1.00 13.62 ? 36  C   U "O2'"  1 
ATOM   195 C "C1'"  . C   A 1 7  ? -9.198  -9.048  3.825   1.00 14.16 ? 36  C   U "C1'"  1 
ATOM   196 N N1     . C   A 1 7  ? -8.926  -8.086  2.742   1.00 13.85 ? 36  C   U N1     1 
ATOM   197 C C2     . C   A 1 7  ? -8.384  -8.552  1.560   1.00 12.81 ? 36  C   U C2     1 
ATOM   198 O O2     . C   A 1 7  ? -8.170  -9.747  1.501   1.00 14.49 ? 36  C   U O2     1 
ATOM   199 N N3     . C   A 1 7  ? -8.123  -7.702  0.547   1.00 13.40 ? 36  C   U N3     1 
ATOM   200 C C4     . C   A 1 7  ? -8.386  -6.407  0.700   1.00 14.35 ? 36  C   U C4     1 
ATOM   201 N N4     . C   A 1 7  ? -8.121  -5.605  -0.326  1.00 14.60 ? 36  C   U N4     1 
ATOM   202 C C5     . C   A 1 7  ? -8.936  -5.882  1.907   1.00 14.14 ? 36  C   U C5     1 
ATOM   203 C C6     . C   A 1 7  ? -9.161  -6.752  2.910   1.00 13.12 ? 36  C   U C6     1 
ATOM   204 H "H5'"  . C   A 1 7  ? -10.993 -7.163  6.809   1.00 17.22 ? 36  C   U "H5'"  1 
ATOM   205 H "H5''" . C   A 1 7  ? -9.621  -6.992  7.578   1.00 17.22 ? 36  C   U "H5''" 1 
ATOM   206 H "H4'"  . C   A 1 7  ? -9.704  -9.076  6.560   1.00 16.59 ? 36  C   U "H4'"  1 
ATOM   207 H "H3'"  . C   A 1 7  ? -7.750  -7.451  5.346   1.00 16.72 ? 36  C   U "H3'"  1 
ATOM   208 H "H2'"  . C   A 1 7  ? -7.130  -9.291  4.107   1.00 16.70 ? 36  C   U "H2'"  1 
ATOM   209 H "HO2'" . C   A 1 7  ? -8.826  -10.980 4.987   1.00 16.34 ? 36  C   U "HO2'" 1 
ATOM   210 H "H1'"  . C   A 1 7  ? -9.571  -9.863  3.455   1.00 16.99 ? 36  C   U "H1'"  1 
ATOM   211 H H41    . C   A 1 7  ? -8.279  -4.761  -0.264  1.00 17.52 ? 36  C   U H41    1 
ATOM   212 H H42    . C   A 1 7  ? -7.793  -5.928  -1.052  1.00 17.52 ? 36  C   U H42    1 
ATOM   213 H H5     . C   A 1 7  ? -9.110  -4.974  2.004   1.00 16.97 ? 36  C   U H5     1 
ATOM   214 H H6     . C   A 1 7  ? -9.539  -6.448  3.703   1.00 15.74 ? 36  C   U H6     1 
ATOM   215 P P      . U   A 1 8  ? -5.817  -7.993  7.078   1.00 15.63 ? 37  U   U P      1 
ATOM   216 O OP1    . U   A 1 8  ? -5.529  -8.333  8.507   1.00 14.83 ? 37  U   U OP1    1 
ATOM   217 O OP2    . U   A 1 8  ? -5.762  -6.603  6.594   1.00 15.37 ? 37  U   U OP2    1 
ATOM   218 O "O5'"  . U   A 1 8  ? -4.877  -8.838  6.126   1.00 14.52 ? 37  U   U "O5'"  1 
ATOM   219 C "C5'"  . U   A 1 8  ? -4.758  -10.240 6.282   1.00 14.12 ? 37  U   U "C5'"  1 
ATOM   220 C "C4'"  . U   A 1 8  ? -4.200  -10.877 5.042   1.00 14.19 ? 37  U   U "C4'"  1 
ATOM   221 O "O4'"  . U   A 1 8  ? -5.096  -10.635 3.942   1.00 12.83 ? 37  U   U "O4'"  1 
ATOM   222 C "C3'"  . U   A 1 8  ? -2.899  -10.335 4.535   1.00 13.80 ? 37  U   U "C3'"  1 
ATOM   223 O "O3'"  . U   A 1 8  ? -1.836  -10.871 5.268   1.00 15.79 ? 37  U   U "O3'"  1 
ATOM   224 C "C2'"  . U   A 1 8  ? -2.917  -10.780 3.083   1.00 12.98 ? 37  U   U "C2'"  1 
ATOM   225 O "O2'"  . U   A 1 8  ? -2.679  -12.178 2.981   1.00 13.77 ? 37  U   U "O2'"  1 
ATOM   226 C "C1'"  . U   A 1 8  ? -4.370  -10.531 2.740   1.00 13.47 ? 37  U   U "C1'"  1 
ATOM   227 N N1     . U   A 1 8  ? -4.570  -9.186  2.178   1.00 13.11 ? 37  U   U N1     1 
ATOM   228 C C2     . U   A 1 8  ? -4.380  -9.088  0.807   1.00 13.65 ? 37  U   U C2     1 
ATOM   229 O O2     . U   A 1 8  ? -4.046  -10.040 0.105   1.00 14.14 ? 37  U   U O2     1 
ATOM   230 N N3     . U   A 1 8  ? -4.609  -7.830  0.304   1.00 13.47 ? 37  U   U N3     1 
ATOM   231 C C4     . U   A 1 8  ? -4.954  -6.713  1.006   1.00 14.36 ? 37  U   U C4     1 
ATOM   232 O O4     . U   A 1 8  ? -5.124  -5.663  0.404   1.00 16.42 ? 37  U   U O4     1 
ATOM   233 C C5     . U   A 1 8  ? -5.185  -6.912  2.397   1.00 15.18 ? 37  U   U C5     1 
ATOM   234 C C6     . U   A 1 8  ? -4.969  -8.110  2.937   1.00 14.59 ? 37  U   U C6     1 
ATOM   235 H "H5'"  . U   A 1 8  ? -5.633  -10.615 6.467   1.00 16.94 ? 37  U   U "H5'"  1 
ATOM   236 H "H5''" . U   A 1 8  ? -4.167  -10.427 7.029   1.00 16.94 ? 37  U   U "H5''" 1 
ATOM   237 H "H4'"  . U   A 1 8  ? -4.116  -11.834 5.182   1.00 17.03 ? 37  U   U "H4'"  1 
ATOM   238 H "H3'"  . U   A 1 8  ? -2.895  -9.366  4.590   1.00 16.56 ? 37  U   U "H3'"  1 
ATOM   239 H "H2'"  . U   A 1 8  ? -2.316  -10.258 2.530   1.00 15.57 ? 37  U   U "H2'"  1 
ATOM   240 H "HO2'" . U   A 1 8  ? -1.874  -12.332 3.169   1.00 16.52 ? 37  U   U "HO2'" 1 
ATOM   241 H "H1'"  . U   A 1 8  ? -4.679  -11.201 2.111   1.00 16.16 ? 37  U   U "H1'"  1 
ATOM   242 H H3     . U   A 1 8  ? -4.478  -7.726  -0.540  1.00 16.16 ? 37  U   U H3     1 
ATOM   243 H H5     . U   A 1 8  ? -5.423  -6.194  2.938   1.00 18.22 ? 37  U   U H5     1 
ATOM   244 H H6     . U   A 1 8  ? -5.096  -8.224  3.850   1.00 17.51 ? 37  U   U H6     1 
ATOM   245 P P      . A   A 1 9  ? -0.370  -10.224 5.223   1.00 20.34 ? 38  A   U P      1 
ATOM   246 O OP1    . A   A 1 9  ? 0.424   -11.145 6.110   1.00 22.23 ? 38  A   U OP1    1 
ATOM   247 O OP2    . A   A 1 9  ? -0.517  -8.756  5.398   1.00 21.05 ? 38  A   U OP2    1 
ATOM   248 O "O5'"  . A   A 1 9  ? 0.070   -10.207 3.681   1.00 20.56 ? 38  A   U "O5'"  1 
ATOM   249 C "C5'"  . A   A 1 9  ? 1.040   -11.074 3.246   1.00 22.47 ? 38  A   U "C5'"  1 
ATOM   250 C "C4'"  . A   A 1 9  ? 1.216   -11.053 1.763   1.00 16.74 ? 38  A   U "C4'"  1 
ATOM   251 O "O4'"  . A   A 1 9  ? -0.007  -10.776 1.030   1.00 16.22 ? 38  A   U "O4'"  1 
ATOM   252 C "C3'"  . A   A 1 9  ? 2.173   -10.077 1.155   1.00 13.88 ? 38  A   U "C3'"  1 
ATOM   253 O "O3'"  . A   A 1 9  ? 3.494   -10.403 1.466   1.00 15.71 ? 38  A   U "O3'"  1 
ATOM   254 C "C2'"  . A   A 1 9  ? 1.873   -10.285 -0.302  1.00 13.15 ? 38  A   U "C2'"  1 
ATOM   255 O "O2'"  . A   A 1 9  ? 2.348   -11.568 -0.697  1.00 14.70 ? 38  A   U "O2'"  1 
ATOM   256 C "C1'"  . A   A 1 9  ? 0.350   -10.326 -0.254  1.00 14.69 ? 38  A   U "C1'"  1 
ATOM   257 N N9     . A   A 1 9  ? -0.239  -9.002  -0.465  1.00 14.64 ? 38  A   U N9     1 
ATOM   258 C C8     . A   A 1 9  ? -0.866  -8.190  0.429   1.00 16.30 ? 38  A   U C8     1 
ATOM   259 N N7     . A   A 1 9  ? -1.288  -7.065  -0.100  1.00 17.11 ? 38  A   U N7     1 
ATOM   260 C C5     . A   A 1 9  ? -0.906  -7.148  -1.424  1.00 15.55 ? 38  A   U C5     1 
ATOM   261 C C6     . A   A 1 9  ? -1.046  -6.281  -2.511  1.00 16.32 ? 38  A   U C6     1 
ATOM   262 N N6     . A   A 1 9  ? -1.644  -5.087  -2.431  1.00 17.12 ? 38  A   U N6     1 
ATOM   263 N N1     . A   A 1 9  ? -0.523  -6.639  -3.694  1.00 15.10 ? 38  A   U N1     1 
ATOM   264 C C2     . A   A 1 9  ? 0.091   -7.830  -3.769  1.00 15.23 ? 38  A   U C2     1 
ATOM   265 N N3     . A   A 1 9  ? 0.259   -8.736  -2.820  1.00 13.39 ? 38  A   U N3     1 
ATOM   266 C C4     . A   A 1 9  ? -0.239  -8.309  -1.652  1.00 14.42 ? 38  A   U C4     1 
ATOM   267 H "H5'"  . A   A 1 9  ? 0.800   -11.973 3.518   1.00 26.97 ? 38  A   U "H5'"  1 
ATOM   268 H "H5''" . A   A 1 9  ? 1.882   -10.835 3.663   1.00 26.97 ? 38  A   U "H5''" 1 
ATOM   269 H "H4'"  . A   A 1 9  ? 1.511   -11.940 1.504   1.00 20.09 ? 38  A   U "H4'"  1 
ATOM   270 H "H3'"  . A   A 1 9  ? 1.963   -9.169  1.426   1.00 16.66 ? 38  A   U "H3'"  1 
ATOM   271 H "H2'"  . A   A 1 9  ? 2.211   -9.567  -0.860  1.00 15.78 ? 38  A   U "H2'"  1 
ATOM   272 H "HO2'" . A   A 1 9  ? 3.188   -11.552 -0.725  1.00 17.64 ? 38  A   U "HO2'" 1 
ATOM   273 H "H1'"  . A   A 1 9  ? 0.017   -10.943 -0.923  1.00 17.62 ? 38  A   U "H1'"  1 
ATOM   274 H H8     . A   A 1 9  ? -1.006  -8.422  1.319   1.00 19.55 ? 38  A   U H8     1 
ATOM   275 H H61    . A   A 1 9  ? -1.683  -4.579  -3.123  1.00 20.54 ? 38  A   U H61    1 
ATOM   276 H H62    . A   A 1 9  ? -1.989  -4.828  -1.687  1.00 20.54 ? 38  A   U H62    1 
ATOM   277 H H2     . A   A 1 9  ? 0.419   -8.061  -4.608  1.00 18.28 ? 38  A   U H2     1 
ATOM   278 P P      . C   A 1 10 ? 4.587   -9.259  1.782   1.00 17.83 ? 39  C   U P      1 
ATOM   279 O OP1    . C   A 1 10 ? 5.794   -10.056 2.159   1.00 21.16 ? 39  C   U OP1    1 
ATOM   280 O OP2    . C   A 1 10 ? 4.005   -8.211  2.633   1.00 19.85 ? 39  C   U OP2    1 
ATOM   281 O "O5'"  . C   A 1 10 ? 4.813   -8.589  0.357   1.00 17.93 ? 39  C   U "O5'"  1 
ATOM   282 C "C5'"  . C   A 1 10 ? 5.264   -9.329  -0.761  1.00 18.01 ? 39  C   U "C5'"  1 
ATOM   283 C "C4'"  . C   A 1 10 ? 5.119   -8.529  -2.023  1.00 18.05 ? 39  C   U "C4'"  1 
ATOM   284 O "O4'"  . C   A 1 10 ? 3.718   -8.303  -2.267  1.00 17.53 ? 39  C   U "O4'"  1 
ATOM   285 C "C3'"  . C   A 1 10 ? 5.710   -7.126  -2.028  1.00 18.57 ? 39  C   U "C3'"  1 
ATOM   286 O "O3'"  . C   A 1 10 ? 7.104   -7.102  -2.252  1.00 20.96 ? 39  C   U "O3'"  1 
ATOM   287 C "C2'"  . C   A 1 10 ? 4.917   -6.457  -3.135  1.00 18.96 ? 39  C   U "C2'"  1 
ATOM   288 O "O2'"  . C   A 1 10 ? 5.369   -6.908  -4.392  1.00 22.14 ? 39  C   U "O2'"  1 
ATOM   289 C "C1'"  . C   A 1 10 ? 3.532   -7.048  -2.884  1.00 18.38 ? 39  C   U "C1'"  1 
ATOM   290 N N1     . C   A 1 10 ? 2.737   -6.188  -1.990  1.00 16.59 ? 39  C   U N1     1 
ATOM   291 C C2     . C   A 1 10 ? 2.176   -5.039  -2.576  1.00 16.69 ? 39  C   U C2     1 
ATOM   292 O O2     . C   A 1 10 ? 2.369   -4.877  -3.798  1.00 18.98 ? 39  C   U O2     1 
ATOM   293 N N3     . C   A 1 10 ? 1.448   -4.190  -1.819  1.00 18.50 ? 39  C   U N3     1 
ATOM   294 C C4     . C   A 1 10 ? 1.290   -4.468  -0.513  1.00 17.86 ? 39  C   U C4     1 
ATOM   295 N N4     . C   A 1 10 ? 0.560   -3.634  0.239   1.00 20.33 ? 39  C   U N4     1 
ATOM   296 C C5     . C   A 1 10 ? 1.869   -5.610  0.100   1.00 18.15 ? 39  C   U C5     1 
ATOM   297 C C6     . C   A 1 10 ? 2.583   -6.439  -0.664  1.00 17.08 ? 39  C   U C6     1 
ATOM   298 H "H5'"  . C   A 1 10 ? 4.742   -10.143 -0.837  1.00 21.61 ? 39  C   U "H5'"  1 
ATOM   299 H "H5''" . C   A 1 10 ? 6.198   -9.560  -0.635  1.00 21.61 ? 39  C   U "H5''" 1 
ATOM   300 H "H4'"  . C   A 1 10 ? 5.493   -9.033  -2.763  1.00 21.65 ? 39  C   U "H4'"  1 
ATOM   301 H "H3'"  . C   A 1 10 ? 5.512   -6.691  -1.183  1.00 22.29 ? 39  C   U "H3'"  1 
ATOM   302 H "H2'"  . C   A 1 10 ? 4.923   -5.489  -3.061  1.00 22.75 ? 39  C   U "H2'"  1 
ATOM   303 H "HO2'" . C   A 1 10 ? 6.131   -6.588  -4.541  1.00 26.57 ? 39  C   U "HO2'" 1 
ATOM   304 H "H1'"  . C   A 1 10 ? 3.067   -7.164  -3.726  1.00 22.06 ? 39  C   U "H1'"  1 
ATOM   305 H H41    . C   A 1 10 ? 0.448   -3.797  1.077   1.00 24.40 ? 39  C   U H41    1 
ATOM   306 H H42    . C   A 1 10 ? 0.203   -2.936  -0.114  1.00 24.40 ? 39  C   U H42    1 
ATOM   307 H H5     . C   A 1 10 ? 1.744   -5.781  1.005   1.00 21.78 ? 39  C   U H5     1 
ATOM   308 H H6     . C   A 1 10 ? 2.971   -7.197  -0.288  1.00 20.50 ? 39  C   U H6     1 
ATOM   309 P P      . G   A 1 11 ? 8.012   -5.786  -1.971  1.00 22.10 ? 40  G   U P      1 
ATOM   310 O OP1    . G   A 1 11 ? 9.392   -6.306  -1.720  1.00 24.68 ? 40  G   U OP1    1 
ATOM   311 O OP2    . G   A 1 11 ? 7.395   -4.957  -0.907  1.00 23.48 ? 40  G   U OP2    1 
ATOM   312 O "O5'"  . G   A 1 11 ? 7.980   -5.000  -3.346  1.00 21.01 ? 40  G   U "O5'"  1 
ATOM   313 C "C5'"  . G   A 1 11 ? 8.584   -5.543  -4.494  1.00 20.12 ? 40  G   U "C5'"  1 
ATOM   314 C "C4'"  . G   A 1 11 ? 8.405   -4.621  -5.664  1.00 18.28 ? 40  G   U "C4'"  1 
ATOM   315 O "O4'"  . G   A 1 11 ? 7.000   -4.517  -5.963  1.00 18.59 ? 40  G   U "O4'"  1 
ATOM   316 C "C3'"  . G   A 1 11 ? 8.820   -3.185  -5.471  1.00 16.55 ? 40  G   U "C3'"  1 
ATOM   317 O "O3'"  . G   A 1 11 ? 10.231  -3.025  -5.554  1.00 16.74 ? 40  G   U "O3'"  1 
ATOM   318 C "C2'"  . G   A 1 11 ? 8.034   -2.509  -6.585  1.00 16.77 ? 40  G   U "C2'"  1 
ATOM   319 O "O2'"  . G   A 1 11 ? 8.571   -2.833  -7.847  1.00 20.25 ? 40  G   U "O2'"  1 
ATOM   320 C "C1'"  . G   A 1 11 ? 6.711   -3.238  -6.473  1.00 17.12 ? 40  G   U "C1'"  1 
ATOM   321 N N9     . G   A 1 11 ? 5.844   -2.523  -5.537  1.00 15.63 ? 40  G   U N9     1 
ATOM   322 C C8     . G   A 1 11 ? 5.470   -2.892  -4.273  1.00 16.39 ? 40  G   U C8     1 
ATOM   323 N N7     . G   A 1 11 ? 4.699   -2.018  -3.676  1.00 15.93 ? 40  G   U N7     1 
ATOM   324 C C5     . G   A 1 11 ? 4.606   -1.000  -4.630  1.00 14.85 ? 40  G   U C5     1 
ATOM   325 C C6     . G   A 1 11 ? 3.887   0.203   -4.542  1.00 13.18 ? 40  G   U C6     1 
ATOM   326 O O6     . G   A 1 11 ? 3.218   0.603   -3.573  1.00 14.08 ? 40  G   U O6     1 
ATOM   327 N N1     . G   A 1 11 ? 4.031   0.961   -5.692  1.00 12.66 ? 40  G   U N1     1 
ATOM   328 C C2     . G   A 1 11 ? 4.754   0.592   -6.798  1.00 13.11 ? 40  G   U C2     1 
ATOM   329 N N2     . G   A 1 11 ? 4.816   1.483   -7.804  1.00 13.49 ? 40  G   U N2     1 
ATOM   330 N N3     . G   A 1 11 ? 5.430   -0.540  -6.901  1.00 15.04 ? 40  G   U N3     1 
ATOM   331 C C4     . G   A 1 11 ? 5.297   -1.288  -5.778  1.00 14.63 ? 40  G   U C4     1 
ATOM   332 H "H5'"  . G   A 1 11 ? 8.177   -6.400  -4.696  1.00 24.14 ? 40  G   U "H5'"  1 
ATOM   333 H "H5''" . G   A 1 11 ? 9.532   -5.669  -4.328  1.00 24.14 ? 40  G   U "H5''" 1 
ATOM   334 H "H4'"  . G   A 1 11 ? 8.869   -4.988  -6.432  1.00 21.94 ? 40  G   U "H4'"  1 
ATOM   335 H "H3'"  . G   A 1 11 ? 8.505   -2.868  -4.610  1.00 19.86 ? 40  G   U "H3'"  1 
ATOM   336 H "H2'"  . G   A 1 11 ? 7.942   -1.553  -6.448  1.00 20.13 ? 40  G   U "H2'"  1 
ATOM   337 H "HO2'" . G   A 1 11 ? 9.329   -3.180  -7.742  1.00 24.30 ? 40  G   U "HO2'" 1 
ATOM   338 H "H1'"  . G   A 1 11 ? 6.287   -3.307  -7.342  1.00 20.55 ? 40  G   U "H1'"  1 
ATOM   339 H H8     . G   A 1 11 ? 5.709   -3.704  -3.888  1.00 19.67 ? 40  G   U H8     1 
ATOM   340 H H1     . G   A 1 11 ? 3.637   1.725   -5.714  1.00 15.20 ? 40  G   U H1     1 
ATOM   341 H H21    . G   A 1 11 ? 4.382   2.222   -7.752  1.00 16.19 ? 40  G   U H21    1 
ATOM   342 H H22    . G   A 1 11 ? 5.290   1.311   -8.501  1.00 16.19 ? 40  G   U H22    1 
ATOM   343 P P      . A   A 1 12 ? 10.973  -1.807  -4.803  1.00 17.69 ? 41  A   U P      1 
ATOM   344 O OP1    . A   A 1 12 ? 12.440  -1.970  -5.043  1.00 19.15 ? 41  A   U OP1    1 
ATOM   345 O OP2    . A   A 1 12 ? 10.465  -1.686  -3.431  1.00 19.87 ? 41  A   U OP2    1 
ATOM   346 O "O5'"  . A   A 1 12 ? 10.419  -0.540  -5.574  1.00 15.14 ? 41  A   U "O5'"  1 
ATOM   347 C "C5'"  . A   A 1 12 ? 10.884  -0.260  -6.876  1.00 14.40 ? 41  A   U "C5'"  1 
ATOM   348 C "C4'"  . A   A 1 12 ? 10.395  1.080   -7.335  1.00 14.28 ? 41  A   U "C4'"  1 
ATOM   349 O "O4'"  . A   A 1 12 ? 8.946   1.136   -7.397  1.00 14.92 ? 41  A   U "O4'"  1 
ATOM   350 C "C3'"  . A   A 1 12 ? 10.738  2.214   -6.404  1.00 13.89 ? 41  A   U "C3'"  1 
ATOM   351 O "O3'"  . A   A 1 12 ? 12.098  2.584   -6.501  1.00 14.47 ? 41  A   U "O3'"  1 
ATOM   352 C "C2'"  . A   A 1 12 ? 9.770   3.279   -6.862  1.00 15.22 ? 41  A   U "C2'"  1 
ATOM   353 O "O2'"  . A   A 1 12 ? 10.196  3.774   -8.115  1.00 16.00 ? 41  A   U "O2'"  1 
ATOM   354 C "C1'"  . A   A 1 12 ? 8.518   2.441   -7.074  1.00 14.58 ? 41  A   U "C1'"  1 
ATOM   355 N N9     . A   A 1 12 ? 7.707   2.378   -5.857  1.00 13.99 ? 41  A   U N9     1 
ATOM   356 C C8     . A   A 1 12 ? 7.603   1.344   -4.945  1.00 14.83 ? 41  A   U C8     1 
ATOM   357 N N7     . A   A 1 12 ? 6.802   1.571   -3.928  1.00 12.52 ? 41  A   U N7     1 
ATOM   358 C C5     . A   A 1 12 ? 6.338   2.853   -4.212  1.00 12.14 ? 41  A   U C5     1 
ATOM   359 C C6     . A   A 1 12 ? 5.459   3.671   -3.515  1.00 11.27 ? 41  A   U C6     1 
ATOM   360 N N6     . A   A 1 12 ? 4.849   3.289   -2.405  1.00 12.72 ? 41  A   U N6     1 
ATOM   361 N N1     . A   A 1 12 ? 5.171   4.875   -4.019  1.00 12.37 ? 41  A   U N1     1 
ATOM   362 C C2     . A   A 1 12 ? 5.772   5.264   -5.149  1.00 13.94 ? 41  A   U C2     1 
ATOM   363 N N3     . A   A 1 12 ? 6.634   4.588   -5.898  1.00 14.09 ? 41  A   U N3     1 
ATOM   364 C C4     . A   A 1 12 ? 6.863   3.364   -5.377  1.00 13.54 ? 41  A   U C4     1 
ATOM   365 H "H5'"  . A   A 1 12 ? 10.561  -0.944  -7.486  1.00 17.27 ? 41  A   U "H5'"  1 
ATOM   366 H "H5''" . A   A 1 12 ? 11.854  -0.264  -6.878  1.00 17.27 ? 41  A   U "H5''" 1 
ATOM   367 H "H4'"  . A   A 1 12 ? 10.759  1.269   -8.214  1.00 17.13 ? 41  A   U "H4'"  1 
ATOM   368 H "H3'"  . A   A 1 12 ? 10.534  1.959   -5.490  1.00 16.67 ? 41  A   U "H3'"  1 
ATOM   369 H "H2'"  . A   A 1 12 ? 9.643   3.977   -6.201  1.00 18.26 ? 41  A   U "H2'"  1 
ATOM   370 H "HO2'" . A   A 1 12 ? 10.888  4.238   -8.005  1.00 19.20 ? 41  A   U "HO2'" 1 
ATOM   371 H "H1'"  . A   A 1 12 ? 7.993   2.807   -7.804  1.00 17.49 ? 41  A   U "H1'"  1 
ATOM   372 H H8     . A   A 1 12 ? 8.073   0.548   -5.041  1.00 17.80 ? 41  A   U H8     1 
ATOM   373 H H61    . A   A 1 12 ? 4.282   3.812   -2.023  1.00 15.26 ? 41  A   U H61    1 
ATOM   374 H H62    . A   A 1 12 ? 5.020   2.518   -2.064  1.00 15.26 ? 41  A   U H62    1 
ATOM   375 H H2     . A   A 1 12 ? 5.547   6.112   -5.454  1.00 16.73 ? 41  A   U H2     1 
ATOM   376 P P      . A   A 1 13 ? 12.878  3.154   -5.211  1.00 16.04 ? 42  A   U P      1 
ATOM   377 O OP1    . A   A 1 13 ? 14.284  3.268   -5.708  1.00 18.97 ? 42  A   U OP1    1 
ATOM   378 O OP2    . A   A 1 13 ? 12.549  2.356   -4.013  1.00 17.20 ? 42  A   U OP2    1 
ATOM   379 O "O5'"  . A   A 1 13 ? 12.244  4.580   -4.954  1.00 15.05 ? 42  A   U "O5'"  1 
ATOM   380 C "C5'"  . A   A 1 13 ? 12.364  5.603   -5.922  1.00 14.61 ? 42  A   U "C5'"  1 
ATOM   381 C "C4'"  . A   A 1 13 ? 11.450  6.749   -5.603  1.00 13.35 ? 42  A   U "C4'"  1 
ATOM   382 O "O4'"  . A   A 1 13 ? 10.101  6.250   -5.556  1.00 13.56 ? 42  A   U "O4'"  1 
ATOM   383 C "C3'"  . A   A 1 13 ? 11.637  7.378   -4.246  1.00 13.33 ? 42  A   U "C3'"  1 
ATOM   384 O "O3'"  . A   A 1 13 ? 12.704  8.314   -4.262  1.00 14.69 ? 42  A   U "O3'"  1 
ATOM   385 C "C2'"  . A   A 1 13 ? 10.279  7.994   -3.977  1.00 13.08 ? 42  A   U "C2'"  1 
ATOM   386 O "O2'"  . A   A 1 13 ? 10.108  9.180   -4.728  1.00 14.12 ? 42  A   U "O2'"  1 
ATOM   387 C "C1'"  . A   A 1 13 ? 9.367   6.911   -4.549  1.00 12.43 ? 42  A   U "C1'"  1 
ATOM   388 N N9     . A   A 1 13 ? 8.983   5.926   -3.512  1.00 12.41 ? 42  A   U N9     1 
ATOM   389 C C8     . A   A 1 13 ? 9.485   4.673   -3.280  1.00 14.46 ? 42  A   U C8     1 
ATOM   390 N N7     . A   A 1 13 ? 8.946   4.053   -2.249  1.00 13.69 ? 42  A   U N7     1 
ATOM   391 C C5     . A   A 1 13 ? 8.029   4.973   -1.773  1.00 12.11 ? 42  A   U C5     1 
ATOM   392 C C6     . A   A 1 13 ? 7.153   4.926   -0.680  1.00 13.63 ? 42  A   U C6     1 
ATOM   393 N N6     . A   A 1 13 ? 7.070   3.868   0.128   1.00 14.56 ? 42  A   U N6     1 
ATOM   394 N N1     . A   A 1 13 ? 6.379   5.992   -0.445  1.00 13.98 ? 42  A   U N1     1 
ATOM   395 C C2     . A   A 1 13 ? 6.482   7.042   -1.269  1.00 13.15 ? 42  A   U C2     1 
ATOM   396 N N3     . A   A 1 13 ? 7.294   7.201   -2.326  1.00 13.72 ? 42  A   U N3     1 
ATOM   397 C C4     . A   A 1 13 ? 8.045   6.122   -2.528  1.00 12.60 ? 42  A   U C4     1 
ATOM   398 H "H5'"  . A   A 1 13 ? 12.135  5.245   -6.794  1.00 17.54 ? 42  A   U "H5'"  1 
ATOM   399 H "H5''" . A   A 1 13 ? 13.281  5.921   -5.939  1.00 17.54 ? 42  A   U "H5''" 1 
ATOM   400 H "H4'"  . A   A 1 13 ? 11.523  7.428   -6.291  1.00 16.02 ? 42  A   U "H4'"  1 
ATOM   401 H "H3'"  . A   A 1 13 ? 11.818  6.688   -3.588  1.00 16.00 ? 42  A   U "H3'"  1 
ATOM   402 H "H2'"  . A   A 1 13 ? 10.124  8.134   -3.030  1.00 15.70 ? 42  A   U "H2'"  1 
ATOM   403 H "HO2'" . A   A 1 13 ? 10.608  9.777   -4.414  1.00 16.95 ? 42  A   U "HO2'" 1 
ATOM   404 H "H1'"  . A   A 1 13 ? 8.573   7.315   -4.931  1.00 14.91 ? 42  A   U "H1'"  1 
ATOM   405 H H8     . A   A 1 13 ? 10.145  4.288   -3.812  1.00 17.35 ? 42  A   U H8     1 
ATOM   406 H H61    . A   A 1 13 ? 6.523   3.875   0.792   1.00 17.48 ? 42  A   U H61    1 
ATOM   407 H H62    . A   A 1 13 ? 7.564   3.178   -0.015  1.00 17.48 ? 42  A   U H62    1 
ATOM   408 H H2     . A   A 1 13 ? 5.930   7.765   -1.073  1.00 15.78 ? 42  A   U H2     1 
ATOM   409 P P      . G   A 1 14 ? 13.706  8.446   -3.012  1.00 15.85 ? 43  G   U P      1 
ATOM   410 O OP1    . G   A 1 14 ? 14.730  9.444   -3.426  1.00 16.95 ? 43  G   U OP1    1 
ATOM   411 O OP2    . G   A 1 14 ? 14.114  7.113   -2.558  1.00 18.58 ? 43  G   U OP2    1 
ATOM   412 O "O5'"  . G   A 1 14 ? 12.795  9.029   -1.852  1.00 15.63 ? 43  G   U "O5'"  1 
ATOM   413 C "C5'"  . G   A 1 14 ? 12.304  10.348  -1.986  1.00 14.35 ? 43  G   U "C5'"  1 
ATOM   414 C "C4'"  . G   A 1 14 ? 11.277  10.708  -0.949  1.00 14.13 ? 43  G   U "C4'"  1 
ATOM   415 O "O4'"  . G   A 1 14 ? 10.106  9.867   -1.094  1.00 15.22 ? 43  G   U "O4'"  1 
ATOM   416 C "C3'"  . G   A 1 14 ? 11.639  10.512  0.500   1.00 13.82 ? 43  G   U "C3'"  1 
ATOM   417 O "O3'"  . G   A 1 14 ? 12.528  11.506  0.964   1.00 15.86 ? 43  G   U "O3'"  1 
ATOM   418 C "C2'"  . G   A 1 14 ? 10.271  10.573  1.150   1.00 15.88 ? 43  G   U "C2'"  1 
ATOM   419 O "O2'"  . G   A 1 14 ? 9.783   11.908  1.109   1.00 15.71 ? 43  G   U "O2'"  1 
ATOM   420 C "C1'"  . G   A 1 14 ? 9.464   9.738   0.159   1.00 16.72 ? 43  G   U "C1'"  1 
ATOM   421 N N9     . G   A 1 14 ? 9.477   8.324   0.570   1.00 14.84 ? 43  G   U N9     1 
ATOM   422 C C8     . G   A 1 14 ? 10.183  7.298   0.024   1.00 16.94 ? 43  G   U C8     1 
ATOM   423 N N7     . G   A 1 14 ? 10.019  6.175   0.669   1.00 17.26 ? 43  G   U N7     1 
ATOM   424 C C5     . G   A 1 14 ? 9.114   6.469   1.678   1.00 16.70 ? 43  G   U C5     1 
ATOM   425 C C6     . G   A 1 14 ? 8.555   5.650   2.701   1.00 17.81 ? 43  G   U C6     1 
ATOM   426 O O6     . G   A 1 14 ? 8.751   4.458   2.910   1.00 18.33 ? 43  G   U O6     1 
ATOM   427 N N1     . G   A 1 14 ? 7.691   6.360   3.517   1.00 16.93 ? 43  G   U N1     1 
ATOM   428 C C2     . G   A 1 14 ? 7.422   7.694   3.405   1.00 18.03 ? 43  G   U C2     1 
ATOM   429 N N2     . G   A 1 14 ? 6.575   8.234   4.303   1.00 18.57 ? 43  G   U N2     1 
ATOM   430 N N3     . G   A 1 14 ? 7.957   8.474   2.477   1.00 16.36 ? 43  G   U N3     1 
ATOM   431 C C4     . G   A 1 14 ? 8.781   7.794   1.643   1.00 15.53 ? 43  G   U C4     1 
ATOM   432 H "H5'"  . G   A 1 14 ? 11.904  10.444  -2.865  1.00 17.22 ? 43  G   U "H5'"  1 
ATOM   433 H "H5''" . G   A 1 14 ? 13.048  10.966  -1.915  1.00 17.22 ? 43  G   U "H5''" 1 
ATOM   434 H "H4'"  . G   A 1 14 ? 11.014  11.632  -1.080  1.00 16.96 ? 43  G   U "H4'"  1 
ATOM   435 H "H3'"  . G   A 1 14 ? 12.028  9.632   0.628   1.00 16.59 ? 43  G   U "H3'"  1 
ATOM   436 H "H2'"  . G   A 1 14 ? 10.266  10.196  2.042   1.00 19.06 ? 43  G   U "H2'"  1 
ATOM   437 H "HO2'" . G   A 1 14 ? 10.436  12.437  1.095   1.00 18.86 ? 43  G   U "HO2'" 1 
ATOM   438 H "H1'"  . G   A 1 14 ? 8.552   10.065  0.106   1.00 20.06 ? 43  G   U "H1'"  1 
ATOM   439 H H8     . G   A 1 14 ? 10.754  7.395   -0.702  1.00 20.33 ? 43  G   U H8     1 
ATOM   440 H H1     . G   A 1 14 ? 7.319   5.933   4.164   1.00 20.32 ? 43  G   U H1     1 
ATOM   441 H H21    . G   A 1 14 ? 6.220   7.740   4.911   1.00 22.29 ? 43  G   U H21    1 
ATOM   442 H H22    . G   A 1 14 ? 6.388   9.073   4.268   1.00 22.29 ? 43  G   U H22    1 
ATOM   443 P P      . A   A 1 15 ? 13.419  11.266  2.276   1.00 18.35 ? 44  A   U P      1 
ATOM   444 O OP1    . A   A 1 15 ? 14.257  12.485  2.406   1.00 21.26 ? 44  A   U OP1    1 
ATOM   445 O OP2    . A   A 1 15 ? 14.001  9.931   2.232   1.00 19.76 ? 44  A   U OP2    1 
ATOM   446 O "O5'"  . A   A 1 15 ? 12.383  11.233  3.467   1.00 17.78 ? 44  A   U "O5'"  1 
ATOM   447 C "C5'"  . A   A 1 15 ? 11.675  12.418  3.777   1.00 17.16 ? 44  A   U "C5'"  1 
ATOM   448 C "C4'"  . A   A 1 15 ? 10.803  12.234  4.972   1.00 15.38 ? 44  A   U "C4'"  1 
ATOM   449 O "O4'"  . A   A 1 15 ? 9.816   11.217  4.699   1.00 17.26 ? 44  A   U "O4'"  1 
ATOM   450 C "C3'"  . A   A 1 15 ? 11.480  11.748  6.227   1.00 14.48 ? 44  A   U "C3'"  1 
ATOM   451 O "O3'"  . A   A 1 15 ? 12.135  12.791  6.912   1.00 14.15 ? 44  A   U "O3'"  1 
ATOM   452 C "C2'"  . A   A 1 15 ? 10.319  11.184  7.002   1.00 16.98 ? 44  A   U "C2'"  1 
ATOM   453 O "O2'"  . A   A 1 15 ? 9.568   12.257  7.540   1.00 18.83 ? 44  A   U "O2'"  1 
ATOM   454 C "C1'"  . A   A 1 15 ? 9.525   10.527  5.893   1.00 16.70 ? 44  A   U "C1'"  1 
ATOM   455 N N9     . A   A 1 15 ? 9.885   9.125   5.682   1.00 17.53 ? 44  A   U N9     1 
ATOM   456 C C8     . A   A 1 15 ? 10.659  8.582   4.684   1.00 18.04 ? 44  A   U C8     1 
ATOM   457 N N7     . A   A 1 15 ? 10.739  7.281   4.736   1.00 17.99 ? 44  A   U N7     1 
ATOM   458 C C5     . A   A 1 15 ? 9.980   6.951   5.846   1.00 17.36 ? 44  A   U C5     1 
ATOM   459 C C6     . A   A 1 15 ? 9.655   5.730   6.435   1.00 16.38 ? 44  A   U C6     1 
ATOM   460 N N6     . A   A 1 15 ? 10.081  4.564   5.953   1.00 17.83 ? 44  A   U N6     1 
ATOM   461 N N1     . A   A 1 15 ? 8.901   5.750   7.542   1.00 16.77 ? 44  A   U N1     1 
ATOM   462 C C2     . A   A 1 15 ? 8.457   6.909   8.003   1.00 17.42 ? 44  A   U C2     1 
ATOM   463 N N3     . A   A 1 15 ? 8.666   8.126   7.530   1.00 17.95 ? 44  A   U N3     1 
ATOM   464 C C4     . A   A 1 15 ? 9.433   8.067   6.433   1.00 17.64 ? 44  A   U C4     1 
ATOM   465 H "H5'"  . A   A 1 15 ? 11.125  12.666  3.018   1.00 20.59 ? 44  A   U "H5'"  1 
ATOM   466 H "H5''" . A   A 1 15 ? 12.311  13.129  3.954   1.00 20.59 ? 44  A   U "H5''" 1 
ATOM   467 H "H4'"  . A   A 1 15 ? 10.349  13.069  5.162   1.00 18.46 ? 44  A   U "H4'"  1 
ATOM   468 H "H3'"  . A   A 1 15 ? 12.110  11.042  6.014   1.00 17.38 ? 44  A   U "H3'"  1 
ATOM   469 H "H2'"  . A   A 1 15 ? 10.602  10.550  7.679   1.00 20.38 ? 44  A   U "H2'"  1 
ATOM   470 H "HO2'" . A   A 1 15 ? 8.835   12.308  7.133   1.00 22.60 ? 44  A   U "HO2'" 1 
ATOM   471 H "H1'"  . A   A 1 15 ? 8.576   10.596  6.085   1.00 20.04 ? 44  A   U "H1'"  1 
ATOM   472 H H8     . A   A 1 15 ? 11.054  9.090   4.014   1.00 21.64 ? 44  A   U H8     1 
ATOM   473 H H61    . A   A 1 15 ? 9.871   3.831   6.352   1.00 21.39 ? 44  A   U H61    1 
ATOM   474 H H62    . A   A 1 15 ? 10.565  4.544   5.243   1.00 21.39 ? 44  A   U H62    1 
ATOM   475 H H2     . A   A 1 15 ? 7.913   6.859   8.756   1.00 20.91 ? 44  A   U H2     1 
ATOM   476 P P      . A   A 1 16 ? 13.418  12.470  7.842   1.00 15.34 ? 45  A   U P      1 
ATOM   477 O OP1    . A   A 1 16 ? 14.038  13.785  8.137   1.00 17.51 ? 45  A   U OP1    1 
ATOM   478 O OP2    . A   A 1 16 ? 14.242  11.392  7.272   1.00 15.10 ? 45  A   U OP2    1 
ATOM   479 O "O5'"  . A   A 1 16 ? 12.770  11.843  9.140   1.00 14.98 ? 45  A   U "O5'"  1 
ATOM   480 C "C5'"  . A   A 1 16 ? 11.978  12.637  10.001  1.00 15.56 ? 45  A   U "C5'"  1 
ATOM   481 C "C4'"  . A   A 1 16 ? 11.360  11.801  11.077  1.00 15.72 ? 45  A   U "C4'"  1 
ATOM   482 O "O4'"  . A   A 1 16 ? 10.514  10.793  10.466  1.00 16.08 ? 45  A   U "O4'"  1 
ATOM   483 C "C3'"  . A   A 1 16 ? 12.330  10.998  11.917  1.00 17.00 ? 45  A   U "C3'"  1 
ATOM   484 O "O3'"  . A   A 1 16 ? 12.973  11.769  12.929  1.00 17.74 ? 45  A   U "O3'"  1 
ATOM   485 C "C2'"  . A   A 1 16 ? 11.445  9.881   12.434  1.00 15.62 ? 45  A   U "C2'"  1 
ATOM   486 O "O2'"  . A   A 1 16 ? 10.582  10.345  13.467  1.00 17.23 ? 45  A   U "O2'"  1 
ATOM   487 C "C1'"  . A   A 1 16 ? 10.593  9.596   11.206  1.00 15.03 ? 45  A   U "C1'"  1 
ATOM   488 N N9     . A   A 1 16 ? 11.170  8.557   10.344  1.00 13.26 ? 45  A   U N9     1 
ATOM   489 C C8     . A   A 1 16 ? 11.990  8.751   9.268   1.00 13.71 ? 45  A   U C8     1 
ATOM   490 N N7     . A   A 1 16 ? 12.327  7.626   8.683   1.00 13.66 ? 45  A   U N7     1 
ATOM   491 C C5     . A   A 1 16 ? 11.685  6.643   9.435   1.00 13.22 ? 45  A   U C5     1 
ATOM   492 C C6     . A   A 1 16 ? 11.646  5.243   9.308   1.00 13.45 ? 45  A   U C6     1 
ATOM   493 N N6     . A   A 1 16 ? 12.285  4.572   8.361   1.00 14.49 ? 45  A   U N6     1 
ATOM   494 N N1     . A   A 1 16 ? 10.944  4.554   10.231  1.00 12.90 ? 45  A   U N1     1 
ATOM   495 C C2     . A   A 1 16 ? 10.307  5.256   11.173  1.00 14.95 ? 45  A   U C2     1 
ATOM   496 N N3     . A   A 1 16 ? 10.238  6.565   11.387  1.00 14.51 ? 45  A   U N3     1 
ATOM   497 C C4     . A   A 1 16 ? 10.973  7.204   10.467  1.00 12.26 ? 45  A   U C4     1 
ATOM   498 H "H5'"  . A   A 1 16 ? 11.275  13.063  9.487   1.00 18.67 ? 45  A   U "H5'"  1 
ATOM   499 H "H5''" . A   A 1 16 ? 12.534  13.320  10.408  1.00 18.67 ? 45  A   U "H5''" 1 
ATOM   500 H "H4'"  . A   A 1 16 ? 10.823  12.365  11.655  1.00 18.86 ? 45  A   U "H4'"  1 
ATOM   501 H "H3'"  . A   A 1 16 ? 13.007  10.616  11.336  1.00 20.40 ? 45  A   U "H3'"  1 
ATOM   502 H "H2'"  . A   A 1 16 ? 11.960  9.105   12.705  1.00 18.75 ? 45  A   U "H2'"  1 
ATOM   503 H "HO2'" . A   A 1 16 ? 11.039  10.507  14.154  1.00 20.68 ? 45  A   U "HO2'" 1 
ATOM   504 H "H1'"  . A   A 1 16 ? 9.702   9.330   11.483  1.00 18.03 ? 45  A   U "H1'"  1 
ATOM   505 H H8     . A   A 1 16 ? 12.260  9.589   8.969   1.00 16.45 ? 45  A   U H8     1 
ATOM   506 H H61    . A   A 1 16 ? 12.248  3.714   8.341   1.00 17.39 ? 45  A   U H61    1 
ATOM   507 H H62    . A   A 1 16 ? 12.737  4.997   7.764   1.00 17.39 ? 45  A   U H62    1 
ATOM   508 H H2     . A   A 1 16 ? 9.814   4.741   11.769  1.00 17.95 ? 45  A   U H2     1 
ATOM   509 P P      . C   A 1 17 ? 14.524  11.504  13.266  1.00 20.03 ? 46  C   U P      1 
ATOM   510 O OP1    . C   A 1 17 ? 14.915  12.594  14.183  1.00 22.96 ? 46  C   U OP1    1 
ATOM   511 O OP2    . C   A 1 17 ? 15.290  11.266  12.025  1.00 20.41 ? 46  C   U OP2    1 
ATOM   512 O "O5'"  . C   A 1 17 ? 14.535  10.132  14.066  1.00 17.19 ? 46  C   U "O5'"  1 
ATOM   513 C "C5'"  . C   A 1 17 ? 13.869  10.048  15.308  1.00 16.14 ? 46  C   U "C5'"  1 
ATOM   514 C "C4'"  . C   A 1 17 ? 13.558  8.626   15.695  1.00 15.71 ? 46  C   U "C4'"  1 
ATOM   515 O "O4'"  . C   A 1 17 ? 12.760  8.013   14.655  1.00 15.43 ? 46  C   U "O4'"  1 
ATOM   516 C "C3'"  . C   A 1 17 ? 14.726  7.684   15.839  1.00 15.06 ? 46  C   U "C3'"  1 
ATOM   517 O "O3'"  . C   A 1 17 ? 15.409  7.879   17.059  1.00 17.84 ? 46  C   U "O3'"  1 
ATOM   518 C "C2'"  . C   A 1 17 ? 14.042  6.345   15.708  1.00 14.64 ? 46  C   U "C2'"  1 
ATOM   519 O "O2'"  . C   A 1 17 ? 13.275  6.091   16.863  1.00 16.22 ? 46  C   U "O2'"  1 
ATOM   520 C "C1'"  . C   A 1 17 ? 13.069  6.642   14.575  1.00 14.02 ? 46  C   U "C1'"  1 
ATOM   521 N N1     . C   A 1 17 ? 13.660  6.348   13.262  1.00 13.19 ? 46  C   U N1     1 
ATOM   522 C C2     . C   A 1 17 ? 13.674  5.009   12.852  1.00 13.38 ? 46  C   U C2     1 
ATOM   523 O O2     . C   A 1 17 ? 13.210  4.126   13.606  1.00 14.08 ? 46  C   U O2     1 
ATOM   524 N N3     . C   A 1 17 ? 14.205  4.721   11.652  1.00 12.06 ? 46  C   U N3     1 
ATOM   525 C C4     . C   A 1 17 ? 14.711  5.655   10.862  1.00 12.22 ? 46  C   U C4     1 
ATOM   526 N N4     . C   A 1 17 ? 15.197  5.264   9.681   1.00 12.40 ? 46  C   U N4     1 
ATOM   527 C C5     . C   A 1 17 ? 14.692  7.021   11.242  1.00 12.62 ? 46  C   U C5     1 
ATOM   528 C C6     . C   A 1 17 ? 14.172  7.327   12.448  1.00 12.04 ? 46  C   U C6     1 
ATOM   529 H "H5'"  . C   A 1 17 ? 13.039  10.548  15.253  1.00 19.37 ? 46  C   U "H5'"  1 
ATOM   530 H "H5''" . C   A 1 17 ? 14.431  10.444  15.992  1.00 19.37 ? 46  C   U "H5''" 1 
ATOM   531 H "H4'"  . C   A 1 17 ? 13.051  8.628   16.521  1.00 18.86 ? 46  C   U "H4'"  1 
ATOM   532 H "H3'"  . C   A 1 17 ? 15.340  7.809   15.098  1.00 18.08 ? 46  C   U "H3'"  1 
ATOM   533 H "H2'"  . C   A 1 17 ? 14.658  5.628   15.493  1.00 17.57 ? 46  C   U "H2'"  1 
ATOM   534 H "HO2'" . C   A 1 17 ? 13.793  5.925   17.504  1.00 19.46 ? 46  C   U "HO2'" 1 
ATOM   535 H "H1'"  . C   A 1 17 ? 12.262  6.118   14.694  1.00 16.83 ? 46  C   U "H1'"  1 
ATOM   536 H H41    . C   A 1 17 ? 15.534  5.843   9.141   1.00 14.89 ? 46  C   U H41    1 
ATOM   537 H H42    . C   A 1 17 ? 15.173  4.434   9.460   1.00 14.89 ? 46  C   U H42    1 
ATOM   538 H H5     . C   A 1 17 ? 15.042  7.680   10.687  1.00 15.15 ? 46  C   U H5     1 
ATOM   539 H H6     . C   A 1 17 ? 14.150  8.214   12.727  1.00 14.45 ? 46  C   U H6     1 
ATOM   540 P P      . A   A 1 18 ? 16.991  7.731   17.089  1.00 21.34 ? 47  A   U P      1 
ATOM   541 O OP1    . A   A 1 18 ? 17.374  8.148   18.460  1.00 24.47 ? 47  A   U OP1    1 
ATOM   542 O OP2    . A   A 1 18 ? 17.593  8.370   15.913  1.00 24.87 ? 47  A   U OP2    1 
ATOM   543 O "O5'"  . A   A 1 18 ? 17.228  6.176   16.898  1.00 18.58 ? 47  A   U "O5'"  1 
ATOM   544 C "C5'"  . A   A 1 18 ? 16.795  5.260   17.884  1.00 17.67 ? 47  A   U "C5'"  1 
ATOM   545 C "C4'"  . A   A 1 18 ? 16.991  3.843   17.424  1.00 14.99 ? 47  A   U "C4'"  1 
ATOM   546 O "O4'"  . A   A 1 18 ? 16.223  3.596   16.220  1.00 14.18 ? 47  A   U "O4'"  1 
ATOM   547 C "C3'"  . A   A 1 18 ? 18.400  3.436   17.040  1.00 15.15 ? 47  A   U "C3'"  1 
ATOM   548 O "O3'"  . A   A 1 18 ? 19.196  3.152   18.168  1.00 15.80 ? 47  A   U "O3'"  1 
ATOM   549 C "C2'"  . A   A 1 18 ? 18.153  2.219   16.160  1.00 14.73 ? 47  A   U "C2'"  1 
ATOM   550 O "O2'"  . A   A 1 18 ? 17.850  1.097   16.963  1.00 15.88 ? 47  A   U "O2'"  1 
ATOM   551 C "C1'"  . A   A 1 18 ? 16.875  2.627   15.429  1.00 14.63 ? 47  A   U "C1'"  1 
ATOM   552 N N9     . A   A 1 18 ? 17.149  3.204   14.103  1.00 14.40 ? 47  A   U N9     1 
ATOM   553 C C8     . A   A 1 18 ? 17.272  4.525   13.748  1.00 15.73 ? 47  A   U C8     1 
ATOM   554 N N7     . A   A 1 18 ? 17.541  4.705   12.474  1.00 14.89 ? 47  A   U N7     1 
ATOM   555 C C5     . A   A 1 18 ? 17.595  3.407   11.971  1.00 13.88 ? 47  A   U C5     1 
ATOM   556 C C6     . A   A 1 18 ? 17.844  2.891   10.680  1.00 15.25 ? 47  A   U C6     1 
ATOM   557 N N6     . A   A 1 18 ? 18.049  3.662   9.615   1.00 15.62 ? 47  A   U N6     1 
ATOM   558 N N1     . A   A 1 18 ? 17.842  1.555   10.529  1.00 14.31 ? 47  A   U N1     1 
ATOM   559 C C2     . A   A 1 18 ? 17.596  0.804   11.587  1.00 13.87 ? 47  A   U C2     1 
ATOM   560 N N3     . A   A 1 18 ? 17.369  1.170   12.845  1.00 13.44 ? 47  A   U N3     1 
ATOM   561 C C4     . A   A 1 18 ? 17.370  2.490   12.965  1.00 14.57 ? 47  A   U C4     1 
ATOM   562 H "H5'"  . A   A 1 18 ? 15.854  5.409   18.066  1.00 21.20 ? 47  A   U "H5'"  1 
ATOM   563 H "H5''" . A   A 1 18 ? 17.304  5.404   18.697  1.00 21.20 ? 47  A   U "H5''" 1 
ATOM   564 H "H4'"  . A   A 1 18 ? 16.675  3.247   18.119  1.00 17.99 ? 47  A   U "H4'"  1 
ATOM   565 H "H3'"  . A   A 1 18 ? 18.813  4.140   16.516  1.00 18.17 ? 47  A   U "H3'"  1 
ATOM   566 H "HO3'" . A   A 1 18 ? 19.534  2.389   18.262  1.00 18.96 ? 47  A   U "HO3'" 1 
ATOM   567 H "H2'"  . A   A 1 18 ? 18.887  2.051   15.549  1.00 17.67 ? 47  A   U "H2'"  1 
ATOM   568 H "HO2'" . A   A 1 18 ? 18.544  0.860   17.373  1.00 19.05 ? 47  A   U "HO2'" 1 
ATOM   569 H "H1'"  . A   A 1 18 ? 16.299  1.853   15.329  1.00 17.56 ? 47  A   U "H1'"  1 
ATOM   570 H H8     . A   A 1 18 ? 17.166  5.227   14.349  1.00 18.87 ? 47  A   U H8     1 
ATOM   571 H H61    . A   A 1 18 ? 18.179  3.304   8.845   1.00 18.75 ? 47  A   U H61    1 
ATOM   572 H H62    . A   A 1 18 ? 18.053  4.518   9.698   1.00 18.75 ? 47  A   U H62    1 
ATOM   573 H H2     . A   A 1 18 ? 17.608  -0.113  11.435  1.00 16.64 ? 47  A   U H2     1 
HETATM 574 O O      . HOH B 2 .  ? 13.009  5.862   -0.692  1.00 33.49 ? 101 HOH U O      1 
HETATM 575 O O      . HOH B 2 .  ? 6.606   -12.299 1.314   1.00 46.24 ? 102 HOH U O      1 
HETATM 576 O O      . HOH B 2 .  ? 2.372   -12.823 6.270   0.29 34.50 ? 103 HOH U O      1 
HETATM 577 O O      . HOH B 2 .  ? -17.925 -8.322  -10.004 1.00 32.18 ? 104 HOH U O      1 
HETATM 578 O O      . HOH B 2 .  ? 9.572   8.596   15.133  1.00 32.58 ? 105 HOH U O      1 
HETATM 579 O O      . HOH B 2 .  ? -18.532 1.704   -13.340 1.00 26.24 ? 106 HOH U O      1 
HETATM 580 O O      . HOH B 2 .  ? -14.983 -6.243  -9.321  1.00 31.56 ? 107 HOH U O      1 
HETATM 581 O O      . HOH B 2 .  ? -17.562 -4.151  -18.844 1.00 24.62 ? 108 HOH U O      1 
HETATM 582 O O      . HOH B 2 .  ? -9.869  -2.282  -15.035 1.00 31.69 ? 109 HOH U O      1 
HETATM 583 O O      . HOH B 2 .  ? -9.431  -1.033  6.198   1.00 48.15 ? 110 HOH U O      1 
HETATM 584 O O      . HOH B 2 .  ? -9.463  -4.672  -3.711  1.00 29.58 ? 111 HOH U O      1 
HETATM 585 O O      . HOH B 2 .  ? -7.463  -12.795 3.732   1.00 31.83 ? 112 HOH U O      1 
HETATM 586 O O      . HOH B 2 .  ? 7.470   -5.532  1.705   1.00 36.82 ? 113 HOH U O      1 
HETATM 587 O O      . HOH B 2 .  ? 11.242  3.212   3.940   1.00 48.66 ? 114 HOH U O      1 
HETATM 588 O O      . HOH B 2 .  ? -7.559  -7.925  10.224  1.00 28.40 ? 115 HOH U O      1 
HETATM 589 O O      . HOH B 2 .  ? 7.192   9.875   8.965   1.00 44.27 ? 116 HOH U O      1 
HETATM 590 O O      . HOH B 2 .  ? -1.631  -7.147  3.530   1.00 32.24 ? 117 HOH U O      1 
HETATM 591 O O      . HOH B 2 .  ? 14.041  0.279   -3.115  1.00 45.67 ? 118 HOH U O      1 
HETATM 592 O O      . HOH B 2 .  ? -19.857 -4.058  -17.258 1.00 43.77 ? 119 HOH U O      1 
HETATM 593 O O      . HOH B 2 .  ? 3.826   -1.390  -1.182  1.00 20.76 ? 120 HOH U O      1 
HETATM 594 O O      . HOH B 2 .  ? 7.508   11.433  2.526   1.00 24.61 ? 121 HOH U O      1 
HETATM 595 O O      . HOH B 2 .  ? -13.459 -10.649 2.230   1.00 14.77 ? 122 HOH U O      1 
HETATM 596 O O      . HOH B 2 .  ? 14.820  15.084  13.073  1.00 43.28 ? 123 HOH U O      1 
HETATM 597 O O      . HOH B 2 .  ? 18.373  7.034   11.320  1.00 37.54 ? 124 HOH U O      1 
HETATM 598 O O      . HOH B 2 .  ? -13.115 -3.937  -8.336  1.00 30.99 ? 125 HOH U O      1 
HETATM 599 O O      . HOH B 2 .  ? -9.454  -2.593  2.844   1.00 24.21 ? 126 HOH U O      1 
HETATM 600 O O      . HOH B 2 .  ? 2.373   -10.857 8.014   1.00 34.52 ? 127 HOH U O      1 
HETATM 601 O O      . HOH B 2 .  ? -10.840 -1.501  -0.523  1.00 22.67 ? 128 HOH U O      1 
HETATM 602 O O      . HOH B 2 .  ? -13.896 -8.067  -13.124 1.00 46.20 ? 129 HOH U O      1 
HETATM 603 O O      . HOH B 2 .  ? -20.480 2.891   -9.171  1.00 33.00 ? 130 HOH U O      1 
HETATM 604 O O      . HOH B 2 .  ? 13.461  14.966  1.518   1.00 41.80 ? 131 HOH U O      1 
HETATM 605 O O      . HOH B 2 .  ? -3.236  -5.852  5.770   1.00 38.49 ? 132 HOH U O      1 
HETATM 606 O O      . HOH B 2 .  ? 12.388  5.442   3.496   1.00 38.87 ? 133 HOH U O      1 
HETATM 607 O O      . HOH B 2 .  ? 10.660  6.996   17.081  1.00 29.45 ? 134 HOH U O      1 
HETATM 608 O O      . HOH B 2 .  ? 17.836  -0.875  14.668  1.00 27.68 ? 135 HOH U O      1 
HETATM 609 O O      . HOH B 2 .  ? -15.750 -7.461  -11.501 1.00 31.08 ? 136 HOH U O      1 
HETATM 610 O O      . HOH B 2 .  ? 8.356   7.100   13.366  1.00 39.45 ? 137 HOH U O      1 
HETATM 611 O O      . HOH B 2 .  ? -13.286 -3.985  -11.688 1.00 21.78 ? 138 HOH U O      1 
HETATM 612 O O      . HOH B 2 .  ? 6.372   -2.387  -0.558  1.00 31.57 ? 139 HOH U O      1 
HETATM 613 O O      . HOH B 2 .  ? 10.540  3.631   14.325  1.00 18.52 ? 140 HOH U O      1 
HETATM 614 O O      . HOH B 2 .  ? 11.382  3.723   0.475   1.00 27.08 ? 141 HOH U O      1 
HETATM 615 O O      . HOH B 2 .  ? 9.565   6.420   -8.830  1.00 33.20 ? 142 HOH U O      1 
HETATM 616 O O      . HOH B 2 .  ? -20.051 -0.206  -13.915 1.00 20.04 ? 143 HOH U O      1 
HETATM 617 O O      . HOH B 2 .  ? -1.489  -7.513  7.732   1.00 23.09 ? 144 HOH U O      1 
HETATM 618 O O      . HOH B 2 .  ? 7.688   -0.547  -2.293  1.00 21.88 ? 145 HOH U O      1 
HETATM 619 O O      . HOH B 2 .  ? 16.161  5.877   -4.058  1.00 27.81 ? 146 HOH U O      1 
HETATM 620 O O      . HOH B 2 .  ? -16.698 0.155   3.779   1.00 40.20 ? 147 HOH U O      1 
HETATM 621 O O      . HOH B 2 .  ? -17.414 -4.271  2.184   1.00 35.17 ? 148 HOH U O      1 
HETATM 622 O O      . HOH B 2 .  ? -6.173  -3.478  1.859   1.00 29.32 ? 149 HOH U O      1 
HETATM 623 O O      . HOH B 2 .  ? 16.204  9.358   0.552   1.00 42.85 ? 150 HOH U O      1 
HETATM 624 O O      . HOH B 2 .  ? -9.578  -6.472  -16.194 1.00 43.89 ? 151 HOH U O      1 
HETATM 625 O O      . HOH B 2 .  ? -15.333 -8.711  4.258   1.00 21.58 ? 152 HOH U O      1 
HETATM 626 O O      . HOH B 2 .  ? 10.202  1.411   -2.733  1.00 20.02 ? 153 HOH U O      1 
HETATM 627 O O      . HOH B 2 .  ? 13.106  7.270   1.820   1.00 39.40 ? 154 HOH U O      1 
HETATM 628 O O      . HOH B 2 .  ? -12.861 -4.044  8.978   1.00 38.20 ? 155 HOH U O      1 
HETATM 629 O O      . HOH B 2 .  ? 4.557   1.247   -0.448  1.00 19.31 ? 156 HOH U O      1 
HETATM 630 O O      . HOH B 2 .  ? 11.118  -3.659  -1.471  1.00 39.76 ? 157 HOH U O      1 
HETATM 631 O O      . HOH B 2 .  ? -12.717 -0.995  -9.269  1.00 25.68 ? 158 HOH U O      1 
HETATM 632 O O      . HOH B 2 .  ? 14.199  12.080  -4.427  0.35 15.04 ? 159 HOH U O      1 
HETATM 633 O O      . HOH B 2 .  ? 3.984   -9.072  5.380   1.00 46.73 ? 160 HOH U O      1 
HETATM 634 O O      . HOH B 2 .  ? 3.771   -5.693  -6.463  1.00 24.13 ? 161 HOH U O      1 
HETATM 635 O O      . HOH B 2 .  ? -2.143  -4.869  1.568   1.00 41.18 ? 162 HOH U O      1 
HETATM 636 O O      . HOH B 2 .  ? 13.825  8.534   6.383   1.00 33.25 ? 163 HOH U O      1 
HETATM 637 O O      . HOH B 2 .  ? -7.042  -4.675  8.329   1.00 35.45 ? 164 HOH U O      1 
HETATM 638 O O      . HOH B 2 .  ? 15.540  9.982   9.440   1.00 25.20 ? 165 HOH U O      1 
HETATM 639 O O      . HOH B 2 .  ? -13.636 -6.423  7.997   1.00 27.17 ? 166 HOH U O      1 
HETATM 640 O O      . HOH B 2 .  ? 13.196  -3.546  -7.384  1.00 41.92 ? 167 HOH U O      1 
HETATM 641 O O      . HOH B 2 .  ? 11.883  11.301  -5.670  0.39 14.52 ? 168 HOH U O      1 
HETATM 642 O O      . HOH B 2 .  ? 9.080   1.777   0.500   1.00 41.28 ? 169 HOH U O      1 
HETATM 643 O O      . HOH B 2 .  ? -14.561 1.806   -16.101 1.00 43.37 ? 170 HOH U O      1 
HETATM 644 O O      . HOH B 2 .  ? -9.548  -5.917  10.141  1.00 42.05 ? 171 HOH U O      1 
HETATM 645 O O      . HOH B 2 .  ? 8.191   -8.422  1.723   1.00 42.90 ? 172 HOH U O      1 
HETATM 646 O O      . HOH B 2 .  ? -3.202  -12.957 0.169   1.00 17.63 ? 173 HOH U O      1 
HETATM 647 O O      . HOH B 2 .  ? 9.898   15.200  7.693   1.00 30.42 ? 174 HOH U O      1 
HETATM 648 O O      . HOH B 2 .  ? -6.827  -4.547  4.729   1.00 26.26 ? 175 HOH U O      1 
HETATM 649 O O      . HOH B 2 .  ? 16.244  7.491   8.009   1.00 28.16 ? 176 HOH U O      1 
HETATM 650 O O      . HOH B 2 .  ? -8.399  -2.643  -0.127  1.00 23.36 ? 177 HOH U O      1 
HETATM 651 O O      . HOH B 2 .  ? 7.513   12.293  9.709   1.00 35.45 ? 178 HOH U O      1 
HETATM 652 O O      . HOH B 2 .  ? -1.199  -14.054 4.795   0.34 12.70 ? 179 HOH U O      1 
HETATM 653 O O      . HOH B 2 .  ? -12.779 3.483   -14.755 1.00 45.06 ? 180 HOH U O      1 
HETATM 654 O O      . HOH B 2 .  ? 10.856  12.969  14.915  1.00 42.03 ? 181 HOH U O      1 
HETATM 655 O O      . HOH B 2 .  ? 13.974  5.617   6.057   1.00 28.16 ? 182 HOH U O      1 
HETATM 656 O O      . HOH B 2 .  ? 12.399  16.326  8.526   1.00 28.93 ? 183 HOH U O      1 
HETATM 657 O O      . HOH B 2 .  ? 0.177   -3.852  3.264   1.00 47.76 ? 184 HOH U O      1 
HETATM 658 O O      . HOH B 2 .  ? 15.935  11.353  -1.356  1.00 45.37 ? 185 HOH U O      1 
HETATM 659 O O      . HOH B 2 .  ? 13.790  15.628  5.695   1.00 33.57 ? 186 HOH U O      1 
HETATM 660 O O      . HOH B 2 .  ? 12.938  3.809   -1.324  1.00 45.84 ? 187 HOH U O      1 
HETATM 661 O O      . HOH B 2 .  ? 8.906   8.538   -7.527  1.00 28.29 ? 188 HOH U O      1 
HETATM 662 O O      . HOH B 2 .  ? 10.214  -1.013  -0.391  1.00 36.31 ? 189 HOH U O      1 
HETATM 663 O O      . HOH B 2 .  ? -19.296 -0.928  -0.982  1.00 42.82 ? 190 HOH U O      1 
HETATM 664 O O      . HOH B 2 .  ? 18.477  6.695   8.936   1.00 47.67 ? 191 HOH U O      1 
HETATM 665 O O      . HOH B 2 .  ? -10.506 0.128   -2.595  1.00 38.49 ? 192 HOH U O      1 
HETATM 666 O O      . HOH B 2 .  ? -10.736 -3.256  -6.087  1.00 38.21 ? 193 HOH U O      1 
HETATM 667 O O      . HOH B 2 .  ? 5.938   -6.421  -8.419  1.00 40.03 ? 194 HOH U O      1 
HETATM 668 O O      . HOH B 2 .  ? -2.022  -1.908  -0.959  0.50 53.91 ? 195 HOH U O      1 
HETATM 669 O O      . HOH B 2 .  ? 18.362  7.994   21.674  1.00 46.60 ? 196 HOH U O      1 
HETATM 670 O O      . HOH B 2 .  ? 1.427   -0.234  -0.721  1.00 22.27 ? 197 HOH U O      1 
HETATM 671 O O      . HOH B 2 .  ? -5.520  -6.212  11.294  1.00 46.75 ? 198 HOH U O      1 
HETATM 672 O O      . HOH B 2 .  ? 14.651  13.628  -0.922  1.00 40.59 ? 199 HOH U O      1 
HETATM 673 O O      . HOH B 2 .  ? 4.391   -2.895  -0.211  1.00 37.35 ? 200 HOH U O      1 
HETATM 674 O O      . HOH B 2 .  ? 8.549   13.985  11.423  1.00 44.07 ? 201 HOH U O      1 
HETATM 675 O O      . HOH B 2 .  ? 1.068   -0.152  1.900   1.00 40.71 ? 202 HOH U O      1 
HETATM 676 O O      . HOH B 2 .  ? -17.121 -7.123  2.403   1.00 20.34 ? 203 HOH U O      1 
HETATM 677 O O      . HOH B 2 .  ? 12.783  9.924   19.236  1.00 44.12 ? 204 HOH U O      1 
HETATM 678 O O      . HOH B 2 .  ? 4.205   7.270   -7.683  1.00 29.62 ? 205 HOH U O      1 
HETATM 679 O O      . HOH B 2 .  ? 13.035  -0.403  -0.466  1.00 40.15 ? 206 HOH U O      1 
HETATM 680 O O      . HOH B 2 .  ? -20.144 -1.255  -16.661 1.00 36.42 ? 207 HOH U O      1 
HETATM 681 O O      . HOH B 2 .  ? 0.056   -13.725 12.542  1.00 39.61 ? 208 HOH U O      1 
HETATM 682 O O      . HOH B 2 .  ? 9.651   -5.495  5.849   1.00 40.67 ? 209 HOH U O      1 
HETATM 683 O O      . HOH B 2 .  ? 1.212   -10.919 14.710  1.00 38.14 ? 210 HOH U O      1 
# 
loop_
_atom_site_anisotrop.id 
_atom_site_anisotrop.type_symbol 
_atom_site_anisotrop.pdbx_label_atom_id 
_atom_site_anisotrop.pdbx_label_alt_id 
_atom_site_anisotrop.pdbx_label_comp_id 
_atom_site_anisotrop.pdbx_label_asym_id 
_atom_site_anisotrop.pdbx_label_seq_id 
_atom_site_anisotrop.pdbx_PDB_ins_code 
_atom_site_anisotrop.U[1][1] 
_atom_site_anisotrop.U[2][2] 
_atom_site_anisotrop.U[3][3] 
_atom_site_anisotrop.U[1][2] 
_atom_site_anisotrop.U[1][3] 
_atom_site_anisotrop.U[2][3] 
_atom_site_anisotrop.pdbx_auth_seq_id 
_atom_site_anisotrop.pdbx_auth_comp_id 
_atom_site_anisotrop.pdbx_auth_asym_id 
_atom_site_anisotrop.pdbx_auth_atom_id 
1   O "O5'" . U   A 1  ? 0.2303 0.3358 0.4093 0.0092  -0.1049 0.0155  30  U   U "O5'" 
2   C "C5'" . U   A 1  ? 0.1849 0.3310 0.2986 -0.0106 -0.0743 0.0097  30  U   U "C5'" 
3   C "C4'" . U   A 1  ? 0.1789 0.2643 0.2421 -0.0211 -0.0822 -0.0439 30  U   U "C4'" 
4   O "O4'" . U   A 1  ? 0.1879 0.2341 0.2467 -0.0305 -0.0874 -0.0573 30  U   U "O4'" 
5   C "C3'" . U   A 1  ? 0.1470 0.2698 0.2152 -0.0125 -0.0774 -0.0396 30  U   U "C3'" 
6   O "O3'" . U   A 1  ? 0.1266 0.2879 0.2180 -0.0258 -0.0525 -0.0542 30  U   U "O3'" 
7   C "C2'" . U   A 1  ? 0.1409 0.2520 0.2148 -0.0208 -0.0814 -0.0404 30  U   U "C2'" 
8   O "O2'" . U   A 1  ? 0.1099 0.2440 0.2470 -0.0215 -0.0648 -0.0363 30  U   U "O2'" 
9   C "C1'" . U   A 1  ? 0.1380 0.2345 0.2267 -0.0148 -0.0743 -0.0323 30  U   U "C1'" 
10  N N1    . U   A 1  ? 0.1273 0.1811 0.2090 -0.0181 -0.0522 -0.0179 30  U   U N1    
11  C C2    . U   A 1  ? 0.1372 0.2163 0.2091 -0.0214 -0.0588 -0.0358 30  U   U C2    
12  O O2    . U   A 1  ? 0.1486 0.2495 0.2180 -0.0256 -0.0787 -0.0283 30  U   U O2    
13  N N3    . U   A 1  ? 0.1410 0.1935 0.1973 -0.0198 -0.0581 -0.0531 30  U   U N3    
14  C C4    . U   A 1  ? 0.1199 0.2190 0.2442 -0.0393 -0.0420 -0.0184 30  U   U C4    
15  O O4    . U   A 1  ? 0.1449 0.2609 0.2709 -0.0342 -0.0677 -0.0079 30  U   U O4    
16  C C5    . U   A 1  ? 0.1421 0.1976 0.2615 -0.0338 -0.0684 0.0064  30  U   U C5    
17  C C6    . U   A 1  ? 0.1001 0.1859 0.2355 -0.0163 -0.0492 -0.0051 30  U   U C6    
29  P P     . G   A 2  ? 0.1038 0.2949 0.2193 -0.0218 -0.0427 -0.0288 31  G   U P     
30  O OP1   . G   A 2  ? 0.1256 0.3610 0.2424 -0.0461 -0.0112 -0.0323 31  G   U OP1   
31  O OP2   . G   A 2  ? 0.1355 0.2688 0.2067 -0.0410 -0.0698 0.0031  31  G   U OP2   
32  O "O5'" . G   A 2  ? 0.1215 0.2483 0.2116 -0.0171 -0.0413 -0.0274 31  G   U "O5'" 
33  C "C5'" . G   A 2  ? 0.1147 0.2472 0.2320 -0.0018 -0.0230 -0.0351 31  G   U "C5'" 
34  C "C4'" . G   A 2  ? 0.1146 0.2534 0.2277 -0.0251 -0.0242 -0.0042 31  G   U "C4'" 
35  O "O4'" . G   A 2  ? 0.1283 0.2819 0.1923 -0.0387 -0.0289 -0.0022 31  G   U "O4'" 
36  C "C3'" . G   A 2  ? 0.1057 0.2539 0.2245 -0.0274 -0.0056 -0.0025 31  G   U "C3'" 
37  O "O3'" . G   A 2  ? 0.1476 0.2611 0.2500 -0.0542 -0.0354 -0.0213 31  G   U "O3'" 
38  C "C2'" . G   A 2  ? 0.1435 0.2616 0.2191 -0.0279 -0.0267 -0.0073 31  G   U "C2'" 
39  O "O2'" . G   A 2  ? 0.1782 0.2554 0.2282 -0.0213 -0.0368 -0.0056 31  G   U "O2'" 
40  C "C1'" . G   A 2  ? 0.1040 0.2929 0.1873 -0.0151 -0.0196 -0.0086 31  G   U "C1'" 
41  N N9    . G   A 2  ? 0.1093 0.2318 0.1713 -0.0322 -0.0351 -0.0243 31  G   U N9    
42  C C8    . G   A 2  ? 0.0962 0.2085 0.1974 -0.0468 -0.0401 -0.0284 31  G   U C8    
43  N N7    . G   A 2  ? 0.0930 0.2065 0.1932 -0.0439 -0.0523 -0.0195 31  G   U N7    
44  C C5    . G   A 2  ? 0.0866 0.2156 0.1610 -0.0120 -0.0575 -0.0060 31  G   U C5    
45  C C6    . G   A 2  ? 0.1002 0.1964 0.1310 -0.0152 -0.0623 -0.0046 31  G   U C6    
46  O O6    . G   A 2  ? 0.1097 0.1985 0.1528 -0.0410 -0.0374 0.0083  31  G   U O6    
47  N N1    . G   A 2  ? 0.0862 0.2199 0.1737 -0.0185 -0.0544 -0.0176 31  G   U N1    
48  C C2    . G   A 2  ? 0.0700 0.2307 0.1855 -0.0094 -0.0337 -0.0204 31  G   U C2    
49  N N2    . G   A 2  ? 0.0969 0.2073 0.1876 0.0059  -0.0302 0.0003  31  G   U N2    
50  N N3    . G   A 2  ? 0.0804 0.2344 0.1886 -0.0032 -0.0531 -0.0024 31  G   U N3    
51  C C4    . G   A 2  ? 0.0744 0.2294 0.1765 -0.0115 -0.0423 -0.0110 31  G   U C4    
63  P P     . U   A 3  ? 0.1505 0.2631 0.2712 -0.0648 -0.0192 -0.0248 32  U   U P     
64  O OP1   . U   A 3  ? 0.1656 0.3306 0.3263 -0.0908 -0.0072 -0.0021 32  U   U OP1   
65  O OP2   . U   A 3  ? 0.1721 0.2754 0.3152 -0.0542 -0.0702 -0.0135 32  U   U OP2   
66  O "O5'" . U   A 3  ? 0.1821 0.2368 0.2891 -0.0473 -0.0132 -0.0338 32  U   U "O5'" 
67  C "C5'" . U   A 3  ? 0.1929 0.2575 0.2623 -0.0376 0.0129  -0.0159 32  U   U "C5'" 
68  C "C4'" . U   A 3  ? 0.2717 0.2248 0.2401 -0.0476 -0.0044 -0.0107 32  U   U "C4'" 
69  O "O4'" . U   A 3  ? 0.2667 0.2215 0.2101 -0.0294 -0.0049 -0.0072 32  U   U "O4'" 
70  C "C3'" . U   A 3  ? 0.3088 0.1997 0.2635 -0.0666 0.0012  -0.0160 32  U   U "C3'" 
71  O "O3'" . U   A 3  ? 0.3757 0.2358 0.3246 -0.1319 0.0040  -0.0085 32  U   U "O3'" 
72  C "C2'" . U   A 3  ? 0.3007 0.1849 0.2703 -0.0401 -0.0017 0.0200  32  U   U "C2'" 
73  O "O2'" . U   A 3  ? 0.3314 0.1995 0.2689 -0.0150 0.0199  -0.0280 32  U   U "O2'" 
74  C "C1'" . U   A 3  ? 0.2274 0.2309 0.2030 -0.0307 0.0157  0.0045  32  U   U "C1'" 
75  N N1    . U   A 3  ? 0.1858 0.2364 0.1920 -0.0516 -0.0242 -0.0024 32  U   U N1    
76  C C2    . U   A 3  ? 0.1671 0.2518 0.2157 -0.0509 -0.0693 0.0179  32  U   U C2    
77  O O2    . U   A 3  ? 0.1945 0.2397 0.2381 -0.0546 -0.0644 0.0008  32  U   U O2    
78  N N3    . U   A 3  ? 0.1019 0.2334 0.1987 -0.0526 -0.0462 0.0095  32  U   U N3    
79  C C4    . U   A 3  ? 0.1417 0.2262 0.1970 -0.0576 -0.0741 0.0114  32  U   U C4    
80  O O4    . U   A 3  ? 0.1454 0.2148 0.2126 -0.0641 -0.0774 0.0066  32  U   U O4    
81  C C5    . U   A 3  ? 0.1595 0.2446 0.1999 -0.0629 -0.0704 0.0155  32  U   U C5    
82  C C6    . U   A 3  ? 0.1374 0.2510 0.1659 -0.0567 -0.0125 0.0026  32  U   U C6    
93  P P     . U   A 4  ? 0.4180 0.3195 0.3386 -0.2058 0.0308  -0.0710 33  U   U P     
94  O OP1   . U   A 4  ? 0.4339 0.3406 0.3462 -0.2229 0.0446  -0.0489 33  U   U OP1   
95  O OP2   . U   A 4  ? 0.3824 0.4084 0.3314 -0.1892 0.0475  -0.1143 33  U   U OP2   
96  O "O5'" . U   A 4  ? 0.4151 0.3552 0.3128 -0.1850 0.0233  -0.0488 33  U   U "O5'" 
97  C "C5'" . U   A 4  ? 0.4139 0.3474 0.3267 -0.1707 0.0005  -0.0276 33  U   U "C5'" 
98  C "C4'" . U   A 4  ? 0.3948 0.3450 0.2972 -0.1575 0.0026  -0.0435 33  U   U "C4'" 
99  O "O4'" . U   A 4  ? 0.3695 0.3319 0.2550 -0.1320 0.0068  -0.0370 33  U   U "O4'" 
100 C "C3'" . U   A 4  ? 0.3902 0.3848 0.2988 -0.1658 0.0092  -0.0705 33  U   U "C3'" 
101 O "O3'" . U   A 4  ? 0.4338 0.4963 0.3797 -0.2112 -0.0182 -0.0672 33  U   U "O3'" 
102 C "C2'" . U   A 4  ? 0.3811 0.3716 0.2484 -0.1267 -0.0117 -0.0628 33  U   U "C2'" 
103 O "O2'" . U   A 4  ? 0.4117 0.3591 0.2749 -0.1038 -0.0361 -0.0584 33  U   U "O2'" 
104 C "C1'" . U   A 4  ? 0.3376 0.3546 0.2283 -0.1310 -0.0191 -0.0185 33  U   U "C1'" 
105 N N1    . U   A 4  ? 0.2459 0.3121 0.2143 -0.0991 -0.0491 0.0111  33  U   U N1    
106 C C2    . U   A 4  ? 0.2123 0.3191 0.2501 -0.0980 -0.0761 0.0516  33  U   U C2    
107 O O2    . U   A 4  ? 0.2322 0.3409 0.2542 -0.1059 -0.0853 0.0544  33  U   U O2    
108 N N3    . U   A 4  ? 0.1897 0.2560 0.2327 -0.0795 -0.0932 0.0572  33  U   U N3    
109 C C4    . U   A 4  ? 0.2088 0.2642 0.2214 -0.0880 -0.1061 0.0315  33  U   U C4    
110 O O4    . U   A 4  ? 0.1999 0.2448 0.2301 -0.0865 -0.1050 0.0355  33  U   U O4    
111 C C5    . U   A 4  ? 0.1915 0.2463 0.2356 -0.0674 -0.0915 -0.0013 33  U   U C5    
112 C C6    . U   A 4  ? 0.2175 0.2798 0.2521 -0.0921 -0.0696 0.0065  33  U   U C6    
123 P P     . C   A 5  ? 0.4867 0.5565 0.3714 -0.2308 -0.0493 -0.1232 34  C   U P     
124 O OP1   . C   A 5  ? 0.5481 0.5951 0.3734 -0.2478 -0.0578 -0.1378 34  C   U OP1   
125 O OP2   . C   A 5  ? 0.4672 0.5727 0.4036 -0.2324 -0.0581 -0.1124 34  C   U OP2   
126 O "O5'" . C   A 5  ? 0.4586 0.4338 0.3801 -0.1813 -0.1066 -0.0952 34  C   U "O5'" 
127 C "C5'" . C   A 5  ? 0.3872 0.2974 0.3354 -0.0857 -0.1712 -0.0477 34  C   U "C5'" 
128 C "C4'" . C   A 5  ? 0.3147 0.3013 0.3512 -0.0327 -0.1854 -0.0435 34  C   U "C4'" 
129 O "O4'" . C   A 5  ? 0.2593 0.2768 0.3855 0.0012  -0.1825 -0.0124 34  C   U "O4'" 
130 C "C3'" . C   A 5  ? 0.2878 0.2551 0.3449 -0.0010 -0.1809 -0.0369 34  C   U "C3'" 
131 O "O3'" . C   A 5  ? 0.2905 0.2355 0.3338 0.0099  -0.1533 -0.0658 34  C   U "O3'" 
132 C "C2'" . C   A 5  ? 0.2415 0.2605 0.3484 0.0036  -0.1531 -0.0432 34  C   U "C2'" 
133 O "O2'" . C   A 5  ? 0.2547 0.2515 0.3925 0.0214  -0.1621 -0.0392 34  C   U "O2'" 
134 C "C1'" . C   A 5  ? 0.2306 0.2679 0.3464 -0.0086 -0.1614 -0.0176 34  C   U "C1'" 
135 N N1    . C   A 5  ? 0.2336 0.2526 0.2766 -0.0234 -0.1469 -0.0181 34  C   U N1    
136 C C2    . C   A 5  ? 0.2215 0.2216 0.2822 -0.0129 -0.1420 -0.0304 34  C   U C2    
137 O O2    . C   A 5  ? 0.1992 0.2438 0.2830 -0.0028 -0.1222 -0.0364 34  C   U O2    
138 N N3    . C   A 5  ? 0.2146 0.2338 0.2549 -0.0110 -0.1328 -0.0364 34  C   U N3    
139 C C4    . C   A 5  ? 0.2237 0.2485 0.2646 -0.0212 -0.1405 -0.0207 34  C   U C4    
140 N N4    . C   A 5  ? 0.2268 0.2486 0.2621 -0.0470 -0.1346 -0.0134 34  C   U N4    
141 C C5    . C   A 5  ? 0.2173 0.2885 0.2912 -0.0259 -0.1448 -0.0098 34  C   U C5    
142 C C6    . C   A 5  ? 0.2358 0.2453 0.2962 -0.0226 -0.1506 -0.0236 34  C   U C6    
154 P P     . U   A 6  ? 0.2949 0.1940 0.2953 -0.0004 -0.1436 -0.0554 35  U   U P     
155 O OP1   . U   A 6  ? 0.3356 0.2059 0.3398 0.0107  -0.1530 -0.0830 35  U   U OP1   
156 O OP2   . U   A 6  ? 0.2952 0.2191 0.3183 -0.0032 -0.1361 -0.0438 35  U   U OP2   
157 O "O5'" . U   A 6  ? 0.2087 0.2217 0.2643 0.0092  -0.0994 -0.0635 35  U   U "O5'" 
158 C "C5'" . U   A 6  ? 0.1988 0.2247 0.2509 0.0046  -0.1010 -0.0940 35  U   U "C5'" 
159 C "C4'" . U   A 6  ? 0.1764 0.2069 0.2634 -0.0004 -0.1114 -0.0609 35  U   U "C4'" 
160 O "O4'" . U   A 6  ? 0.1656 0.2401 0.2655 -0.0004 -0.1048 -0.0672 35  U   U "O4'" 
161 C "C3'" . U   A 6  ? 0.1845 0.2197 0.2373 -0.0046 -0.1176 -0.0390 35  U   U "C3'" 
162 O "O3'" . U   A 6  ? 0.1963 0.2291 0.2160 0.0006  -0.1002 -0.0773 35  U   U "O3'" 
163 C "C2'" . U   A 6  ? 0.1489 0.2605 0.2163 -0.0084 -0.0980 -0.0340 35  U   U "C2'" 
164 O "O2'" . U   A 6  ? 0.1413 0.2493 0.2302 0.0235  -0.0885 -0.0482 35  U   U "O2'" 
165 C "C1'" . U   A 6  ? 0.1667 0.2204 0.2397 -0.0082 -0.1087 -0.0415 35  U   U "C1'" 
166 N N1    . U   A 6  ? 0.1497 0.1990 0.2132 -0.0084 -0.1028 -0.0123 35  U   U N1    
167 C C2    . U   A 6  ? 0.1225 0.2209 0.2161 -0.0274 -0.0819 -0.0254 35  U   U C2    
168 O O2    . U   A 6  ? 0.1288 0.2499 0.1899 -0.0418 -0.0741 -0.0268 35  U   U O2    
169 N N3    . U   A 6  ? 0.1387 0.1666 0.2065 -0.0178 -0.0903 -0.0254 35  U   U N3    
170 C C4    . U   A 6  ? 0.1188 0.1849 0.2641 -0.0227 -0.0808 -0.0066 35  U   U C4    
171 O O4    . U   A 6  ? 0.1374 0.1890 0.2257 -0.0482 -0.0757 -0.0063 35  U   U O4    
172 C C5    . U   A 6  ? 0.1574 0.1816 0.2524 -0.0189 -0.1121 0.0135  35  U   U C5    
173 C C6    . U   A 6  ? 0.1539 0.1818 0.2202 -0.0089 -0.1068 0.0016  35  U   U C6    
184 P P     . C   A 7  ? 0.2244 0.2216 0.2291 -0.0007 -0.1206 -0.0621 36  C   U P     
185 O OP1   . C   A 7  ? 0.2134 0.2384 0.2431 0.0164  -0.1126 -0.0892 36  C   U OP1   
186 O OP2   . C   A 7  ? 0.2636 0.2143 0.2775 -0.0242 -0.1442 -0.0459 36  C   U OP2   
187 O "O5'" . C   A 7  ? 0.1973 0.2059 0.2058 0.0131  -0.1177 -0.0339 36  C   U "O5'" 
188 C "C5'" . C   A 7  ? 0.1456 0.1996 0.2001 0.0123  -0.0942 -0.0432 36  C   U "C5'" 
189 C "C4'" . C   A 7  ? 0.1246 0.2110 0.1896 -0.0124 -0.0830 -0.0283 36  C   U "C4'" 
190 O "O4'" . C   A 7  ? 0.1148 0.2141 0.1991 -0.0167 -0.0796 -0.0218 36  C   U "O4'" 
191 C "C3'" . C   A 7  ? 0.1409 0.2011 0.1873 -0.0317 -0.0829 -0.0338 36  C   U "C3'" 
192 O "O3'" . C   A 7  ? 0.1317 0.2077 0.1969 -0.0156 -0.0848 -0.0308 36  C   U "O3'" 
193 C "C2'" . C   A 7  ? 0.1175 0.1889 0.2223 -0.0222 -0.0801 -0.0222 36  C   U "C2'" 
194 O "O2'" . C   A 7  ? 0.1149 0.2072 0.1953 -0.0111 -0.0792 -0.0258 36  C   U "O2'" 
195 C "C1'" . C   A 7  ? 0.1278 0.2041 0.2060 -0.0215 -0.0866 -0.0208 36  C   U "C1'" 
196 N N1    . C   A 7  ? 0.1160 0.2100 0.2000 -0.0203 -0.0790 -0.0235 36  C   U N1    
197 C C2    . C   A 7  ? 0.1229 0.1842 0.1798 -0.0386 -0.0680 -0.0346 36  C   U C2    
198 O O2    . C   A 7  ? 0.1525 0.1952 0.2027 -0.0374 -0.0693 -0.0493 36  C   U O2    
199 N N3    . C   A 7  ? 0.1151 0.2061 0.1882 -0.0416 -0.0706 -0.0184 36  C   U N3    
200 C C4    . C   A 7  ? 0.1168 0.2319 0.1967 -0.0388 -0.0745 -0.0182 36  C   U C4    
201 N N4    . C   A 7  ? 0.1354 0.2138 0.2057 -0.0486 -0.0789 -0.0244 36  C   U N4    
202 C C5    . C   A 7  ? 0.1260 0.2125 0.1988 -0.0313 -0.0842 -0.0083 36  C   U C5    
203 C C6    . C   A 7  ? 0.1212 0.2041 0.1731 -0.0187 -0.0811 -0.0149 36  C   U C6    
215 P P     . U   A 8  ? 0.1606 0.2357 0.1976 -0.0219 -0.0940 -0.0432 37  U   U P     
216 O OP1   . U   A 8  ? 0.1268 0.2537 0.1831 -0.0257 -0.0719 -0.0386 37  U   U OP1   
217 O OP2   . U   A 8  ? 0.1703 0.2007 0.2128 -0.0343 -0.1026 -0.0211 37  U   U OP2   
218 O "O5'" . U   A 8  ? 0.1662 0.2096 0.1757 -0.0237 -0.0814 -0.0565 37  U   U "O5'" 
219 C "C5'" . U   A 8  ? 0.1427 0.2367 0.1570 -0.0097 -0.0731 -0.0266 37  U   U "C5'" 
220 C "C4'" . U   A 8  ? 0.1439 0.2193 0.1762 -0.0278 -0.0662 -0.0375 37  U   U "C4'" 
221 O "O4'" . U   A 8  ? 0.1255 0.2004 0.1617 -0.0246 -0.0534 -0.0305 37  U   U "O4'" 
222 C "C3'" . U   A 8  ? 0.1244 0.2194 0.1806 -0.0224 -0.0808 -0.0246 37  U   U "C3'" 
223 O "O3'" . U   A 8  ? 0.1303 0.2846 0.1850 0.0029  -0.0760 -0.0353 37  U   U "O3'" 
224 C "C2'" . U   A 8  ? 0.1091 0.1825 0.2015 -0.0288 -0.0677 -0.0208 37  U   U "C2'" 
225 O "O2'" . U   A 8  ? 0.1054 0.2308 0.1870 -0.0299 -0.0605 -0.0343 37  U   U "O2'" 
226 C "C1'" . U   A 8  ? 0.1341 0.1918 0.1859 -0.0450 -0.0689 -0.0167 37  U   U "C1'" 
227 N N1    . U   A 8  ? 0.1199 0.1882 0.1899 -0.0368 -0.0739 -0.0213 37  U   U N1    
228 C C2    . U   A 8  ? 0.1182 0.2182 0.1825 -0.0453 -0.0697 -0.0131 37  U   U C2    
229 O O2    . U   A 8  ? 0.1126 0.2362 0.1884 -0.0523 -0.0604 -0.0081 37  U   U O2    
230 N N3    . U   A 8  ? 0.1282 0.2214 0.1621 -0.0270 -0.0796 -0.0161 37  U   U N3    
231 C C4    . U   A 8  ? 0.1278 0.2177 0.2001 -0.0285 -0.0864 -0.0085 37  U   U C4    
232 O O4    . U   A 8  ? 0.1743 0.2122 0.2372 -0.0483 -0.0802 -0.0091 37  U   U O4    
233 C C5    . U   A 8  ? 0.1424 0.2011 0.2334 -0.0313 -0.0943 -0.0174 37  U   U C5    
234 C C6    . U   A 8  ? 0.1444 0.1876 0.2225 -0.0399 -0.0912 -0.0098 37  U   U C6    
245 P P     . A   A 9  ? 0.1615 0.3932 0.2183 0.0139  -0.0764 -0.0678 38  A   U P     
246 O OP1   . A   A 9  ? 0.1555 0.4923 0.1969 -0.0003 -0.0430 -0.0566 38  A   U OP1   
247 O OP2   . A   A 9  ? 0.1637 0.3674 0.2686 -0.0395 -0.0634 -0.1001 38  A   U OP2   
248 O "O5'" . A   A 9  ? 0.1996 0.3588 0.2227 0.0447  -0.1039 -0.0708 38  A   U "O5'" 
249 C "C5'" . A   A 9  ? 0.1763 0.4079 0.2696 -0.0171 -0.1032 -0.0422 38  A   U "C5'" 
250 C "C4'" . A   A 9  ? 0.1255 0.3356 0.1750 -0.0555 -0.0373 -0.0348 38  A   U "C4'" 
251 O "O4'" . A   A 9  ? 0.1304 0.2940 0.1920 -0.0773 -0.0420 -0.0167 38  A   U "O4'" 
252 C "C3'" . A   A 9  ? 0.1090 0.2374 0.1810 -0.0643 -0.0116 -0.0563 38  A   U "C3'" 
253 O "O3'" . A   A 9  ? 0.1060 0.2466 0.2444 -0.0705 -0.0297 -0.0206 38  A   U "O3'" 
254 C "C2'" . A   A 9  ? 0.0994 0.2225 0.1778 -0.0642 -0.0027 -0.0475 38  A   U "C2'" 
255 O "O2'" . A   A 9  ? 0.1295 0.2211 0.2079 -0.0750 -0.0057 -0.0268 38  A   U "O2'" 
256 C "C1'" . A   A 9  ? 0.1215 0.2411 0.1954 -0.0780 -0.0338 -0.0228 38  A   U "C1'" 
257 N N9    . A   A 9  ? 0.1189 0.2361 0.2013 -0.0757 -0.0315 -0.0293 38  A   U N9    
258 C C8    . A   A 9  ? 0.1398 0.2525 0.2269 -0.0913 -0.0338 -0.0288 38  A   U C8    
259 N N7    . A   A 9  ? 0.1503 0.2624 0.2372 -0.0930 -0.0533 -0.0146 38  A   U N7    
260 C C5    . A   A 9  ? 0.1375 0.2166 0.2366 -0.0788 -0.0517 -0.0341 38  A   U C5    
261 C C6    . A   A 9  ? 0.1303 0.2225 0.2673 -0.0582 -0.0682 -0.0285 38  A   U C6    
262 N N6    . A   A 9  ? 0.1157 0.2411 0.2937 -0.0510 -0.0639 -0.0101 38  A   U N6    
263 N N1    . A   A 9  ? 0.1272 0.2181 0.2285 -0.0676 -0.0590 -0.0316 38  A   U N1    
264 C C2    . A   A 9  ? 0.1286 0.2076 0.2426 -0.0714 -0.0578 -0.0115 38  A   U C2    
265 N N3    . A   A 9  ? 0.1139 0.1929 0.2020 -0.0521 -0.0593 -0.0283 38  A   U N3    
266 C C4    . A   A 9  ? 0.1171 0.2219 0.2089 -0.0677 -0.0502 -0.0196 38  A   U C4    
278 P P     . C   A 10 ? 0.1298 0.2765 0.2714 -0.0691 -0.0675 -0.0227 39  C   U P     
279 O OP1   . C   A 10 ? 0.1604 0.3254 0.3184 -0.0886 -0.0806 0.0452  39  C   U OP1   
280 O OP2   . C   A 10 ? 0.1735 0.3062 0.2746 -0.0824 -0.0892 -0.0295 39  C   U OP2   
281 O "O5'" . C   A 10 ? 0.1372 0.2599 0.2844 -0.0771 -0.0631 -0.0281 39  C   U "O5'" 
282 C "C5'" . C   A 10 ? 0.1138 0.2620 0.3084 -0.0554 -0.0461 -0.0345 39  C   U "C5'" 
283 C "C4'" . C   A 10 ? 0.1198 0.2467 0.3192 -0.0666 -0.0327 -0.0339 39  C   U "C4'" 
284 O "O4'" . C   A 10 ? 0.1357 0.2372 0.2931 -0.0894 -0.0387 -0.0131 39  C   U "O4'" 
285 C "C3'" . C   A 10 ? 0.1046 0.2854 0.3156 -0.0689 -0.0175 -0.0099 39  C   U "C3'" 
286 O "O3'" . C   A 10 ? 0.1257 0.2865 0.3840 -0.0658 -0.0382 0.0146  39  C   U "O3'" 
287 C "C2'" . C   A 10 ? 0.1281 0.2819 0.3103 -0.0901 -0.0307 -0.0173 39  C   U "C2'" 
288 O "O2'" . C   A 10 ? 0.1542 0.3240 0.3632 -0.1119 -0.0288 -0.0079 39  C   U "O2'" 
289 C "C1'" . C   A 10 ? 0.1396 0.2675 0.2913 -0.0984 -0.0291 -0.0199 39  C   U "C1'" 
290 N N1    . C   A 10 ? 0.1380 0.2271 0.2650 -0.0922 -0.0377 -0.0097 39  C   U N1    
291 C C2    . C   A 10 ? 0.1392 0.2470 0.2481 -0.0827 -0.0449 -0.0235 39  C   U C2    
292 O O2    . C   A 10 ? 0.1648 0.2766 0.2800 -0.1056 -0.0548 -0.0120 39  C   U O2    
293 N N3    . C   A 10 ? 0.1682 0.2543 0.2804 -0.0852 -0.0686 -0.0339 39  C   U N3    
294 C C4    . C   A 10 ? 0.1586 0.2533 0.2669 -0.0706 -0.0550 -0.0361 39  C   U C4    
295 N N4    . C   A 10 ? 0.1976 0.2979 0.2769 -0.0770 -0.0494 -0.0390 39  C   U N4    
296 C C5    . C   A 10 ? 0.1795 0.2468 0.2633 -0.0877 -0.0865 -0.0081 39  C   U C5    
297 C C6    . C   A 10 ? 0.1438 0.2402 0.2651 -0.0880 -0.0572 0.0033  39  C   U C6    
309 P P     . G   A 11 ? 0.1483 0.3140 0.3775 -0.0792 -0.0678 0.0378  40  G   U P     
310 O OP1   . G   A 11 ? 0.1575 0.3366 0.4435 -0.0416 -0.0938 0.0734  40  G   U OP1   
311 O OP2   . G   A 11 ? 0.2012 0.3035 0.3875 -0.1076 -0.0973 0.0444  40  G   U OP2   
312 O "O5'" . G   A 11 ? 0.1319 0.2995 0.3670 -0.0642 -0.0591 0.0282  40  G   U "O5'" 
313 C "C5'" . G   A 11 ? 0.1378 0.2832 0.3432 -0.0643 -0.0420 0.0165  40  G   U "C5'" 
314 C "C4'" . G   A 11 ? 0.1146 0.2414 0.3389 -0.0522 -0.0204 0.0043  40  G   U "C4'" 
315 O "O4'" . G   A 11 ? 0.1145 0.2149 0.3771 -0.0428 -0.0344 0.0231  40  G   U "O4'" 
316 C "C3'" . G   A 11 ? 0.0925 0.2314 0.3049 -0.0496 -0.0061 -0.0052 40  G   U "C3'" 
317 O "O3'" . G   A 11 ? 0.1096 0.2099 0.3165 -0.0530 -0.0405 0.0170  40  G   U "O3'" 
318 C "C2'" . G   A 11 ? 0.0910 0.2256 0.3206 -0.0386 0.0005  0.0134  40  G   U "C2'" 
319 O "O2'" . G   A 11 ? 0.1252 0.2220 0.4224 -0.0330 -0.0501 0.0498  40  G   U "O2'" 
320 C "C1'" . G   A 11 ? 0.0995 0.2203 0.3308 -0.0420 -0.0264 0.0197  40  G   U "C1'" 
321 N N9    . G   A 11 ? 0.1050 0.2000 0.2888 -0.0604 -0.0253 0.0061  40  G   U N9    
322 C C8    . G   A 11 ? 0.1295 0.1907 0.3025 -0.0712 -0.0389 0.0076  40  G   U C8    
323 N N7    . G   A 11 ? 0.1114 0.2233 0.2706 -0.0687 -0.0411 -0.0010 40  G   U N7    
324 C C5    . G   A 11 ? 0.1059 0.2164 0.2419 -0.0694 -0.0363 0.0040  40  G   U C5    
325 C C6    . G   A 11 ? 0.0888 0.2044 0.2074 -0.0536 -0.0394 -0.0053 40  G   U C6    
326 O O6    . G   A 11 ? 0.0951 0.2184 0.2215 -0.0499 -0.0506 -0.0078 40  G   U O6    
327 N N1    . G   A 11 ? 0.0765 0.1889 0.2158 -0.0353 -0.0395 -0.0023 40  G   U N1    
328 C C2    . G   A 11 ? 0.0915 0.2018 0.2047 -0.0541 -0.0395 -0.0199 40  G   U C2    
329 N N2    . G   A 11 ? 0.0905 0.2001 0.2218 -0.0266 -0.0330 -0.0058 40  G   U N2    
330 N N3    . G   A 11 ? 0.1050 0.2135 0.2531 -0.0709 -0.0285 -0.0142 40  G   U N3    
331 C C4    . G   A 11 ? 0.1111 0.1915 0.2534 -0.0683 -0.0357 0.0096  40  G   U C4    
343 P P     . A   A 12 ? 0.1105 0.2454 0.3162 -0.0430 -0.0592 0.0312  41  A   U P     
344 O OP1   . A   A 12 ? 0.1014 0.2680 0.3583 -0.0232 -0.0394 0.0289  41  A   U OP1   
345 O OP2   . A   A 12 ? 0.1679 0.2694 0.3175 -0.0730 -0.0698 0.0429  41  A   U OP2   
346 O "O5'" . A   A 12 ? 0.1003 0.2232 0.2519 -0.0613 -0.0316 0.0213  41  A   U "O5'" 
347 C "C5'" . A   A 12 ? 0.1110 0.1960 0.2401 -0.0530 -0.0145 -0.0064 41  A   U "C5'" 
348 C "C4'" . A   A 12 ? 0.1212 0.1972 0.2241 -0.0772 -0.0214 -0.0113 41  A   U "C4'" 
349 O "O4'" . A   A 12 ? 0.1098 0.1949 0.2622 -0.0696 -0.0220 -0.0155 41  A   U "O4'" 
350 C "C3'" . A   A 12 ? 0.1058 0.1811 0.2411 -0.0672 -0.0259 -0.0146 41  A   U "C3'" 
351 O "O3'" . A   A 12 ? 0.0918 0.2056 0.2525 -0.0527 -0.0142 -0.0329 41  A   U "O3'" 
352 C "C2'" . A   A 12 ? 0.1005 0.2171 0.2605 -0.0659 -0.0248 -0.0161 41  A   U "C2'" 
353 O "O2'" . A   A 12 ? 0.1083 0.2238 0.2759 -0.0594 -0.0160 -0.0100 41  A   U "O2'" 
354 C "C1'" . A   A 12 ? 0.0971 0.2073 0.2496 -0.0505 -0.0416 -0.0216 41  A   U "C1'" 
355 N N9    . A   A 12 ? 0.0867 0.1929 0.2521 -0.0294 -0.0480 -0.0091 41  A   U N9    
356 C C8    . A   A 12 ? 0.0914 0.2031 0.2690 -0.0320 -0.0509 0.0099  41  A   U C8    
357 N N7    . A   A 12 ? 0.0749 0.1983 0.2026 -0.0399 -0.0371 -0.0065 41  A   U N7    
358 C C5    . A   A 12 ? 0.0777 0.1845 0.1992 -0.0384 -0.0418 -0.0045 41  A   U C5    
359 C C6    . A   A 12 ? 0.0673 0.1811 0.1797 -0.0345 -0.0347 -0.0067 41  A   U C6    
360 N N6    . A   A 12 ? 0.0909 0.1951 0.1972 -0.0474 -0.0490 0.0006  41  A   U N6    
361 N N1    . A   A 12 ? 0.0914 0.1876 0.1912 -0.0303 -0.0610 0.0152  41  A   U N1    
362 C C2    . A   A 12 ? 0.1253 0.1951 0.2093 -0.0378 -0.0827 0.0013  41  A   U C2    
363 N N3    . A   A 12 ? 0.0911 0.2305 0.2140 -0.0314 -0.0602 -0.0081 41  A   U N3    
364 C C4    . A   A 12 ? 0.0868 0.1871 0.2407 -0.0328 -0.0473 -0.0123 41  A   U C4    
376 P P     . A   A 13 ? 0.0982 0.2205 0.2907 -0.0367 -0.0511 -0.0074 42  A   U P     
377 O OP1   . A   A 13 ? 0.1047 0.2244 0.3916 -0.0230 -0.0199 -0.0180 42  A   U OP1   
378 O OP2   . A   A 13 ? 0.1468 0.2183 0.2886 -0.0518 -0.0910 -0.0069 42  A   U OP2   
379 O "O5'" . A   A 13 ? 0.1023 0.1868 0.2828 -0.0287 -0.0617 -0.0061 42  A   U "O5'" 
380 C "C5'" . A   A 13 ? 0.0952 0.1850 0.2749 -0.0246 -0.0582 0.0027  42  A   U "C5'" 
381 C "C4'" . A   A 13 ? 0.0820 0.2105 0.2145 -0.0362 -0.0476 -0.0038 42  A   U "C4'" 
382 O "O4'" . A   A 13 ? 0.1045 0.2243 0.1864 -0.0657 -0.0344 -0.0177 42  A   U "O4'" 
383 C "C3'" . A   A 13 ? 0.0800 0.1989 0.2278 -0.0299 -0.0444 -0.0127 42  A   U "C3'" 
384 O "O3'" . A   A 13 ? 0.1122 0.2230 0.2229 -0.0497 -0.0620 -0.0298 42  A   U "O3'" 
385 C "C2'" . A   A 13 ? 0.0966 0.2017 0.1987 -0.0527 -0.0488 -0.0159 42  A   U "C2'" 
386 O "O2'" . A   A 13 ? 0.1126 0.2102 0.2140 -0.0578 -0.0594 -0.0117 42  A   U "O2'" 
387 C "C1'" . A   A 13 ? 0.0927 0.2080 0.1715 -0.0610 -0.0270 -0.0124 42  A   U "C1'" 
388 N N9    . A   A 13 ? 0.0938 0.2086 0.1690 -0.0531 -0.0388 -0.0158 42  A   U N9    
389 C C8    . A   A 13 ? 0.0937 0.2312 0.2246 -0.0491 -0.0492 -0.0069 42  A   U C8    
390 N N7    . A   A 13 ? 0.0883 0.2237 0.2081 -0.0419 -0.0493 -0.0008 42  A   U N7    
391 C C5    . A   A 13 ? 0.0840 0.1950 0.1811 -0.0401 -0.0463 -0.0174 42  A   U C5    
392 C C6    . A   A 13 ? 0.0962 0.2074 0.2140 -0.0538 -0.0437 -0.0237 42  A   U C6    
393 N N6    . A   A 13 ? 0.1147 0.2164 0.2223 -0.0655 -0.0519 -0.0241 42  A   U N6    
394 N N1    . A   A 13 ? 0.0932 0.2221 0.2158 -0.0587 -0.0363 -0.0108 42  A   U N1    
395 C C2    . A   A 13 ? 0.0915 0.2174 0.1907 -0.0494 -0.0415 -0.0190 42  A   U C2    
396 N N3    . A   A 13 ? 0.1000 0.2373 0.1838 -0.0546 -0.0355 -0.0293 42  A   U N3    
397 C C4    . A   A 13 ? 0.0749 0.2136 0.1903 -0.0408 -0.0291 -0.0135 42  A   U C4    
409 P P     . G   A 14 ? 0.1043 0.2536 0.2442 -0.0390 -0.0584 -0.0324 43  G   U P     
410 O OP1   . G   A 14 ? 0.1096 0.2611 0.2734 -0.0501 -0.0579 -0.0274 43  G   U OP1   
411 O OP2   . G   A 14 ? 0.1641 0.2274 0.3145 -0.0163 -0.1198 -0.0097 43  G   U OP2   
412 O "O5'" . G   A 14 ? 0.1255 0.2369 0.2314 -0.0547 -0.0735 -0.0202 43  G   U "O5'" 
413 C "C5'" . G   A 14 ? 0.1182 0.2223 0.2047 -0.0530 -0.0575 -0.0381 43  G   U "C5'" 
414 C "C4'" . G   A 14 ? 0.1066 0.2312 0.1990 -0.0505 -0.0533 -0.0272 43  G   U "C4'" 
415 O "O4'" . G   A 14 ? 0.1316 0.2456 0.2012 -0.0544 -0.0758 -0.0001 43  G   U "O4'" 
416 C "C3'" . G   A 14 ? 0.1135 0.2113 0.2004 -0.0417 -0.0716 -0.0121 43  G   U "C3'" 
417 O "O3'" . G   A 14 ? 0.1291 0.2559 0.2175 -0.0344 -0.0863 -0.0214 43  G   U "O3'" 
418 C "C2'" . G   A 14 ? 0.1329 0.2606 0.2100 -0.0248 -0.0915 -0.0056 43  G   U "C2'" 
419 O "O2'" . G   A 14 ? 0.1180 0.2891 0.1898 -0.0117 -0.0505 -0.0016 43  G   U "O2'" 
420 C "C1'" . G   A 14 ? 0.1250 0.2794 0.2309 -0.0419 -0.0803 -0.0019 43  G   U "C1'" 
421 N N9    . G   A 14 ? 0.0995 0.2881 0.1762 -0.0267 -0.0472 -0.0122 43  G   U N9    
422 C C8    . G   A 14 ? 0.1444 0.2981 0.2013 -0.0476 -0.0741 -0.0327 43  G   U C8    
423 N N7    . G   A 14 ? 0.1395 0.2980 0.2183 -0.0481 -0.0729 -0.0386 43  G   U N7    
424 C C5    . G   A 14 ? 0.1416 0.2963 0.1968 -0.0508 -0.0691 -0.0321 43  G   U C5    
425 C C6    . G   A 14 ? 0.1488 0.3055 0.2222 -0.0633 -0.0773 -0.0170 43  G   U C6    
426 O O6    . G   A 14 ? 0.1571 0.3289 0.2105 -0.0755 -0.0705 -0.0048 43  G   U O6    
427 N N1    . G   A 14 ? 0.1179 0.3071 0.2185 -0.0421 -0.0626 -0.0159 43  G   U N1    
428 C C2    . G   A 14 ? 0.1261 0.3284 0.2304 -0.0386 -0.0716 -0.0060 43  G   U C2    
429 N N2    . G   A 14 ? 0.1380 0.3444 0.2233 -0.0321 -0.0791 -0.0030 43  G   U N2    
430 N N3    . G   A 14 ? 0.1160 0.3202 0.1855 -0.0416 -0.0500 -0.0129 43  G   U N3    
431 C C4    . G   A 14 ? 0.1368 0.2888 0.1647 -0.0427 -0.0638 -0.0220 43  G   U C4    
443 P P     . A   A 15 ? 0.1799 0.2586 0.2587 -0.0454 -0.1159 -0.0084 44  A   U P     
444 O OP1   . A   A 15 ? 0.2237 0.2855 0.2984 -0.0807 -0.1219 -0.0173 44  A   U OP1   
445 O OP2   . A   A 15 ? 0.1793 0.2380 0.3336 -0.0077 -0.1326 -0.0029 44  A   U OP2   
446 O "O5'" . A   A 15 ? 0.2213 0.2233 0.2311 -0.0600 -0.1120 0.0061  44  A   U "O5'" 
447 C "C5'" . A   A 15 ? 0.2064 0.2270 0.2186 -0.0472 -0.1119 0.0064  44  A   U "C5'" 
448 C "C4'" . A   A 15 ? 0.1748 0.2052 0.2045 -0.0449 -0.0973 0.0215  44  A   U "C4'" 
449 O "O4'" . A   A 15 ? 0.2233 0.2147 0.2179 -0.0515 -0.1265 0.0312  44  A   U "O4'" 
450 C "C3'" . A   A 15 ? 0.1628 0.1971 0.1904 -0.0353 -0.0978 0.0094  44  A   U "C3'" 
451 O "O3'" . A   A 15 ? 0.1612 0.2036 0.1728 -0.0516 -0.0778 -0.0010 44  A   U "O3'" 
452 C "C2'" . A   A 15 ? 0.2006 0.2481 0.1966 -0.0382 -0.1142 0.0102  44  A   U "C2'" 
453 O "O2'" . A   A 15 ? 0.1957 0.3096 0.2104 -0.0369 -0.1133 0.0236  44  A   U "O2'" 
454 C "C1'" . A   A 15 ? 0.1980 0.2404 0.1963 -0.0451 -0.1114 0.0096  44  A   U "C1'" 
455 N N9    . A   A 15 ? 0.2037 0.2314 0.2309 -0.0555 -0.1184 0.0061  44  A   U N9    
456 C C8    . A   A 15 ? 0.2080 0.2463 0.2309 -0.0444 -0.1228 -0.0063 44  A   U C8    
457 N N7    . A   A 15 ? 0.2057 0.2253 0.2525 -0.0425 -0.1287 0.0050  44  A   U N7    
458 C C5    . A   A 15 ? 0.1948 0.2314 0.2334 -0.0373 -0.1221 0.0062  44  A   U C5    
459 C C6    . A   A 15 ? 0.1690 0.2396 0.2139 -0.0187 -0.1112 0.0012  44  A   U C6    
460 N N6    . A   A 15 ? 0.2312 0.2115 0.2346 -0.0444 -0.1356 0.0268  44  A   U N6    
461 N N1    . A   A 15 ? 0.1650 0.2248 0.2472 -0.0202 -0.1140 -0.0077 44  A   U N1    
462 C C2    . A   A 15 ? 0.1832 0.2636 0.2151 -0.0279 -0.1151 -0.0047 44  A   U C2    
463 N N3    . A   A 15 ? 0.1999 0.2418 0.2405 -0.0670 -0.1137 0.0075  44  A   U N3    
464 C C4    . A   A 15 ? 0.1885 0.2493 0.2327 -0.0493 -0.1158 0.0100  44  A   U C4    
476 P P     . A   A 16 ? 0.1679 0.2036 0.2115 -0.0584 -0.0768 -0.0093 45  A   U P     
477 O OP1   . A   A 16 ? 0.2174 0.1893 0.2585 -0.0817 -0.1036 0.0053  45  A   U OP1   
478 O OP2   . A   A 16 ? 0.1511 0.1995 0.2232 -0.0409 -0.0735 -0.0118 45  A   U OP2   
479 O "O5'" . A   A 16 ? 0.1640 0.2067 0.1982 -0.0163 -0.0587 -0.0152 45  A   U "O5'" 
480 C "C5'" . A   A 16 ? 0.2091 0.1784 0.2037 -0.0285 -0.0621 0.0057  45  A   U "C5'" 
481 C "C4'" . A   A 16 ? 0.2120 0.1588 0.2264 -0.0409 -0.0829 0.0343  45  A   U "C4'" 
482 O "O4'" . A   A 16 ? 0.2043 0.1906 0.2160 -0.0397 -0.0810 0.0149  45  A   U "O4'" 
483 C "C3'" . A   A 16 ? 0.2324 0.1844 0.2290 -0.0388 -0.1017 0.0218  45  A   U "C3'" 
484 O "O3'" . A   A 16 ? 0.2825 0.2021 0.1898 -0.0459 -0.1121 -0.0209 45  A   U "O3'" 
485 C "C2'" . A   A 16 ? 0.2107 0.1806 0.2023 -0.0094 -0.0694 -0.0024 45  A   U "C2'" 
486 O "O2'" . A   A 16 ? 0.2125 0.2383 0.2040 0.0083  -0.0588 0.0011  45  A   U "O2'" 
487 C "C1'" . A   A 16 ? 0.1910 0.1917 0.1882 -0.0149 -0.0645 -0.0037 45  A   U "C1'" 
488 N N9    . A   A 16 ? 0.1640 0.1488 0.1911 -0.0210 -0.0759 0.0096  45  A   U N9    
489 C C8    . A   A 16 ? 0.1658 0.1592 0.1959 -0.0347 -0.0944 0.0099  45  A   U C8    
490 N N7    . A   A 16 ? 0.1475 0.1527 0.2189 -0.0442 -0.0849 0.0077  45  A   U N7    
491 C C5    . A   A 16 ? 0.1239 0.1846 0.1937 -0.0183 -0.0869 0.0036  45  A   U C5    
492 C C6    . A   A 16 ? 0.1053 0.1906 0.2150 -0.0247 -0.0743 -0.0042 45  A   U C6    
493 N N6    . A   A 16 ? 0.1406 0.1814 0.2285 -0.0338 -0.0915 -0.0125 45  A   U N6    
494 N N1    . A   A 16 ? 0.0989 0.1933 0.1979 -0.0200 -0.0711 -0.0017 45  A   U N1    
495 C C2    . A   A 16 ? 0.1331 0.2269 0.2083 -0.0424 -0.0809 0.0184  45  A   U C2    
496 N N3    . A   A 16 ? 0.1304 0.2192 0.2017 -0.0430 -0.0834 0.0197  45  A   U N3    
497 C C4    . A   A 16 ? 0.1137 0.1738 0.1782 -0.0176 -0.0673 0.0074  45  A   U C4    
509 P P     . C   A 17 ? 0.2889 0.2577 0.2143 -0.0812 -0.1178 -0.0074 46  C   U P     
510 O OP1   . C   A 17 ? 0.3584 0.2525 0.2616 -0.1031 -0.1415 -0.0068 46  C   U OP1   
511 O OP2   . C   A 17 ? 0.2351 0.3258 0.2144 -0.0896 -0.1058 -0.0023 46  C   U OP2   
512 O "O5'" . C   A 17 ? 0.2689 0.2134 0.1707 -0.0391 -0.0996 -0.0104 46  C   U "O5'" 
513 C "C5'" . C   A 17 ? 0.2621 0.1809 0.1704 -0.0466 -0.1017 -0.0125 46  C   U "C5'" 
514 C "C4'" . C   A 17 ? 0.2406 0.1834 0.1730 -0.0161 -0.1086 -0.0160 46  C   U "C4'" 
515 O "O4'" . C   A 17 ? 0.2192 0.2053 0.1616 -0.0022 -0.1077 -0.0201 46  C   U "O4'" 
516 C "C3'" . C   A 17 ? 0.2477 0.1817 0.1430 -0.0158 -0.0979 -0.0237 46  C   U "C3'" 
517 O "O3'" . C   A 17 ? 0.2840 0.1848 0.2092 -0.0086 -0.1366 -0.0262 46  C   U "O3'" 
518 C "C2'" . C   A 17 ? 0.2195 0.2213 0.1156 0.0009  -0.0854 -0.0100 46  C   U "C2'" 
519 O "O2'" . C   A 17 ? 0.2402 0.2231 0.1529 0.0112  -0.0793 -0.0039 46  C   U "O2'" 
520 C "C1'" . C   A 17 ? 0.1966 0.2086 0.1275 -0.0015 -0.0897 -0.0148 46  C   U "C1'" 
521 N N1    . C   A 17 ? 0.1838 0.1803 0.1369 -0.0089 -0.0903 -0.0019 46  C   U N1    
522 C C2    . C   A 17 ? 0.1601 0.1696 0.1788 -0.0040 -0.0893 -0.0009 46  C   U C2    
523 O O2    . C   A 17 ? 0.1825 0.1575 0.1947 -0.0025 -0.0784 -0.0181 46  C   U O2    
524 N N3    . C   A 17 ? 0.1247 0.1863 0.1474 -0.0178 -0.0735 -0.0141 46  C   U N3    
525 C C4    . C   A 17 ? 0.1272 0.1953 0.1420 -0.0253 -0.0692 -0.0191 46  C   U C4    
526 N N4    . C   A 17 ? 0.1143 0.2087 0.1482 -0.0412 -0.0601 -0.0182 46  C   U N4    
527 C C5    . C   A 17 ? 0.1445 0.1854 0.1497 -0.0213 -0.0673 -0.0354 46  C   U C5    
528 C C6    . C   A 17 ? 0.1583 0.1772 0.1220 -0.0081 -0.0664 -0.0284 46  C   U C6    
540 P P     . A   A 18 ? 0.3034 0.2327 0.2745 -0.0348 -0.1632 -0.0188 47  A   U P     
541 O OP1   . A   A 18 ? 0.3588 0.2573 0.3137 -0.0294 -0.1898 -0.0284 47  A   U OP1   
542 O OP2   . A   A 18 ? 0.3238 0.2201 0.4010 -0.0525 -0.2079 0.0348  47  A   U OP2   
543 O "O5'" . A   A 18 ? 0.2246 0.2405 0.2407 -0.0385 -0.1295 -0.0132 47  A   U "O5'" 
544 C "C5'" . A   A 18 ? 0.2146 0.2256 0.2313 -0.0353 -0.1223 0.0151  47  A   U "C5'" 
545 C "C4'" . A   A 18 ? 0.1379 0.2338 0.1979 -0.0094 -0.0571 0.0084  47  A   U "C4'" 
546 O "O4'" . A   A 18 ? 0.1350 0.2460 0.1578 -0.0201 -0.0361 -0.0120 47  A   U "O4'" 
547 C "C3'" . A   A 18 ? 0.1294 0.2639 0.1822 0.0037  -0.0549 0.0190  47  A   U "C3'" 
548 O "O3'" . A   A 18 ? 0.1525 0.2670 0.1807 0.0043  -0.0669 0.0502  47  A   U "O3'" 
549 C "C2'" . A   A 18 ? 0.1377 0.2265 0.1954 -0.0002 -0.0580 0.0336  47  A   U "C2'" 
550 O "O2'" . A   A 18 ? 0.1575 0.2308 0.2150 -0.0122 -0.0343 0.0254  47  A   U "O2'" 
551 C "C1'" . A   A 18 ? 0.1399 0.2396 0.1766 -0.0127 -0.0620 0.0255  47  A   U "C1'" 
552 N N9    . A   A 18 ? 0.1305 0.2289 0.1878 -0.0309 -0.0446 0.0153  47  A   U N9    
553 C C8    . A   A 18 ? 0.1368 0.2278 0.2329 -0.0383 -0.0664 0.0183  47  A   U C8    
554 N N7    . A   A 18 ? 0.1268 0.2077 0.2315 -0.0387 -0.0796 -0.0083 47  A   U N7    
555 C C5    . A   A 18 ? 0.1088 0.2197 0.1989 -0.0142 -0.0674 -0.0111 47  A   U C5    
556 C C6    . A   A 18 ? 0.1130 0.2578 0.2086 -0.0210 -0.0646 -0.0013 47  A   U C6    
557 N N6    . A   A 18 ? 0.1382 0.2603 0.1952 -0.0190 -0.0732 0.0005  47  A   U N6    
558 N N1    . A   A 18 ? 0.1241 0.2230 0.1965 -0.0292 -0.0695 -0.0143 47  A   U N1    
559 C C2    . A   A 18 ? 0.1000 0.2175 0.2093 -0.0248 -0.0708 0.0019  47  A   U C2    
560 N N3    . A   A 18 ? 0.0971 0.2225 0.1913 -0.0077 -0.0702 0.0104  47  A   U N3    
561 C C4    . A   A 18 ? 0.1162 0.2351 0.2024 -0.0296 -0.0705 0.0126  47  A   U C4    
574 O O     . HOH B .  ? 0.3114 0.5571 0.4039 -0.0306 0.0270  0.0502  101 HOH U O     
575 O O     . HOH B .  ? 0.3933 0.4368 0.9270 0.0388  -0.2374 0.1332  102 HOH U O     
576 O O     . HOH B .  ? 0.2251 0.5952 0.4904 -0.1067 0.1068  -0.0995 103 HOH U O     
577 O O     . HOH B .  ? 0.4938 0.3651 0.3639 0.1829  -0.0365 -0.0449 104 HOH U O     
578 O O     . HOH B .  ? 0.2352 0.5174 0.4851 0.0323  -0.0582 0.1866  105 HOH U O     
579 O O     . HOH B .  ? 0.3043 0.4166 0.2761 0.0906  -0.0309 0.0690  106 HOH U O     
580 O O     . HOH B .  ? 0.2824 0.5729 0.3439 0.1293  -0.0836 -0.0863 107 HOH U O     
581 O O     . HOH B .  ? 0.2038 0.4438 0.2879 0.0136  -0.0070 0.0474  108 HOH U O     
582 O O     . HOH B .  ? 0.3937 0.4360 0.3743 -0.1869 -0.1121 -0.0447 109 HOH U O     
583 O O     . HOH B .  ? 1.0382 0.4275 0.3639 -0.2983 0.0312  -0.0482 110 HOH U O     
584 O O     . HOH B .  ? 0.2196 0.5140 0.3902 -0.1052 -0.0970 0.1912  111 HOH U O     
585 O O     . HOH B .  ? 0.3121 0.3203 0.5771 -0.1257 0.1013  -0.1765 112 HOH U O     
586 O O     . HOH B .  ? 0.4436 0.5345 0.4209 -0.1591 -0.2174 0.0157  113 HOH U O     
587 O O     . HOH B .  ? 0.3689 0.9651 0.5149 0.0855  0.0968  0.2066  114 HOH U O     
588 O O     . HOH B .  ? 0.3073 0.4123 0.3594 0.1328  0.0431  0.0103  115 HOH U O     
589 O O     . HOH B .  ? 0.6812 0.6127 0.3883 0.1815  -0.2174 -0.1835 116 HOH U O     
590 O O     . HOH B .  ? 0.2482 0.5936 0.3831 -0.1207 -0.0214 -0.0226 117 HOH U O     
591 O O     . HOH B .  ? 0.3093 0.5996 0.8262 0.0111  -0.0420 0.3810  118 HOH U O     
592 O O     . HOH B .  ? 0.3699 0.8189 0.4742 0.2465  0.0568  0.2112  119 HOH U O     
593 O O     . HOH B .  ? 0.1882 0.3081 0.2926 -0.1310 -0.0397 0.0185  120 HOH U O     
594 O O     . HOH B .  ? 0.1540 0.4927 0.2884 -0.0029 -0.0639 -0.0559 121 HOH U O     
595 O O     . HOH B .  ? 0.1682 0.2063 0.1866 -0.0421 -0.0646 -0.0316 122 HOH U O     
596 O O     . HOH B .  ? 0.9403 0.3022 0.4018 -0.1761 -0.0696 0.0524  123 HOH U O     
597 O O     . HOH B .  ? 0.2471 0.4436 0.7357 -0.0318 -0.0013 0.2185  124 HOH U O     
598 O O     . HOH B .  ? 0.2311 0.5057 0.4407 -0.0612 -0.1231 0.0538  125 HOH U O     
599 O O     . HOH B .  ? 0.2238 0.2770 0.4192 0.0043  -0.1213 -0.0934 126 HOH U O     
600 O O     . HOH B .  ? 0.2774 0.5304 0.5040 -0.1018 -0.1553 -0.0886 127 HOH U O     
601 O O     . HOH B .  ? 0.2322 0.3154 0.3136 -0.0293 -0.1029 -0.0766 128 HOH U O     
602 O O     . HOH B .  ? 0.6040 0.7555 0.3961 -0.2727 -0.1495 -0.0566 129 HOH U O     
603 O O     . HOH B .  ? 0.3105 0.2972 0.6461 0.0297  -0.2243 -0.0969 130 HOH U O     
604 O O     . HOH B .  ? 0.4519 0.7693 0.3671 -0.1314 -0.1212 0.1082  131 HOH U O     
605 O O     . HOH B .  ? 0.2484 0.5027 0.7112 -0.1074 -0.1193 0.0111  132 HOH U O     
606 O O     . HOH B .  ? 0.2497 0.7638 0.4635 0.0951  0.0145  0.2387  133 HOH U O     
607 O O     . HOH B .  ? 0.3161 0.4828 0.3201 0.0504  -0.0321 0.1178  134 HOH U O     
608 O O     . HOH B .  ? 0.1705 0.3384 0.5430 -0.0194 -0.0179 0.1930  135 HOH U O     
609 O O     . HOH B .  ? 0.4648 0.3276 0.3885 0.1132  -0.2231 -0.1188 136 HOH U O     
610 O O     . HOH B .  ? 0.4118 0.6190 0.4682 0.0001  0.1126  -0.1526 137 HOH U O     
611 O O     . HOH B .  ? 0.1660 0.4114 0.2501 0.0215  -0.0471 -0.0031 138 HOH U O     
612 O O     . HOH B .  ? 0.3923 0.2587 0.5487 -0.0882 -0.2628 0.1144  139 HOH U O     
613 O O     . HOH B .  ? 0.1866 0.3082 0.2090 -0.0367 -0.0381 -0.0250 140 HOH U O     
614 O O     . HOH B .  ? 0.2710 0.3470 0.4110 0.0332  -0.1222 0.0426  141 HOH U O     
615 O O     . HOH B .  ? 0.5780 0.4354 0.2478 0.2498  -0.0032 0.0478  142 HOH U O     
616 O O     . HOH B .  ? 0.2789 0.2967 0.1860 0.0156  0.0124  -0.0065 143 HOH U O     
617 O O     . HOH B .  ? 0.2558 0.3109 0.3106 -0.0521 0.0101  -0.0498 144 HOH U O     
618 O O     . HOH B .  ? 0.1464 0.3032 0.3817 -0.0842 -0.0444 0.0569  145 HOH U O     
619 O O     . HOH B .  ? 0.2117 0.5181 0.3270 0.1195  -0.0228 -0.0374 146 HOH U O     
620 O O     . HOH B .  ? 0.5966 0.4454 0.4852 0.0600  -0.0774 -0.0965 147 HOH U O     
621 O O     . HOH B .  ? 0.2485 0.4239 0.6640 -0.0255 -0.0542 -0.1739 148 HOH U O     
622 O O     . HOH B .  ? 0.2891 0.3357 0.4893 -0.0403 -0.1766 -0.0879 149 HOH U O     
623 O O     . HOH B .  ? 0.3067 0.8005 0.5208 -0.0439 0.0543  -0.0392 150 HOH U O     
624 O O     . HOH B .  ? 0.3256 0.8117 0.5305 0.0062  0.1754  0.1315  151 HOH U O     
625 O O     . HOH B .  ? 0.2498 0.3270 0.2432 -0.0172 -0.0571 -0.0381 152 HOH U O     
626 O O     . HOH B .  ? 0.1584 0.2878 0.3145 -0.0238 -0.0417 -0.0549 153 HOH U O     
627 O O     . HOH B .  ? 0.4358 0.4614 0.5998 -0.1085 -0.2786 0.0300  154 HOH U O     
628 O O     . HOH B .  ? 0.5953 0.4618 0.3942 0.0574  -0.0640 -0.1468 155 HOH U O     
629 O O     . HOH B .  ? 0.2231 0.2137 0.2970 -0.0672 -0.0906 0.0103  156 HOH U O     
630 O O     . HOH B .  ? 0.3659 0.6244 0.5207 -0.1022 -0.2215 0.1496  157 HOH U O     
631 O O     . HOH B .  ? 0.2787 0.3947 0.3022 -0.1764 -0.0248 -0.0166 158 HOH U O     
632 O O     . HOH B .  ? 0.0819 0.3113 0.1785 -0.0089 0.0094  -0.0408 159 HOH U O     
633 O O     . HOH B .  ? 0.3641 0.9386 0.4729 0.1089  0.0116  -0.1483 160 HOH U O     
634 O O     . HOH B .  ? 0.2706 0.3109 0.3354 0.0185  -0.0664 0.0102  161 HOH U O     
635 O O     . HOH B .  ? 0.2968 0.5077 0.7602 -0.1214 0.1221  -0.2602 162 HOH U O     
636 O O     . HOH B .  ? 0.3854 0.4851 0.3929 -0.1813 -0.0456 -0.1545 163 HOH U O     
637 O O     . HOH B .  ? 0.5382 0.3757 0.4329 0.0518  -0.1070 -0.1462 164 HOH U O     
638 O O     . HOH B .  ? 0.2501 0.3035 0.4038 -0.0631 -0.1486 0.0464  165 HOH U O     
639 O O     . HOH B .  ? 0.2954 0.4363 0.3007 0.0111  0.0010  -0.0494 166 HOH U O     
640 O O     . HOH B .  ? 0.2734 0.4997 0.8195 0.0077  0.0203  -0.2239 167 HOH U O     
641 O O     . HOH B .  ? 0.1071 0.1269 0.3179 0.0007  -0.0661 0.0331  168 HOH U O     
642 O O     . HOH B .  ? 0.3926 0.4518 0.7241 0.2140  0.0404  0.1177  169 HOH U O     
643 O O     . HOH B .  ? 0.7222 0.3185 0.6072 0.1655  0.0618  0.1647  170 HOH U O     
644 O O     . HOH B .  ? 0.8606 0.3892 0.3478 0.1585  -0.2403 -0.0444 171 HOH U O     
645 O O     . HOH B .  ? 0.3503 0.5749 0.7049 -0.2145 -0.1280 -0.0208 172 HOH U O     
646 O O     . HOH B .  ? 0.1425 0.3427 0.1845 0.0197  -0.0190 -0.0201 173 HOH U O     
647 O O     . HOH B .  ? 0.2864 0.2816 0.5881 0.0002  -0.1150 -0.0203 174 HOH U O     
648 O O     . HOH B .  ? 0.2051 0.4282 0.3643 -0.0463 -0.1211 -0.0737 175 HOH U O     
649 O O     . HOH B .  ? 0.3287 0.3693 0.3720 -0.0042 0.0160  0.1078  176 HOH U O     
650 O O     . HOH B .  ? 0.2736 0.2216 0.3926 -0.0119 -0.0500 -0.0225 177 HOH U O     
651 O O     . HOH B .  ? 0.2578 0.6064 0.4828 -0.0149 0.0483  0.0717  178 HOH U O     
652 O O     . HOH B .  ? 0.0604 0.1951 0.2271 0.0109  -0.0189 -0.0039 179 HOH U O     
653 O O     . HOH B .  ? 0.2874 0.8438 0.5811 -0.0503 -0.0514 0.3686  180 HOH U O     
654 O O     . HOH B .  ? 0.6973 0.4168 0.4829 0.2137  0.0395  -0.0094 181 HOH U O     
655 O O     . HOH B .  ? 0.2766 0.5389 0.2545 -0.0911 -0.0302 0.0442  182 HOH U O     
656 O O     . HOH B .  ? 0.2472 0.3268 0.5251 -0.0236 -0.1261 0.0222  183 HOH U O     
657 O O     . HOH B .  ? 0.4679 1.0423 0.3044 -0.0706 -0.0901 -0.0063 184 HOH U O     
658 O O     . HOH B .  ? 0.3984 0.8457 0.4801 -0.2057 -0.0454 -0.2034 185 HOH U O     
659 O O     . HOH B .  ? 0.5578 0.4017 0.3162 -0.1839 -0.0764 0.0938  186 HOH U O     
660 O O     . HOH B .  ? 0.6315 0.6271 0.4831 -0.0570 -0.2898 -0.1237 187 HOH U O     
661 O O     . HOH B .  ? 0.3386 0.4039 0.3324 0.0144  0.0018  -0.0045 188 HOH U O     
662 O O     . HOH B .  ? 0.2496 0.7559 0.3742 0.1039  -0.0837 -0.0248 189 HOH U O     
663 O O     . HOH B .  ? 0.3763 0.8351 0.4155 -0.0256 -0.0126 -0.1368 190 HOH U O     
664 O O     . HOH B .  ? 0.5741 0.4494 0.7876 -0.2322 -0.0155 0.1961  191 HOH U O     
665 O O     . HOH B .  ? 0.6131 0.4241 0.4253 -0.0187 -0.0255 0.0012  192 HOH U O     
666 O O     . HOH B .  ? 0.2962 0.5508 0.6046 -0.1455 -0.1666 0.0918  193 HOH U O     
667 O O     . HOH B .  ? 0.4278 0.5464 0.5466 -0.1235 -0.0158 -0.1830 194 HOH U O     
668 O O     . HOH B .  ? 0.4667 1.0470 0.5346 0.2743  -0.1187 -0.3626 195 HOH U O     
669 O O     . HOH B .  ? 0.6407 0.5021 0.6275 -0.1161 0.0220  0.1647  196 HOH U O     
670 O O     . HOH B .  ? 0.2070 0.3605 0.2786 -0.0343 -0.0515 0.0353  197 HOH U O     
671 O O     . HOH B .  ? 0.5849 0.6812 0.5099 0.2131  -0.2853 -0.1445 198 HOH U O     
672 O O     . HOH B .  ? 0.3705 0.7019 0.4698 -0.1126 -0.2109 0.0244  199 HOH U O     
673 O O     . HOH B .  ? 0.3461 0.5704 0.5026 -0.2315 -0.0526 0.1404  200 HOH U O     
674 O O     . HOH B .  ? 0.4178 0.6447 0.6118 0.0911  -0.0803 -0.1062 201 HOH U O     
675 O O     . HOH B .  ? 0.8021 0.4243 0.3205 0.1434  0.0564  0.0062  202 HOH U O     
676 O O     . HOH B .  ? 0.1606 0.4129 0.1991 0.0004  -0.0732 -0.0201 203 HOH U O     
677 O O     . HOH B .  ? 0.6764 0.5688 0.4313 0.0932  -0.0086 -0.2247 204 HOH U O     
678 O O     . HOH B .  ? 0.3018 0.3668 0.4566 -0.1157 -0.1658 -0.0177 205 HOH U O     
679 O O     . HOH B .  ? 0.3071 0.6562 0.5624 -0.0540 -0.1410 0.2485  206 HOH U O     
680 O O     . HOH B .  ? 0.3357 0.7498 0.2983 -0.0365 -0.1144 -0.0702 207 HOH U O     
681 O O     . HOH B .  ? 0.4466 0.6761 0.3822 0.0634  -0.0785 -0.0617 208 HOH U O     
682 O O     . HOH B .  ? 0.3506 0.5124 0.6822 -0.1259 0.0112  -0.2291 209 HOH U O     
683 O O     . HOH B .  ? 0.3234 0.8176 0.3081 -0.0431 -0.0876 -0.1021 210 HOH U O     
# 
